data_8ZKV
#
_entry.id   8ZKV
#
_cell.length_a   147.567
_cell.length_b   83.808
_cell.length_c   143.245
_cell.angle_alpha   90.00
_cell.angle_beta   112.51
_cell.angle_gamma   90.00
#
_symmetry.space_group_name_H-M   'C 1 2 1'
#
loop_
_entity.id
_entity.type
_entity.pdbx_description
1 polymer 'L-threonine dehydratase biosynthetic IlvA'
2 non-polymer 'SULFATE ION'
3 non-polymer GLYCEROL
4 water water
#
_entity_poly.entity_id   1
_entity_poly.type   'polypeptide(L)'
_entity_poly.pdbx_seq_one_letter_code
;SGAPEGAEYLRAVLRAPVYEAAQVTPLQKMEKLSSRLDNVILVKREDRQPVHSF(LLP)LRGAYAMMAGLTEEQKAHGVI
TASAGNHAQGVAFSSARLGVKALIVMPTATADIKVDAVRGFGGEVLLHGANFDEAKAKAIELSQQQGFTWVPPFDHPTVI
AGQGTLALELLQQDAHLDRVFVPVGGGGLAAGVAVLIKQLMPQIKVIAVEAEDSACLKAALDAGHPVDLPRVGLFAEGVA
VKRIGDETFRLCQEYLDDIITVDSDAICAAVKDLFEDVRAVAEPSGALALAGMKKYIAQHNIRGERLAHILSGANVNFLG
LRYVLERCELLELE
;
_entity_poly.pdbx_strand_id   A,B,C,D
#
loop_
_chem_comp.id
_chem_comp.type
_chem_comp.name
_chem_comp.formula
GOL non-polymer GLYCEROL 'C3 H8 O3'
SO4 non-polymer 'SULFATE ION' 'O4 S -2'
#
# COMPACT_ATOMS: atom_id res chain seq x y z
N ALA A 3 33.52 3.61 -22.56
CA ALA A 3 33.30 5.04 -22.41
C ALA A 3 32.12 5.54 -23.26
N PRO A 4 30.90 5.22 -22.84
CA PRO A 4 29.73 5.65 -23.60
C PRO A 4 29.52 7.16 -23.50
N GLU A 5 28.74 7.68 -24.45
CA GLU A 5 28.37 9.08 -24.51
C GLU A 5 27.11 9.33 -23.67
N GLY A 6 26.83 10.62 -23.44
CA GLY A 6 25.67 10.98 -22.63
C GLY A 6 24.37 10.37 -23.12
N ALA A 7 24.15 10.35 -24.44
CA ALA A 7 22.93 9.75 -24.96
C ALA A 7 22.87 8.26 -24.67
N GLU A 8 24.01 7.57 -24.70
CA GLU A 8 23.99 6.14 -24.46
C GLU A 8 23.70 5.83 -23.00
N TYR A 9 24.25 6.63 -22.09
CA TYR A 9 23.94 6.45 -20.67
C TYR A 9 22.47 6.65 -20.39
N LEU A 10 21.85 7.64 -21.07
CA LEU A 10 20.42 7.86 -20.91
C LEU A 10 19.64 6.60 -21.24
N ARG A 11 19.93 5.99 -22.38
CA ARG A 11 19.23 4.77 -22.74
C ARG A 11 19.57 3.63 -21.78
N ALA A 12 20.79 3.64 -21.22
CA ALA A 12 21.12 2.65 -20.20
C ALA A 12 20.25 2.83 -18.95
N VAL A 13 20.09 4.08 -18.48
CA VAL A 13 19.29 4.34 -17.29
C VAL A 13 17.86 3.86 -17.49
N LEU A 14 17.30 4.07 -18.69
CA LEU A 14 15.95 3.58 -18.97
C LEU A 14 15.88 2.05 -19.02
N ARG A 15 16.96 1.39 -19.46
CA ARG A 15 16.96 -0.06 -19.61
C ARG A 15 17.34 -0.80 -18.33
N ALA A 16 17.93 -0.11 -17.35
CA ALA A 16 18.26 -0.72 -16.07
C ALA A 16 17.02 -1.27 -15.38
N PRO A 17 16.95 -2.58 -15.14
CA PRO A 17 15.75 -3.22 -14.58
C PRO A 17 15.66 -3.11 -13.05
N VAL A 18 16.01 -1.94 -12.52
CA VAL A 18 16.18 -1.78 -11.08
C VAL A 18 14.89 -2.08 -10.33
N TYR A 19 13.72 -1.87 -10.95
CA TYR A 19 12.44 -2.00 -10.24
C TYR A 19 12.01 -3.44 -10.05
N GLU A 20 12.86 -4.41 -10.40
CA GLU A 20 12.69 -5.79 -10.01
C GLU A 20 13.22 -6.10 -8.62
N ALA A 21 13.99 -5.17 -8.03
CA ALA A 21 14.53 -5.36 -6.68
C ALA A 21 14.41 -4.07 -5.87
N ALA A 22 14.75 -2.93 -6.49
CA ALA A 22 14.63 -1.65 -5.82
C ALA A 22 13.25 -1.03 -6.07
N GLN A 23 12.90 -0.02 -5.27
CA GLN A 23 11.63 0.67 -5.43
C GLN A 23 11.86 2.18 -5.54
N VAL A 24 10.83 2.87 -6.03
CA VAL A 24 10.84 4.32 -6.12
C VAL A 24 10.73 4.90 -4.71
N THR A 25 11.70 5.67 -4.33
CA THR A 25 11.72 6.13 -2.94
C THR A 25 11.10 7.51 -2.79
N PRO A 26 10.55 7.83 -1.62
CA PRO A 26 9.95 9.15 -1.43
C PRO A 26 10.96 10.29 -1.58
N LEU A 27 10.47 11.41 -2.14
CA LEU A 27 11.13 12.71 -2.07
C LEU A 27 10.32 13.56 -1.07
N GLN A 28 10.88 13.76 0.13
CA GLN A 28 10.17 14.39 1.23
C GLN A 28 10.74 15.78 1.52
N LYS A 29 9.85 16.72 1.81
CA LYS A 29 10.27 18.03 2.27
C LYS A 29 10.65 17.96 3.75
N MET A 30 11.79 18.57 4.09
CA MET A 30 12.16 18.76 5.49
C MET A 30 11.52 20.07 5.97
N GLU A 31 10.50 19.95 6.83
CA GLU A 31 9.70 21.12 7.19
C GLU A 31 10.47 22.07 8.10
N LYS A 32 11.07 21.54 9.17
CA LYS A 32 11.77 22.40 10.11
C LYS A 32 12.99 23.05 9.45
N LEU A 33 13.76 22.27 8.70
CA LEU A 33 14.95 22.82 8.06
C LEU A 33 14.60 23.76 6.90
N SER A 34 13.44 23.56 6.27
CA SER A 34 13.05 24.48 5.20
C SER A 34 12.66 25.84 5.75
N SER A 35 12.01 25.89 6.91
CA SER A 35 11.70 27.16 7.53
C SER A 35 12.96 27.86 8.03
N ARG A 36 13.87 27.12 8.66
CA ARG A 36 15.05 27.73 9.25
C ARG A 36 15.99 28.31 8.21
N LEU A 37 16.08 27.69 7.03
CA LEU A 37 17.05 28.08 6.02
C LEU A 37 16.44 28.80 4.82
N ASP A 38 15.14 29.09 4.86
CA ASP A 38 14.47 29.87 3.81
C ASP A 38 14.64 29.25 2.41
N ASN A 39 14.64 27.91 2.35
CA ASN A 39 14.59 27.19 1.09
C ASN A 39 13.70 25.96 1.25
N VAL A 40 13.11 25.53 0.15
CA VAL A 40 12.41 24.24 0.15
C VAL A 40 13.49 23.16 0.01
N ILE A 41 13.72 22.42 1.08
CA ILE A 41 14.76 21.41 1.18
C ILE A 41 14.09 20.05 1.15
N LEU A 42 14.35 19.28 0.10
CA LEU A 42 13.79 17.96 -0.08
C LEU A 42 14.88 16.91 0.08
N VAL A 43 14.51 15.77 0.68
CA VAL A 43 15.43 14.65 0.89
C VAL A 43 14.92 13.45 0.09
N LYS A 44 15.80 12.83 -0.67
CA LYS A 44 15.50 11.60 -1.39
C LYS A 44 15.85 10.43 -0.47
N ARG A 45 14.82 9.65 -0.08
CA ARG A 45 14.96 8.67 1.02
C ARG A 45 15.41 7.30 0.50
N GLU A 46 16.69 7.23 0.13
CA GLU A 46 17.21 5.95 -0.32
C GLU A 46 17.41 4.96 0.82
N ASP A 47 17.30 5.39 2.08
CA ASP A 47 17.29 4.47 3.21
C ASP A 47 16.06 3.57 3.23
N ARG A 48 15.03 3.89 2.44
CA ARG A 48 13.82 3.08 2.35
C ARG A 48 13.92 1.96 1.33
N GLN A 49 15.06 1.80 0.67
CA GLN A 49 15.26 0.63 -0.17
C GLN A 49 15.34 -0.62 0.71
N PRO A 50 15.02 -1.80 0.14
CA PRO A 50 15.01 -3.02 0.97
C PRO A 50 16.28 -3.25 1.76
N VAL A 51 17.43 -2.80 1.23
CA VAL A 51 18.72 -2.90 1.93
C VAL A 51 19.13 -1.60 2.59
N HIS A 52 18.29 -0.57 2.55
CA HIS A 52 18.47 0.67 3.31
C HIS A 52 19.65 1.50 2.79
N SER A 53 19.98 1.33 1.51
CA SER A 53 20.90 2.21 0.82
C SER A 53 20.58 2.13 -0.66
N PHE A 54 21.06 3.13 -1.40
CA PHE A 54 20.82 3.19 -2.84
C PHE A 54 21.53 2.09 -3.61
N1 LLP A 55 26.53 6.96 0.74
C2 LLP A 55 26.44 5.74 1.28
C2' LLP A 55 25.44 5.51 2.46
C3 LLP A 55 27.24 4.68 0.77
O3 LLP A 55 27.12 3.40 1.33
C4 LLP A 55 28.11 4.92 -0.28
C4' LLP A 55 28.99 3.69 -0.83
C5 LLP A 55 28.22 6.17 -0.83
C6 LLP A 55 27.42 7.21 -0.32
C5' LLP A 55 29.19 6.52 -2.01
OP4 LLP A 55 28.75 5.99 -3.24
P LLP A 55 29.69 6.02 -4.45
OP1 LLP A 55 30.80 4.97 -4.26
OP2 LLP A 55 30.30 7.37 -4.61
OP3 LLP A 55 28.88 5.62 -5.65
N LLP A 55 22.50 1.42 -2.98
CA LLP A 55 23.44 0.56 -3.74
CB LLP A 55 24.54 0.08 -2.80
CG LLP A 55 25.32 1.30 -2.31
CD LLP A 55 26.77 0.91 -1.99
CE LLP A 55 27.69 2.14 -2.12
NZ LLP A 55 28.20 2.49 -0.79
C LLP A 55 22.81 -0.63 -4.42
O LLP A 55 23.40 -1.19 -5.33
N LEU A 56 21.62 -1.01 -3.98
CA LEU A 56 20.83 -2.05 -4.62
C LEU A 56 20.50 -1.73 -6.09
N ARG A 57 20.42 -0.44 -6.43
CA ARG A 57 20.15 -0.05 -7.81
C ARG A 57 21.29 -0.47 -8.73
N GLY A 58 22.50 0.00 -8.45
CA GLY A 58 23.64 -0.32 -9.32
C GLY A 58 23.97 -1.81 -9.33
N ALA A 59 23.95 -2.45 -8.16
CA ALA A 59 24.26 -3.87 -8.07
C ALA A 59 23.25 -4.72 -8.83
N TYR A 60 21.95 -4.45 -8.66
CA TYR A 60 20.99 -5.26 -9.40
C TYR A 60 21.10 -5.04 -10.90
N ALA A 61 21.35 -3.80 -11.33
CA ALA A 61 21.39 -3.53 -12.77
C ALA A 61 22.57 -4.24 -13.42
N MET A 62 23.72 -4.23 -12.76
CA MET A 62 24.90 -4.93 -13.28
C MET A 62 24.70 -6.44 -13.27
N MET A 63 24.21 -6.98 -12.14
CA MET A 63 24.07 -8.43 -12.01
C MET A 63 23.00 -8.96 -12.95
N ALA A 64 21.91 -8.22 -13.16
CA ALA A 64 20.91 -8.68 -14.10
C ALA A 64 21.41 -8.64 -15.54
N GLY A 65 22.42 -7.82 -15.84
CA GLY A 65 22.96 -7.73 -17.17
C GLY A 65 24.02 -8.75 -17.50
N LEU A 66 24.35 -9.65 -16.58
CA LEU A 66 25.36 -10.67 -16.84
C LEU A 66 24.78 -11.77 -17.73
N THR A 67 25.67 -12.46 -18.44
CA THR A 67 25.24 -13.56 -19.29
C THR A 67 24.79 -14.74 -18.44
N GLU A 68 24.09 -15.68 -19.08
CA GLU A 68 23.62 -16.85 -18.36
C GLU A 68 24.77 -17.67 -17.80
N GLU A 69 25.88 -17.75 -18.53
CA GLU A 69 27.05 -18.48 -18.03
C GLU A 69 27.66 -17.78 -16.82
N GLN A 70 27.81 -16.45 -16.88
CA GLN A 70 28.33 -15.73 -15.73
C GLN A 70 27.46 -15.93 -14.51
N LYS A 71 26.14 -15.83 -14.68
CA LYS A 71 25.23 -16.03 -13.56
C LYS A 71 25.37 -17.43 -12.98
N ALA A 72 25.58 -18.43 -13.84
CA ALA A 72 25.72 -19.81 -13.38
C ALA A 72 27.00 -20.02 -12.59
N HIS A 73 28.05 -19.25 -12.89
CA HIS A 73 29.30 -19.34 -12.16
C HIS A 73 29.29 -18.54 -10.86
N GLY A 74 28.32 -17.63 -10.69
CA GLY A 74 28.20 -16.84 -9.49
C GLY A 74 28.94 -15.52 -9.55
N VAL A 75 28.77 -14.73 -8.49
CA VAL A 75 29.39 -13.42 -8.38
C VAL A 75 30.13 -13.31 -7.05
N ILE A 76 31.12 -12.43 -7.02
CA ILE A 76 31.92 -12.17 -5.83
C ILE A 76 32.11 -10.68 -5.69
N THR A 77 32.22 -10.22 -4.44
CA THR A 77 32.62 -8.84 -4.20
C THR A 77 33.29 -8.77 -2.83
N ALA A 78 33.86 -7.61 -2.54
CA ALA A 78 34.47 -7.35 -1.24
C ALA A 78 33.86 -6.07 -0.66
N SER A 79 33.25 -6.19 0.52
CA SER A 79 32.58 -5.07 1.15
C SER A 79 32.18 -5.48 2.55
N ALA A 80 32.30 -4.55 3.50
CA ALA A 80 31.83 -4.80 4.86
C ALA A 80 30.49 -4.13 5.15
N GLY A 81 29.91 -3.41 4.19
CA GLY A 81 28.70 -2.69 4.48
C GLY A 81 27.61 -2.75 3.42
N ASN A 82 27.32 -1.60 2.81
CA ASN A 82 26.09 -1.46 2.04
C ASN A 82 26.16 -2.18 0.71
N HIS A 83 27.32 -2.14 0.04
CA HIS A 83 27.46 -2.83 -1.24
C HIS A 83 27.25 -4.32 -1.08
N ALA A 84 27.79 -4.90 0.00
CA ALA A 84 27.59 -6.32 0.28
C ALA A 84 26.12 -6.67 0.36
N GLN A 85 25.32 -5.85 1.06
CA GLN A 85 23.90 -6.14 1.20
C GLN A 85 23.17 -6.01 -0.13
N GLY A 86 23.58 -5.05 -0.97
CA GLY A 86 22.97 -4.93 -2.29
C GLY A 86 23.26 -6.11 -3.18
N VAL A 87 24.53 -6.55 -3.23
CA VAL A 87 24.90 -7.70 -4.03
C VAL A 87 24.20 -8.95 -3.49
N ALA A 88 24.19 -9.13 -2.17
CA ALA A 88 23.48 -10.27 -1.58
C ALA A 88 22.01 -10.27 -1.96
N PHE A 89 21.33 -9.13 -1.81
CA PHE A 89 19.90 -9.07 -2.10
C PHE A 89 19.62 -9.32 -3.58
N SER A 90 20.40 -8.69 -4.47
CA SER A 90 20.23 -8.92 -5.90
C SER A 90 20.40 -10.40 -6.24
N SER A 91 21.39 -11.06 -5.63
CA SER A 91 21.62 -12.47 -5.92
C SER A 91 20.43 -13.32 -5.50
N ALA A 92 19.76 -12.97 -4.41
CA ALA A 92 18.59 -13.73 -3.99
C ALA A 92 17.41 -13.51 -4.93
N ARG A 93 17.31 -12.33 -5.55
CA ARG A 93 16.21 -12.07 -6.46
C ARG A 93 16.47 -12.67 -7.84
N LEU A 94 17.74 -12.79 -8.21
CA LEU A 94 18.13 -13.34 -9.50
C LEU A 94 18.39 -14.83 -9.46
N GLY A 95 18.40 -15.44 -8.27
CA GLY A 95 18.71 -16.85 -8.17
C GLY A 95 20.13 -17.14 -8.62
N VAL A 96 21.07 -16.37 -8.10
CA VAL A 96 22.49 -16.46 -8.44
C VAL A 96 23.27 -16.60 -7.15
N LYS A 97 24.30 -17.44 -7.17
CA LYS A 97 25.17 -17.57 -6.01
C LYS A 97 26.09 -16.36 -5.90
N ALA A 98 26.22 -15.85 -4.67
CA ALA A 98 27.08 -14.69 -4.39
C ALA A 98 27.95 -14.97 -3.18
N LEU A 99 29.26 -14.75 -3.32
CA LEU A 99 30.18 -14.81 -2.20
C LEU A 99 30.65 -13.40 -1.87
N ILE A 100 30.64 -13.05 -0.59
CA ILE A 100 31.08 -11.73 -0.16
C ILE A 100 32.25 -11.89 0.79
N VAL A 101 33.39 -11.28 0.44
CA VAL A 101 34.59 -11.29 1.27
C VAL A 101 34.59 -10.02 2.11
N MET A 102 34.77 -10.19 3.42
CA MET A 102 34.77 -9.12 4.41
C MET A 102 35.98 -9.24 5.32
N PRO A 103 36.53 -8.11 5.79
CA PRO A 103 37.61 -8.17 6.78
C PRO A 103 37.19 -8.98 7.99
N THR A 104 38.17 -9.67 8.59
CA THR A 104 37.87 -10.57 9.70
C THR A 104 37.35 -9.84 10.93
N ALA A 105 37.60 -8.54 11.03
CA ALA A 105 37.16 -7.74 12.17
C ALA A 105 35.76 -7.17 11.99
N THR A 106 35.06 -7.56 10.93
CA THR A 106 33.73 -7.01 10.66
C THR A 106 32.75 -7.40 11.76
N ALA A 107 31.90 -6.45 12.13
CA ALA A 107 30.94 -6.66 13.20
C ALA A 107 29.94 -7.76 12.83
N ASP A 108 29.50 -8.49 13.86
CA ASP A 108 28.59 -9.61 13.64
C ASP A 108 27.29 -9.16 12.98
N ILE A 109 26.74 -8.02 13.40
CA ILE A 109 25.47 -7.59 12.85
C ILE A 109 25.60 -7.27 11.37
N LYS A 110 26.81 -6.90 10.92
CA LYS A 110 27.03 -6.63 9.50
C LYS A 110 27.16 -7.93 8.70
N VAL A 111 27.84 -8.93 9.25
CA VAL A 111 27.89 -10.24 8.61
C VAL A 111 26.50 -10.87 8.56
N ASP A 112 25.72 -10.73 9.64
CA ASP A 112 24.39 -11.36 9.69
C ASP A 112 23.40 -10.68 8.77
N ALA A 113 23.56 -9.37 8.55
CA ALA A 113 22.67 -8.66 7.62
C ALA A 113 22.88 -9.12 6.19
N VAL A 114 24.13 -9.41 5.81
CA VAL A 114 24.40 -9.90 4.46
C VAL A 114 23.93 -11.35 4.31
N ARG A 115 24.16 -12.18 5.33
CA ARG A 115 23.65 -13.55 5.30
C ARG A 115 22.13 -13.57 5.25
N GLY A 116 21.47 -12.65 5.96
CA GLY A 116 20.03 -12.61 5.97
C GLY A 116 19.42 -12.29 4.62
N PHE A 117 20.13 -11.52 3.80
CA PHE A 117 19.67 -11.20 2.45
C PHE A 117 20.00 -12.28 1.43
N GLY A 118 20.80 -13.27 1.79
CA GLY A 118 21.03 -14.41 0.92
C GLY A 118 22.41 -14.50 0.30
N GLY A 119 23.42 -14.06 1.03
CA GLY A 119 24.78 -14.04 0.53
C GLY A 119 25.68 -14.91 1.38
N GLU A 120 26.68 -15.50 0.73
CA GLU A 120 27.72 -16.25 1.43
C GLU A 120 28.83 -15.29 1.82
N VAL A 121 29.22 -15.33 3.10
CA VAL A 121 30.24 -14.43 3.63
C VAL A 121 31.49 -15.23 3.94
N LEU A 122 32.62 -14.73 3.46
CA LEU A 122 33.94 -15.27 3.82
C LEU A 122 34.71 -14.16 4.52
N LEU A 123 35.05 -14.39 5.79
CA LEU A 123 35.81 -13.41 6.55
C LEU A 123 37.30 -13.61 6.27
N HIS A 124 37.97 -12.58 5.78
CA HIS A 124 39.37 -12.70 5.41
C HIS A 124 40.00 -11.32 5.32
N GLY A 125 41.17 -11.16 5.91
CA GLY A 125 41.98 -9.97 5.73
C GLY A 125 41.99 -9.08 6.97
N ALA A 126 43.09 -8.34 7.13
CA ALA A 126 43.24 -7.41 8.22
C ALA A 126 42.74 -6.01 7.89
N ASN A 127 42.24 -5.80 6.67
CA ASN A 127 41.66 -4.54 6.25
C ASN A 127 40.91 -4.77 4.95
N PHE A 128 40.33 -3.70 4.40
CA PHE A 128 39.54 -3.85 3.17
C PHE A 128 40.42 -4.28 1.99
N ASP A 129 41.65 -3.77 1.92
CA ASP A 129 42.54 -4.09 0.79
C ASP A 129 42.87 -5.58 0.75
N GLU A 130 43.03 -6.20 1.92
CA GLU A 130 43.33 -7.64 1.98
C GLU A 130 42.12 -8.49 1.65
N ALA A 131 40.91 -8.00 1.97
CA ALA A 131 39.71 -8.73 1.61
C ALA A 131 39.44 -8.63 0.10
N LYS A 132 39.67 -7.45 -0.49
CA LYS A 132 39.49 -7.29 -1.92
C LYS A 132 40.46 -8.17 -2.69
N ALA A 133 41.72 -8.24 -2.24
CA ALA A 133 42.71 -9.08 -2.89
C ALA A 133 42.28 -10.55 -2.88
N LYS A 134 41.67 -11.00 -1.78
CA LYS A 134 41.17 -12.37 -1.75
C LYS A 134 39.98 -12.53 -2.68
N ALA A 135 39.13 -11.50 -2.77
CA ALA A 135 38.00 -11.54 -3.67
C ALA A 135 38.45 -11.70 -5.12
N ILE A 136 39.42 -10.90 -5.55
CA ILE A 136 39.88 -10.98 -6.94
C ILE A 136 40.59 -12.31 -7.18
N GLU A 137 41.36 -12.78 -6.20
CA GLU A 137 42.00 -14.07 -6.30
C GLU A 137 40.98 -15.18 -6.49
N LEU A 138 39.96 -15.23 -5.63
CA LEU A 138 38.91 -16.23 -5.80
C LEU A 138 38.15 -16.04 -7.11
N SER A 139 38.10 -14.80 -7.62
CA SER A 139 37.46 -14.55 -8.90
C SER A 139 38.25 -15.16 -10.04
N GLN A 140 39.58 -15.03 -10.00
CA GLN A 140 40.41 -15.53 -11.08
C GLN A 140 40.52 -17.05 -11.06
N GLN A 141 40.45 -17.66 -9.88
CA GLN A 141 40.58 -19.11 -9.79
C GLN A 141 39.25 -19.79 -10.12
N GLN A 142 38.17 -19.42 -9.44
CA GLN A 142 36.91 -20.14 -9.54
C GLN A 142 35.93 -19.53 -10.53
N GLY A 143 36.25 -18.39 -11.13
CA GLY A 143 35.39 -17.82 -12.15
C GLY A 143 34.16 -17.10 -11.66
N PHE A 144 34.20 -16.57 -10.44
CA PHE A 144 33.18 -15.64 -9.97
C PHE A 144 33.31 -14.31 -10.70
N THR A 145 32.17 -13.75 -11.11
CA THR A 145 32.16 -12.43 -11.70
C THR A 145 32.26 -11.37 -10.61
N TRP A 146 33.19 -10.44 -10.80
CA TRP A 146 33.42 -9.38 -9.82
C TRP A 146 32.39 -8.27 -10.01
N VAL A 147 31.64 -7.98 -8.96
CA VAL A 147 30.64 -6.90 -8.96
C VAL A 147 31.26 -5.63 -8.39
N PRO A 148 31.62 -4.65 -9.21
CA PRO A 148 32.31 -3.47 -8.69
C PRO A 148 31.35 -2.57 -7.94
N PRO A 149 31.81 -1.93 -6.86
CA PRO A 149 30.90 -1.04 -6.11
C PRO A 149 30.55 0.24 -6.85
N PHE A 150 31.39 0.75 -7.75
CA PHE A 150 31.06 2.00 -8.43
C PHE A 150 31.58 2.10 -9.87
N ASP A 151 32.79 1.63 -10.14
CA ASP A 151 33.45 1.92 -11.42
C ASP A 151 32.99 0.91 -12.47
N HIS A 152 31.83 1.19 -13.04
CA HIS A 152 31.24 0.32 -14.04
C HIS A 152 30.10 1.06 -14.69
N PRO A 153 29.97 0.99 -16.02
CA PRO A 153 28.89 1.77 -16.67
C PRO A 153 27.50 1.32 -16.28
N THR A 154 27.27 0.01 -16.12
CA THR A 154 25.94 -0.45 -15.72
C THR A 154 25.65 -0.14 -14.26
N VAL A 155 26.66 -0.18 -13.39
CA VAL A 155 26.49 0.29 -12.02
C VAL A 155 26.09 1.77 -12.03
N ILE A 156 26.81 2.59 -12.80
CA ILE A 156 26.51 4.02 -12.92
C ILE A 156 25.09 4.24 -13.44
N ALA A 157 24.69 3.52 -14.50
CA ALA A 157 23.34 3.69 -15.03
C ALA A 157 22.27 3.18 -14.08
N GLY A 158 22.61 2.16 -13.28
CA GLY A 158 21.71 1.73 -12.22
C GLY A 158 21.46 2.81 -11.19
N GLN A 159 22.53 3.49 -10.73
CA GLN A 159 22.29 4.57 -9.78
C GLN A 159 21.57 5.74 -10.44
N GLY A 160 21.79 5.95 -11.74
CA GLY A 160 21.17 7.05 -12.44
C GLY A 160 19.65 7.01 -12.45
N THR A 161 19.06 5.82 -12.27
CA THR A 161 17.61 5.77 -12.13
C THR A 161 17.14 6.64 -10.99
N LEU A 162 17.96 6.78 -9.94
CA LEU A 162 17.61 7.68 -8.85
C LEU A 162 17.33 9.08 -9.37
N ALA A 163 18.17 9.58 -10.30
CA ALA A 163 17.99 10.94 -10.78
C ALA A 163 16.80 11.05 -11.73
N LEU A 164 16.51 10.01 -12.52
CA LEU A 164 15.32 10.03 -13.37
C LEU A 164 14.04 10.08 -12.56
N GLU A 165 14.00 9.37 -11.40
CA GLU A 165 12.87 9.52 -10.48
C GLU A 165 12.75 10.95 -9.99
N LEU A 166 13.87 11.56 -9.58
CA LEU A 166 13.86 12.92 -9.04
C LEU A 166 13.21 13.92 -10.00
N LEU A 167 13.52 13.80 -11.30
CA LEU A 167 12.98 14.72 -12.30
C LEU A 167 11.48 14.59 -12.47
N GLN A 168 10.94 13.40 -12.24
CA GLN A 168 9.50 13.20 -12.37
C GLN A 168 8.77 13.50 -11.07
N GLN A 169 9.47 13.40 -9.95
CA GLN A 169 8.87 13.72 -8.65
C GLN A 169 8.80 15.22 -8.41
N ASP A 170 9.73 16.00 -8.98
CA ASP A 170 9.79 17.44 -8.77
C ASP A 170 10.62 18.01 -9.91
N ALA A 171 9.96 18.58 -10.91
CA ALA A 171 10.71 19.10 -12.06
C ALA A 171 11.18 20.53 -11.85
N HIS A 172 10.64 21.24 -10.87
CA HIS A 172 11.12 22.56 -10.49
C HIS A 172 12.29 22.50 -9.49
N LEU A 173 13.14 21.48 -9.56
CA LEU A 173 14.32 21.44 -8.71
C LEU A 173 15.39 22.38 -9.24
N ASP A 174 16.05 23.09 -8.33
CA ASP A 174 17.12 24.02 -8.68
C ASP A 174 18.50 23.37 -8.61
N ARG A 175 18.77 22.61 -7.56
CA ARG A 175 20.08 22.03 -7.32
C ARG A 175 19.90 20.70 -6.59
N VAL A 176 20.79 19.74 -6.91
CA VAL A 176 20.80 18.42 -6.30
C VAL A 176 22.19 18.17 -5.72
N PHE A 177 22.24 17.70 -4.48
CA PHE A 177 23.51 17.45 -3.79
C PHE A 177 23.71 15.95 -3.57
N VAL A 178 24.87 15.43 -3.98
CA VAL A 178 25.12 13.99 -4.05
C VAL A 178 26.37 13.68 -3.24
N PRO A 179 26.35 12.68 -2.35
CA PRO A 179 27.57 12.25 -1.68
C PRO A 179 28.46 11.46 -2.62
N VAL A 180 29.76 11.52 -2.38
CA VAL A 180 30.75 10.89 -3.25
C VAL A 180 31.72 10.06 -2.43
N GLY A 181 31.74 8.75 -2.68
CA GLY A 181 32.84 7.90 -2.24
C GLY A 181 33.73 7.55 -3.43
N GLY A 182 33.36 6.51 -4.18
CA GLY A 182 33.97 6.20 -5.46
C GLY A 182 33.39 6.94 -6.64
N GLY A 183 32.22 7.55 -6.45
CA GLY A 183 31.61 8.40 -7.46
C GLY A 183 30.65 7.73 -8.41
N GLY A 184 30.21 6.51 -8.11
CA GLY A 184 29.22 5.85 -8.97
C GLY A 184 27.88 6.55 -8.92
N LEU A 185 27.45 7.00 -7.73
CA LEU A 185 26.18 7.68 -7.59
C LEU A 185 26.22 9.05 -8.27
N ALA A 186 27.27 9.84 -7.99
CA ALA A 186 27.39 11.17 -8.58
C ALA A 186 27.46 11.12 -10.10
N ALA A 187 28.24 10.18 -10.66
CA ALA A 187 28.31 10.06 -12.12
C ALA A 187 26.94 9.76 -12.70
N GLY A 188 26.21 8.80 -12.11
CA GLY A 188 24.91 8.42 -12.64
C GLY A 188 23.90 9.54 -12.56
N VAL A 189 23.88 10.26 -11.43
CA VAL A 189 22.98 11.39 -11.27
C VAL A 189 23.37 12.52 -12.22
N ALA A 190 24.65 12.89 -12.26
CA ALA A 190 25.07 14.02 -13.09
C ALA A 190 24.84 13.75 -14.58
N VAL A 191 25.11 12.53 -15.05
CA VAL A 191 24.98 12.28 -16.48
C VAL A 191 23.51 12.24 -16.89
N LEU A 192 22.65 11.67 -16.03
CA LEU A 192 21.23 11.62 -16.32
C LEU A 192 20.63 13.02 -16.42
N ILE A 193 20.86 13.84 -15.38
CA ILE A 193 20.24 15.16 -15.31
C ILE A 193 20.73 16.05 -16.45
N LYS A 194 22.02 15.98 -16.79
CA LYS A 194 22.53 16.85 -17.86
C LYS A 194 22.03 16.44 -19.24
N GLN A 195 21.46 15.25 -19.38
CA GLN A 195 20.85 14.85 -20.65
C GLN A 195 19.41 15.32 -20.78
N LEU A 196 18.69 15.48 -19.67
CA LEU A 196 17.27 15.77 -19.69
C LEU A 196 16.94 17.19 -19.24
N MET A 197 17.50 17.63 -18.11
CA MET A 197 17.25 18.97 -17.56
C MET A 197 18.56 19.59 -17.14
N PRO A 198 19.42 19.95 -18.10
CA PRO A 198 20.76 20.46 -17.75
C PRO A 198 20.75 21.73 -16.92
N GLN A 199 19.64 22.46 -16.86
CA GLN A 199 19.58 23.68 -16.05
C GLN A 199 19.71 23.40 -14.55
N ILE A 200 19.50 22.15 -14.13
CA ILE A 200 19.58 21.78 -12.72
C ILE A 200 21.04 21.58 -12.36
N LYS A 201 21.47 22.20 -11.26
CA LYS A 201 22.84 22.11 -10.78
C LYS A 201 23.01 20.82 -9.97
N VAL A 202 24.07 20.07 -10.29
CA VAL A 202 24.47 18.90 -9.52
C VAL A 202 25.77 19.23 -8.82
N ILE A 203 25.81 19.00 -7.50
CA ILE A 203 26.96 19.35 -6.68
C ILE A 203 27.41 18.13 -5.91
N ALA A 204 28.67 17.74 -6.08
CA ALA A 204 29.23 16.65 -5.29
C ALA A 204 29.63 17.13 -3.90
N VAL A 205 29.38 16.30 -2.90
CA VAL A 205 29.77 16.56 -1.51
C VAL A 205 30.70 15.46 -1.07
N GLU A 206 31.79 15.84 -0.39
CA GLU A 206 32.80 14.91 0.09
C GLU A 206 33.22 15.30 1.50
N ALA A 207 33.47 14.29 2.33
CA ALA A 207 34.11 14.55 3.61
C ALA A 207 35.55 14.97 3.39
N GLU A 208 35.99 15.99 4.14
CA GLU A 208 37.38 16.45 4.04
C GLU A 208 38.38 15.31 4.17
N ASP A 209 38.14 14.40 5.11
CA ASP A 209 39.03 13.26 5.35
C ASP A 209 38.98 12.20 4.26
N SER A 210 38.20 12.40 3.20
CA SER A 210 38.03 11.35 2.21
C SER A 210 37.66 11.97 0.85
N ALA A 211 38.39 13.00 0.46
CA ALA A 211 38.06 13.79 -0.73
C ALA A 211 38.85 13.32 -1.95
N CYS A 212 38.75 12.02 -2.26
CA CYS A 212 39.50 11.49 -3.40
C CYS A 212 39.05 12.09 -4.73
N LEU A 213 37.81 12.59 -4.81
CA LEU A 213 37.33 13.21 -6.05
C LEU A 213 37.87 14.63 -6.21
N LYS A 214 37.79 15.44 -5.15
CA LYS A 214 38.44 16.75 -5.20
C LYS A 214 39.92 16.62 -5.56
N ALA A 215 40.59 15.59 -5.01
CA ALA A 215 42.01 15.39 -5.31
C ALA A 215 42.20 15.06 -6.79
N ALA A 216 41.38 14.15 -7.33
CA ALA A 216 41.48 13.81 -8.74
C ALA A 216 41.19 15.01 -9.65
N LEU A 217 40.27 15.89 -9.23
CA LEU A 217 39.96 17.07 -10.02
C LEU A 217 41.11 18.07 -9.99
N ASP A 218 41.74 18.24 -8.82
CA ASP A 218 42.91 19.11 -8.71
C ASP A 218 44.04 18.63 -9.61
N ALA A 219 44.29 17.31 -9.65
CA ALA A 219 45.37 16.78 -10.47
C ALA A 219 44.96 16.58 -11.92
N GLY A 220 43.67 16.49 -12.22
CA GLY A 220 43.24 16.23 -13.58
C GLY A 220 43.15 14.76 -13.97
N HIS A 221 43.28 13.85 -13.02
CA HIS A 221 43.18 12.41 -13.27
C HIS A 221 43.10 11.71 -11.91
N PRO A 222 42.60 10.47 -11.87
CA PRO A 222 42.49 9.75 -10.60
C PRO A 222 43.84 9.59 -9.91
N VAL A 223 43.91 10.01 -8.65
CA VAL A 223 45.10 9.84 -7.82
C VAL A 223 44.73 9.04 -6.57
N ASP A 224 45.75 8.64 -5.83
CA ASP A 224 45.54 7.89 -4.60
C ASP A 224 45.60 8.83 -3.42
N LEU A 225 44.65 8.70 -2.52
CA LEU A 225 44.69 9.47 -1.29
C LEU A 225 45.63 8.78 -0.31
N PRO A 226 46.53 9.53 0.35
CA PRO A 226 47.44 8.89 1.32
C PRO A 226 46.66 8.19 2.43
N ARG A 227 45.90 8.96 3.21
CA ARG A 227 45.06 8.42 4.26
C ARG A 227 43.60 8.78 3.97
N VAL A 228 42.69 7.89 4.34
CA VAL A 228 41.26 8.13 4.21
C VAL A 228 40.63 8.07 5.59
N GLY A 229 39.66 8.96 5.82
CA GLY A 229 38.91 8.95 7.07
C GLY A 229 37.89 7.83 7.08
N LEU A 230 37.76 7.19 8.24
CA LEU A 230 36.90 6.02 8.37
C LEU A 230 35.58 6.33 9.06
N PHE A 231 35.38 7.56 9.53
CA PHE A 231 34.14 7.95 10.19
C PHE A 231 32.94 7.74 9.26
N ALA A 232 33.04 8.19 8.01
CA ALA A 232 31.99 7.99 7.01
C ALA A 232 32.39 6.78 6.16
N GLU A 233 32.03 5.59 6.66
CA GLU A 233 32.54 4.35 6.12
C GLU A 233 32.25 4.20 4.63
N GLY A 234 31.04 4.56 4.20
CA GLY A 234 30.64 4.29 2.83
C GLY A 234 31.39 5.12 1.81
N VAL A 235 31.93 6.27 2.21
CA VAL A 235 32.65 7.12 1.29
C VAL A 235 34.16 7.07 1.55
N ALA A 236 34.63 6.12 2.35
CA ALA A 236 36.06 5.96 2.64
C ALA A 236 36.72 5.17 1.50
N VAL A 237 36.93 5.88 0.39
CA VAL A 237 37.46 5.30 -0.84
C VAL A 237 38.77 6.03 -1.17
N LYS A 238 39.82 5.24 -1.44
CA LYS A 238 41.16 5.81 -1.61
C LYS A 238 41.33 6.50 -2.96
N ARG A 239 40.70 6.00 -4.01
CA ARG A 239 40.92 6.47 -5.36
C ARG A 239 39.61 6.46 -6.14
N ILE A 240 39.28 7.60 -6.74
CA ILE A 240 38.08 7.68 -7.57
C ILE A 240 38.24 6.73 -8.76
N GLY A 241 37.11 6.17 -9.19
CA GLY A 241 37.10 5.30 -10.36
C GLY A 241 37.49 6.07 -11.62
N ASP A 242 37.81 5.29 -12.66
CA ASP A 242 38.20 5.89 -13.93
C ASP A 242 37.00 6.43 -14.67
N GLU A 243 35.96 5.61 -14.83
CA GLU A 243 34.77 6.05 -15.55
C GLU A 243 33.96 7.04 -14.72
N THR A 244 33.81 6.80 -13.41
CA THR A 244 33.08 7.77 -12.61
C THR A 244 33.79 9.12 -12.57
N PHE A 245 35.11 9.16 -12.70
CA PHE A 245 35.77 10.46 -12.73
C PHE A 245 35.55 11.16 -14.07
N ARG A 246 35.59 10.39 -15.17
CA ARG A 246 35.34 10.96 -16.48
C ARG A 246 33.97 11.64 -16.53
N LEU A 247 32.94 10.97 -16.00
CA LEU A 247 31.60 11.54 -16.01
C LEU A 247 31.49 12.70 -15.04
N CYS A 248 32.07 12.57 -13.84
CA CYS A 248 31.99 13.64 -12.85
C CYS A 248 32.69 14.89 -13.34
N GLN A 249 33.86 14.73 -13.98
CA GLN A 249 34.61 15.90 -14.41
C GLN A 249 33.85 16.66 -15.49
N GLU A 250 33.12 15.96 -16.34
CA GLU A 250 32.42 16.58 -17.45
C GLU A 250 31.08 17.18 -17.07
N TYR A 251 30.37 16.60 -16.09
CA TYR A 251 28.96 16.92 -15.88
C TYR A 251 28.64 17.56 -14.55
N LEU A 252 29.50 17.46 -13.55
CA LEU A 252 29.21 18.13 -12.28
C LEU A 252 29.29 19.64 -12.46
N ASP A 253 28.51 20.35 -11.67
CA ASP A 253 28.60 21.79 -11.66
C ASP A 253 29.58 22.31 -10.61
N ASP A 254 29.72 21.61 -9.49
CA ASP A 254 30.51 22.13 -8.38
C ASP A 254 30.82 20.99 -7.43
N ILE A 255 31.78 21.23 -6.54
CA ILE A 255 32.15 20.27 -5.51
C ILE A 255 32.36 21.05 -4.22
N ILE A 256 32.03 20.42 -3.10
CA ILE A 256 32.13 21.06 -1.79
C ILE A 256 32.47 20.00 -0.76
N THR A 257 33.31 20.37 0.20
CA THR A 257 33.69 19.45 1.28
C THR A 257 33.21 20.00 2.61
N VAL A 258 33.07 19.09 3.58
CA VAL A 258 32.60 19.40 4.92
C VAL A 258 33.40 18.59 5.92
N ASP A 259 33.38 19.02 7.18
CA ASP A 259 34.08 18.35 8.27
C ASP A 259 33.11 17.48 9.06
N SER A 260 33.66 16.74 10.03
CA SER A 260 32.87 15.78 10.79
C SER A 260 31.72 16.44 11.54
N ASP A 261 31.94 17.65 12.05
CA ASP A 261 30.91 18.29 12.86
C ASP A 261 29.70 18.66 12.00
N ALA A 262 29.95 19.08 10.75
CA ALA A 262 28.85 19.35 9.83
C ALA A 262 28.03 18.10 9.58
N ILE A 263 28.69 16.96 9.42
CA ILE A 263 28.02 15.69 9.20
C ILE A 263 27.14 15.35 10.41
N CYS A 264 27.69 15.48 11.62
CA CYS A 264 26.93 15.21 12.83
C CYS A 264 25.68 16.09 12.92
N ALA A 265 25.84 17.40 12.69
CA ALA A 265 24.71 18.30 12.72
C ALA A 265 23.64 17.90 11.72
N ALA A 266 24.06 17.36 10.55
CA ALA A 266 23.09 16.91 9.58
C ALA A 266 22.36 15.67 10.04
N VAL A 267 23.04 14.77 10.76
CA VAL A 267 22.37 13.59 11.29
C VAL A 267 21.24 14.00 12.23
N LYS A 268 21.50 15.00 13.09
CA LYS A 268 20.47 15.49 14.01
C LYS A 268 19.29 16.10 13.24
N ASP A 269 19.57 16.88 12.19
CA ASP A 269 18.52 17.50 11.39
C ASP A 269 17.59 16.44 10.78
N LEU A 270 18.17 15.38 10.20
CA LEU A 270 17.35 14.36 9.56
C LEU A 270 16.53 13.58 10.59
N PHE A 271 17.10 13.30 11.76
CA PHE A 271 16.34 12.64 12.81
C PHE A 271 15.14 13.48 13.25
N GLU A 272 15.29 14.80 13.25
CA GLU A 272 14.21 15.64 13.77
C GLU A 272 13.18 16.00 12.71
N ASP A 273 13.54 15.97 11.43
CA ASP A 273 12.62 16.28 10.34
C ASP A 273 11.92 15.06 9.76
N VAL A 274 12.61 13.94 9.54
CA VAL A 274 12.00 12.80 8.87
C VAL A 274 12.05 11.53 9.73
N ARG A 275 12.52 11.66 10.98
CA ARG A 275 12.52 10.56 11.95
C ARG A 275 13.39 9.39 11.52
N ALA A 276 14.43 9.62 10.72
CA ALA A 276 15.36 8.57 10.36
C ALA A 276 16.72 8.81 11.00
N VAL A 277 17.44 7.73 11.27
CA VAL A 277 18.81 7.79 11.76
C VAL A 277 19.72 7.45 10.58
N ALA A 278 20.28 8.48 9.96
CA ALA A 278 21.21 8.29 8.85
C ALA A 278 22.58 7.87 9.36
N GLU A 279 23.29 7.10 8.55
CA GLU A 279 24.71 6.91 8.82
C GLU A 279 25.47 8.15 8.34
N PRO A 280 26.73 8.32 8.76
CA PRO A 280 27.44 9.54 8.36
C PRO A 280 27.47 9.77 6.84
N SER A 281 27.65 8.72 6.05
CA SER A 281 27.69 8.89 4.59
C SER A 281 26.33 9.32 4.05
N GLY A 282 25.25 8.99 4.75
CA GLY A 282 23.92 9.35 4.28
C GLY A 282 23.52 10.76 4.62
N ALA A 283 24.14 11.35 5.63
CA ALA A 283 23.90 12.75 5.97
C ALA A 283 24.90 13.69 5.31
N LEU A 284 25.87 13.16 4.58
CA LEU A 284 26.93 13.96 4.01
C LEU A 284 26.39 15.00 3.03
N ALA A 285 25.45 14.60 2.16
CA ALA A 285 24.91 15.53 1.17
C ALA A 285 24.19 16.70 1.83
N LEU A 286 23.39 16.42 2.86
CA LEU A 286 22.70 17.50 3.56
C LEU A 286 23.71 18.49 4.14
N ALA A 287 24.75 17.98 4.80
CA ALA A 287 25.76 18.86 5.37
C ALA A 287 26.38 19.75 4.30
N GLY A 288 26.78 19.17 3.17
CA GLY A 288 27.30 19.97 2.07
C GLY A 288 26.31 21.02 1.60
N MET A 289 25.03 20.67 1.54
CA MET A 289 24.02 21.63 1.10
C MET A 289 23.88 22.79 2.07
N LYS A 290 23.90 22.50 3.37
CA LYS A 290 23.85 23.60 4.35
C LYS A 290 25.05 24.51 4.20
N LYS A 291 26.25 23.94 3.98
CA LYS A 291 27.42 24.77 3.77
C LYS A 291 27.29 25.59 2.48
N TYR A 292 26.87 24.93 1.39
CA TYR A 292 26.61 25.64 0.12
C TYR A 292 25.64 26.78 0.31
N ILE A 293 24.52 26.54 0.98
CA ILE A 293 23.50 27.58 1.14
C ILE A 293 24.11 28.82 1.78
N ALA A 294 24.95 28.63 2.81
CA ALA A 294 25.54 29.78 3.49
C ALA A 294 26.59 30.46 2.63
N GLN A 295 27.48 29.68 1.99
CA GLN A 295 28.56 30.24 1.20
C GLN A 295 28.07 31.09 0.03
N HIS A 296 26.91 30.77 -0.54
CA HIS A 296 26.43 31.45 -1.73
C HIS A 296 25.12 32.19 -1.50
N ASN A 297 24.67 32.30 -0.25
CA ASN A 297 23.48 33.06 0.14
C ASN A 297 22.25 32.64 -0.68
N ILE A 298 21.95 31.34 -0.63
CA ILE A 298 20.87 30.78 -1.42
C ILE A 298 19.56 30.86 -0.64
N ARG A 299 18.53 31.46 -1.26
CA ARG A 299 17.23 31.66 -0.63
C ARG A 299 16.14 31.42 -1.65
N GLY A 300 15.03 30.85 -1.19
CA GLY A 300 13.88 30.68 -2.05
C GLY A 300 14.06 29.72 -3.21
N GLU A 301 14.93 28.73 -3.08
CA GLU A 301 15.11 27.72 -4.12
C GLU A 301 14.58 26.37 -3.65
N ARG A 302 14.56 25.41 -4.59
CA ARG A 302 14.18 24.03 -4.30
C ARG A 302 15.45 23.18 -4.36
N LEU A 303 15.86 22.62 -3.23
CA LEU A 303 17.16 21.98 -3.09
C LEU A 303 16.99 20.57 -2.55
N ALA A 304 17.57 19.61 -3.24
CA ALA A 304 17.45 18.21 -2.92
C ALA A 304 18.80 17.61 -2.53
N HIS A 305 18.77 16.74 -1.53
CA HIS A 305 19.94 15.94 -1.19
C HIS A 305 19.49 14.48 -1.07
N ILE A 306 20.47 13.58 -1.14
CA ILE A 306 20.21 12.16 -1.10
C ILE A 306 20.64 11.63 0.27
N LEU A 307 19.66 11.22 1.08
CA LEU A 307 19.92 10.31 2.18
C LEU A 307 20.27 8.94 1.60
N SER A 308 21.57 8.67 1.46
CA SER A 308 22.08 7.54 0.69
C SER A 308 22.07 6.22 1.45
N GLY A 309 21.99 6.25 2.78
CA GLY A 309 21.97 5.03 3.55
C GLY A 309 21.71 5.25 5.03
N ALA A 310 21.11 4.26 5.69
CA ALA A 310 20.86 4.31 7.13
C ALA A 310 21.14 2.94 7.75
N ASN A 311 22.29 2.37 7.41
CA ASN A 311 22.84 1.19 8.10
C ASN A 311 23.90 1.73 9.07
N VAL A 312 23.48 1.97 10.31
CA VAL A 312 24.32 2.67 11.29
C VAL A 312 24.69 1.70 12.41
N ASN A 313 25.88 1.93 12.98
CA ASN A 313 26.31 1.27 14.21
C ASN A 313 25.71 2.00 15.40
N PHE A 314 24.87 1.30 16.18
CA PHE A 314 24.17 1.95 17.29
C PHE A 314 25.14 2.64 18.25
N LEU A 315 26.15 1.91 18.76
CA LEU A 315 27.10 2.52 19.68
C LEU A 315 27.86 3.67 19.04
N GLY A 316 28.03 3.65 17.71
CA GLY A 316 28.66 4.76 17.03
C GLY A 316 27.92 6.08 17.19
N LEU A 317 26.62 6.02 17.50
CA LEU A 317 25.84 7.25 17.70
C LEU A 317 26.31 8.05 18.90
N ARG A 318 27.10 7.46 19.80
CA ARG A 318 27.54 8.20 20.96
C ARG A 318 28.43 9.37 20.56
N TYR A 319 29.37 9.14 19.63
CA TYR A 319 30.23 10.23 19.17
C TYR A 319 29.41 11.32 18.49
N VAL A 320 28.49 10.94 17.60
CA VAL A 320 27.65 11.91 16.89
C VAL A 320 26.85 12.74 17.88
N LEU A 321 26.29 12.09 18.89
CA LEU A 321 25.47 12.78 19.88
C LEU A 321 26.32 13.75 20.71
N GLU A 322 27.54 13.35 21.05
CA GLU A 322 28.42 14.21 21.83
C GLU A 322 28.78 15.48 21.07
N ARG A 323 29.11 15.33 19.79
CA ARG A 323 29.42 16.50 18.96
C ARG A 323 28.21 17.42 18.83
N CYS A 324 27.00 16.85 18.74
CA CYS A 324 25.81 17.68 18.61
C CYS A 324 25.52 18.46 19.89
N GLU A 325 25.85 17.89 21.06
CA GLU A 325 25.67 18.64 22.30
C GLU A 325 26.69 19.76 22.43
N LEU A 326 27.92 19.53 21.95
CA LEU A 326 28.95 20.57 22.00
C LEU A 326 28.62 21.74 21.07
N LEU A 327 27.84 21.51 20.02
CA LEU A 327 27.52 22.55 19.04
C LEU A 327 26.37 23.46 19.49
N ALA B 3 -17.99 1.10 36.88
CA ALA B 3 -17.23 -0.14 37.05
C ALA B 3 -17.77 -1.30 36.19
N PRO B 4 -17.56 -1.24 34.88
CA PRO B 4 -18.11 -2.27 33.98
C PRO B 4 -17.55 -3.65 34.25
N GLU B 5 -18.25 -4.66 33.74
CA GLU B 5 -17.77 -6.02 33.83
C GLU B 5 -16.95 -6.36 32.58
N GLY B 6 -16.26 -7.50 32.64
CA GLY B 6 -15.46 -7.94 31.51
C GLY B 6 -16.22 -7.94 30.20
N ALA B 7 -17.44 -8.50 30.19
CA ALA B 7 -18.25 -8.50 28.98
C ALA B 7 -18.48 -7.08 28.44
N GLU B 8 -18.77 -6.12 29.33
CA GLU B 8 -19.01 -4.77 28.83
C GLU B 8 -17.75 -4.18 28.20
N TYR B 9 -16.57 -4.48 28.78
CA TYR B 9 -15.33 -3.96 28.22
C TYR B 9 -15.06 -4.54 26.84
N LEU B 10 -15.41 -5.83 26.65
CA LEU B 10 -15.25 -6.45 25.33
C LEU B 10 -16.08 -5.74 24.27
N ARG B 11 -17.37 -5.48 24.54
CA ARG B 11 -18.19 -4.76 23.57
C ARG B 11 -17.70 -3.32 23.39
N ALA B 12 -17.18 -2.70 24.45
CA ALA B 12 -16.62 -1.35 24.33
C ALA B 12 -15.40 -1.34 23.41
N VAL B 13 -14.55 -2.37 23.50
CA VAL B 13 -13.38 -2.48 22.62
C VAL B 13 -13.83 -2.56 21.16
N LEU B 14 -14.79 -3.45 20.87
CA LEU B 14 -15.31 -3.55 19.50
C LEU B 14 -15.96 -2.24 19.03
N ARG B 15 -16.64 -1.51 19.92
CA ARG B 15 -17.28 -0.26 19.54
C ARG B 15 -16.31 0.92 19.43
N ALA B 16 -15.12 0.82 20.01
CA ALA B 16 -14.18 1.93 19.98
C ALA B 16 -13.83 2.28 18.54
N PRO B 17 -14.17 3.49 18.06
CA PRO B 17 -13.93 3.88 16.67
C PRO B 17 -12.48 4.27 16.38
N VAL B 18 -11.54 3.46 16.88
CA VAL B 18 -10.13 3.85 16.86
C VAL B 18 -9.59 3.93 15.43
N TYR B 19 -10.12 3.12 14.50
CA TYR B 19 -9.55 3.07 13.15
C TYR B 19 -9.97 4.23 12.26
N GLU B 20 -10.66 5.24 12.82
CA GLU B 20 -10.82 6.51 12.13
C GLU B 20 -9.62 7.43 12.34
N ALA B 21 -8.70 7.06 13.23
CA ALA B 21 -7.50 7.86 13.47
C ALA B 21 -6.28 6.95 13.50
N ALA B 22 -6.35 5.90 14.32
CA ALA B 22 -5.24 4.96 14.44
C ALA B 22 -5.37 3.86 13.40
N GLN B 23 -4.35 3.00 13.36
CA GLN B 23 -4.25 1.95 12.36
C GLN B 23 -3.76 0.66 13.03
N VAL B 24 -3.90 -0.44 12.32
CA VAL B 24 -3.43 -1.74 12.79
C VAL B 24 -1.91 -1.81 12.59
N THR B 25 -1.19 -2.04 13.68
CA THR B 25 0.26 -1.95 13.61
C THR B 25 0.89 -3.33 13.46
N PRO B 26 2.05 -3.43 12.82
CA PRO B 26 2.67 -4.74 12.63
C PRO B 26 2.99 -5.42 13.95
N LEU B 27 3.02 -6.75 13.91
CA LEU B 27 3.50 -7.59 14.99
C LEU B 27 4.72 -8.32 14.43
N GLN B 28 5.92 -7.81 14.72
CA GLN B 28 7.14 -8.27 14.08
C GLN B 28 7.91 -9.23 14.98
N LYS B 29 8.54 -10.22 14.36
CA LYS B 29 9.50 -11.05 15.07
C LYS B 29 10.84 -10.33 15.16
N MET B 30 11.44 -10.38 16.36
CA MET B 30 12.82 -9.94 16.54
C MET B 30 13.74 -11.13 16.31
N GLU B 31 14.44 -11.13 15.17
CA GLU B 31 15.23 -12.30 14.79
C GLU B 31 16.44 -12.49 15.72
N LYS B 32 17.31 -11.47 15.83
CA LYS B 32 18.52 -11.64 16.63
C LYS B 32 18.20 -12.04 18.06
N LEU B 33 17.28 -11.33 18.70
CA LEU B 33 16.93 -11.63 20.08
C LEU B 33 16.26 -13.00 20.21
N SER B 34 15.44 -13.42 19.23
CA SER B 34 14.77 -14.71 19.32
C SER B 34 15.77 -15.86 19.37
N SER B 35 16.73 -15.86 18.45
CA SER B 35 17.69 -16.95 18.47
C SER B 35 18.52 -16.94 19.74
N ARG B 36 18.85 -15.76 20.26
CA ARG B 36 19.73 -15.68 21.43
C ARG B 36 19.05 -16.17 22.70
N LEU B 37 17.75 -15.90 22.86
CA LEU B 37 17.04 -16.24 24.09
C LEU B 37 16.13 -17.46 23.93
N ASP B 38 16.22 -18.17 22.81
CA ASP B 38 15.49 -19.43 22.60
C ASP B 38 14.00 -19.28 22.87
N ASN B 39 13.42 -18.24 22.28
CA ASN B 39 12.00 -17.97 22.32
C ASN B 39 11.66 -17.19 21.06
N VAL B 40 10.41 -17.28 20.63
CA VAL B 40 9.93 -16.44 19.53
C VAL B 40 9.46 -15.13 20.16
N ILE B 41 10.20 -14.06 19.92
CA ILE B 41 9.95 -12.77 20.56
C ILE B 41 9.36 -11.84 19.51
N LEU B 42 8.16 -11.32 19.79
CA LEU B 42 7.43 -10.47 18.88
C LEU B 42 7.26 -9.10 19.50
N VAL B 43 7.30 -8.06 18.66
CA VAL B 43 7.15 -6.68 19.11
C VAL B 43 5.96 -6.06 18.40
N LYS B 44 5.06 -5.47 19.16
CA LYS B 44 3.92 -4.74 18.61
C LYS B 44 4.38 -3.30 18.35
N ARG B 45 4.39 -2.89 17.09
CA ARG B 45 5.05 -1.64 16.70
C ARG B 45 4.08 -0.45 16.81
N GLU B 46 3.81 -0.02 18.04
CA GLU B 46 2.88 1.10 18.21
C GLU B 46 3.50 2.44 17.82
N ASP B 47 4.83 2.51 17.70
CA ASP B 47 5.48 3.67 17.09
C ASP B 47 5.01 3.93 15.67
N ARG B 48 4.40 2.95 14.98
CA ARG B 48 3.95 3.20 13.62
C ARG B 48 2.62 3.94 13.55
N GLN B 49 2.05 4.32 14.69
CA GLN B 49 0.85 5.14 14.67
C GLN B 49 1.19 6.53 14.16
N PRO B 50 0.21 7.27 13.63
CA PRO B 50 0.48 8.64 13.17
C PRO B 50 1.18 9.52 14.19
N VAL B 51 0.87 9.35 15.48
CA VAL B 51 1.50 10.13 16.54
C VAL B 51 2.67 9.41 17.19
N HIS B 52 2.97 8.19 16.73
CA HIS B 52 4.15 7.43 17.15
C HIS B 52 4.05 6.95 18.59
N SER B 53 2.84 6.86 19.13
CA SER B 53 2.61 6.13 20.36
C SER B 53 1.21 5.54 20.33
N PHE B 54 0.95 4.62 21.26
CA PHE B 54 -0.32 3.95 21.31
C PHE B 54 -1.46 4.88 21.73
N1 LLP B 55 4.66 3.83 27.06
C2 LLP B 55 4.70 5.05 26.50
C2' LLP B 55 5.62 5.36 25.28
C3 LLP B 55 3.88 6.09 27.04
O3 LLP B 55 3.93 7.37 26.46
C4 LLP B 55 3.06 5.83 28.12
C4' LLP B 55 2.15 7.03 28.70
C5 LLP B 55 3.01 4.58 28.69
C6 LLP B 55 3.82 3.57 28.16
C5' LLP B 55 2.08 4.27 29.92
OP4 LLP B 55 0.70 4.29 29.62
P LLP B 55 -0.34 4.11 30.74
OP1 LLP B 55 -0.52 5.43 31.50
OP2 LLP B 55 0.04 3.03 31.67
OP3 LLP B 55 -1.65 3.77 30.14
N LLP B 55 -1.12 6.05 22.25
CA LLP B 55 -2.07 6.82 23.05
CB LLP B 55 -1.36 7.90 23.83
CG LLP B 55 -0.44 7.20 24.83
CD LLP B 55 -0.06 8.18 25.95
CE LLP B 55 0.38 7.34 27.16
NZ LLP B 55 1.67 7.85 27.63
C LLP B 55 -3.12 7.41 22.19
O LLP B 55 -4.13 7.86 22.69
N LEU B 56 -2.91 7.39 20.88
CA LEU B 56 -3.94 7.81 19.95
C LEU B 56 -5.23 6.97 20.09
N ARG B 57 -5.10 5.69 20.43
CA ARG B 57 -6.28 4.81 20.47
C ARG B 57 -7.26 5.23 21.55
N GLY B 58 -6.78 5.37 22.79
CA GLY B 58 -7.65 5.76 23.87
C GLY B 58 -8.10 7.21 23.80
N ALA B 59 -7.23 8.10 23.32
CA ALA B 59 -7.62 9.51 23.22
C ALA B 59 -8.75 9.68 22.22
N TYR B 60 -8.62 9.08 21.03
CA TYR B 60 -9.66 9.23 20.02
C TYR B 60 -10.97 8.57 20.45
N ALA B 61 -10.90 7.41 21.11
CA ALA B 61 -12.11 6.72 21.51
C ALA B 61 -12.89 7.56 22.52
N MET B 62 -12.19 8.08 23.53
CA MET B 62 -12.84 8.90 24.54
C MET B 62 -13.42 10.17 23.93
N MET B 63 -12.67 10.82 23.03
CA MET B 63 -13.13 12.09 22.49
C MET B 63 -14.24 11.90 21.48
N ALA B 64 -14.17 10.86 20.65
CA ALA B 64 -15.28 10.59 19.76
C ALA B 64 -16.57 10.29 20.53
N GLY B 65 -16.47 9.80 21.76
CA GLY B 65 -17.62 9.38 22.52
C GLY B 65 -18.22 10.42 23.45
N LEU B 66 -17.86 11.70 23.31
CA LEU B 66 -18.43 12.73 24.19
C LEU B 66 -19.86 13.02 23.76
N THR B 67 -20.40 14.18 24.15
CA THR B 67 -21.67 14.66 23.62
C THR B 67 -21.42 15.92 22.81
N GLU B 68 -22.30 16.17 21.83
CA GLU B 68 -22.15 17.33 20.96
C GLU B 68 -21.96 18.62 21.74
N GLU B 69 -22.56 18.70 22.93
CA GLU B 69 -22.33 19.86 23.79
C GLU B 69 -20.87 19.91 24.26
N GLN B 70 -20.30 18.75 24.58
CA GLN B 70 -18.94 18.71 25.11
C GLN B 70 -17.92 19.12 24.06
N LYS B 71 -18.13 18.72 22.80
CA LYS B 71 -17.18 19.11 21.77
C LYS B 71 -17.25 20.60 21.46
N ALA B 72 -18.45 21.18 21.55
CA ALA B 72 -18.60 22.61 21.32
C ALA B 72 -17.79 23.41 22.33
N HIS B 73 -17.78 22.98 23.59
CA HIS B 73 -17.01 23.66 24.62
C HIS B 73 -15.51 23.39 24.54
N GLY B 74 -15.10 22.32 23.85
CA GLY B 74 -13.69 22.00 23.71
C GLY B 74 -13.19 21.01 24.75
N VAL B 75 -11.94 20.57 24.55
CA VAL B 75 -11.31 19.61 25.44
C VAL B 75 -10.00 20.19 25.96
N ILE B 76 -9.62 19.76 27.17
CA ILE B 76 -8.36 20.15 27.79
C ILE B 76 -7.70 18.91 28.38
N THR B 77 -6.36 18.92 28.39
CA THR B 77 -5.60 17.87 29.05
C THR B 77 -4.25 18.45 29.44
N ALA B 78 -3.54 17.71 30.29
CA ALA B 78 -2.17 18.04 30.64
C ALA B 78 -1.31 16.84 30.30
N SER B 79 -0.16 17.09 29.68
CA SER B 79 0.65 16.00 29.15
C SER B 79 2.05 16.49 28.88
N ALA B 80 3.02 15.59 29.04
CA ALA B 80 4.42 15.90 28.80
C ALA B 80 4.87 15.59 27.37
N GLY B 81 4.05 14.89 26.58
CA GLY B 81 4.46 14.49 25.25
C GLY B 81 3.46 13.69 24.46
N ASN B 82 3.32 12.39 24.77
CA ASN B 82 2.61 11.50 23.86
C ASN B 82 1.11 11.64 23.96
N HIS B 83 0.57 11.77 25.16
CA HIS B 83 -0.85 12.00 25.31
C HIS B 83 -1.26 13.30 24.65
N ALA B 84 -0.38 14.31 24.68
CA ALA B 84 -0.71 15.59 24.05
C ALA B 84 -0.90 15.44 22.54
N GLN B 85 -0.02 14.69 21.89
CA GLN B 85 -0.12 14.49 20.44
C GLN B 85 -1.32 13.63 20.08
N GLY B 86 -1.76 12.75 20.98
CA GLY B 86 -2.96 11.98 20.73
C GLY B 86 -4.21 12.84 20.77
N VAL B 87 -4.30 13.75 21.76
CA VAL B 87 -5.46 14.62 21.88
C VAL B 87 -5.45 15.68 20.80
N ALA B 88 -4.27 16.23 20.49
CA ALA B 88 -4.15 17.18 19.39
C ALA B 88 -4.65 16.56 18.08
N PHE B 89 -4.12 15.37 17.75
CA PHE B 89 -4.51 14.69 16.51
C PHE B 89 -5.99 14.34 16.49
N SER B 90 -6.52 13.83 17.61
CA SER B 90 -7.94 13.46 17.67
C SER B 90 -8.83 14.68 17.53
N SER B 91 -8.41 15.83 18.05
CA SER B 91 -9.23 17.03 17.93
C SER B 91 -9.27 17.53 16.49
N ALA B 92 -8.14 17.47 15.78
CA ALA B 92 -8.13 17.87 14.38
C ALA B 92 -9.03 16.97 13.54
N ARG B 93 -8.98 15.66 13.76
CA ARG B 93 -9.82 14.75 13.00
C ARG B 93 -11.29 14.92 13.34
N LEU B 94 -11.59 15.25 14.59
CA LEU B 94 -12.99 15.40 15.01
C LEU B 94 -13.50 16.83 14.88
N GLY B 95 -12.62 17.79 14.55
CA GLY B 95 -13.03 19.17 14.46
C GLY B 95 -13.41 19.76 15.81
N VAL B 96 -12.57 19.51 16.81
CA VAL B 96 -12.81 19.94 18.18
C VAL B 96 -11.63 20.80 18.61
N LYS B 97 -11.91 21.82 19.43
CA LYS B 97 -10.87 22.65 20.00
C LYS B 97 -10.19 21.88 21.14
N ALA B 98 -8.86 21.89 21.16
CA ALA B 98 -8.08 21.20 22.17
C ALA B 98 -7.01 22.11 22.73
N LEU B 99 -6.99 22.27 24.05
CA LEU B 99 -5.96 23.02 24.74
C LEU B 99 -5.14 22.05 25.60
N ILE B 100 -3.82 22.11 25.46
CA ILE B 100 -2.92 21.22 26.18
C ILE B 100 -2.02 22.06 27.09
N VAL B 101 -2.09 21.80 28.39
CA VAL B 101 -1.17 22.42 29.34
C VAL B 101 0.06 21.54 29.47
N MET B 102 1.24 22.14 29.25
CA MET B 102 2.52 21.45 29.33
C MET B 102 3.47 22.24 30.21
N PRO B 103 4.37 21.56 30.93
CA PRO B 103 5.35 22.28 31.76
C PRO B 103 6.20 23.22 30.91
N THR B 104 6.64 24.32 31.54
CA THR B 104 7.39 25.34 30.81
C THR B 104 8.69 24.77 30.25
N ALA B 105 9.26 23.75 30.91
CA ALA B 105 10.52 23.14 30.52
C ALA B 105 10.40 22.16 29.35
N THR B 106 9.21 21.99 28.79
CA THR B 106 9.03 21.05 27.68
C THR B 106 9.83 21.49 26.46
N ALA B 107 10.47 20.52 25.81
CA ALA B 107 11.29 20.81 24.65
C ALA B 107 10.46 21.36 23.51
N ASP B 108 11.03 22.34 22.79
CA ASP B 108 10.32 22.99 21.69
C ASP B 108 9.84 21.98 20.65
N ILE B 109 10.59 20.89 20.45
CA ILE B 109 10.19 19.88 19.49
C ILE B 109 8.91 19.19 19.93
N LYS B 110 8.66 19.12 21.24
CA LYS B 110 7.46 18.46 21.72
C LYS B 110 6.23 19.37 21.59
N VAL B 111 6.36 20.65 21.94
CA VAL B 111 5.21 21.54 21.82
C VAL B 111 4.93 21.85 20.35
N ASP B 112 5.97 21.89 19.51
CA ASP B 112 5.73 22.10 18.08
C ASP B 112 5.03 20.90 17.46
N ALA B 113 5.33 19.70 17.94
CA ALA B 113 4.63 18.50 17.45
C ALA B 113 3.16 18.55 17.83
N VAL B 114 2.84 19.01 19.05
CA VAL B 114 1.45 19.17 19.45
C VAL B 114 0.77 20.24 18.63
N ARG B 115 1.45 21.37 18.43
CA ARG B 115 0.88 22.42 17.59
C ARG B 115 0.72 21.94 16.14
N GLY B 116 1.75 21.27 15.61
CA GLY B 116 1.67 20.76 14.26
C GLY B 116 0.49 19.81 14.05
N PHE B 117 0.14 19.03 15.06
CA PHE B 117 -1.02 18.15 14.99
C PHE B 117 -2.34 18.89 15.18
N GLY B 118 -2.29 20.20 15.51
CA GLY B 118 -3.47 21.04 15.53
C GLY B 118 -4.04 21.30 16.92
N GLY B 119 -3.20 21.45 17.92
CA GLY B 119 -3.66 21.69 19.27
C GLY B 119 -3.05 22.94 19.86
N GLU B 120 -3.89 23.69 20.59
CA GLU B 120 -3.41 24.85 21.35
C GLU B 120 -2.57 24.38 22.54
N VAL B 121 -1.41 24.99 22.73
CA VAL B 121 -0.51 24.66 23.83
C VAL B 121 -0.41 25.84 24.78
N LEU B 122 -0.57 25.57 26.07
CA LEU B 122 -0.34 26.54 27.13
C LEU B 122 0.84 26.05 27.97
N LEU B 123 1.93 26.82 27.99
CA LEU B 123 3.10 26.47 28.77
C LEU B 123 2.93 27.04 30.17
N HIS B 124 2.94 26.16 31.18
CA HIS B 124 2.69 26.56 32.56
C HIS B 124 3.15 25.45 33.50
N GLY B 125 3.77 25.84 34.60
CA GLY B 125 4.19 24.88 35.62
C GLY B 125 5.66 24.50 35.65
N ALA B 126 6.21 24.33 36.86
CA ALA B 126 7.57 23.86 37.02
C ALA B 126 7.71 22.36 36.87
N ASN B 127 6.59 21.62 36.89
CA ASN B 127 6.61 20.18 36.69
C ASN B 127 5.21 19.76 36.25
N PHE B 128 5.03 18.46 36.00
CA PHE B 128 3.77 17.96 35.48
C PHE B 128 2.61 18.22 36.44
N ASP B 129 2.86 18.17 37.75
CA ASP B 129 1.79 18.41 38.72
C ASP B 129 1.17 19.79 38.52
N GLU B 130 2.01 20.83 38.46
CA GLU B 130 1.50 22.19 38.29
C GLU B 130 0.85 22.37 36.93
N ALA B 131 1.26 21.59 35.92
CA ALA B 131 0.60 21.66 34.63
C ALA B 131 -0.78 21.02 34.68
N LYS B 132 -0.90 19.89 35.38
CA LYS B 132 -2.21 19.26 35.53
C LYS B 132 -3.14 20.11 36.40
N ALA B 133 -2.59 20.74 37.45
CA ALA B 133 -3.42 21.58 38.31
C ALA B 133 -4.02 22.75 37.53
N LYS B 134 -3.22 23.37 36.66
CA LYS B 134 -3.74 24.46 35.84
C LYS B 134 -4.76 23.96 34.84
N ALA B 135 -4.57 22.75 34.33
CA ALA B 135 -5.49 22.18 33.36
C ALA B 135 -6.84 21.86 33.99
N ILE B 136 -6.83 21.22 35.16
CA ILE B 136 -8.08 21.01 35.89
C ILE B 136 -8.69 22.34 36.32
N GLU B 137 -7.86 23.33 36.65
CA GLU B 137 -8.40 24.62 37.05
C GLU B 137 -9.14 25.29 35.89
N LEU B 138 -8.50 25.37 34.73
CA LEU B 138 -9.17 25.90 33.55
C LEU B 138 -10.39 25.08 33.18
N SER B 139 -10.38 23.78 33.51
CA SER B 139 -11.49 22.91 33.15
C SER B 139 -12.75 23.26 33.91
N GLN B 140 -12.64 23.46 35.22
CA GLN B 140 -13.80 23.86 36.02
C GLN B 140 -14.28 25.26 35.65
N GLN B 141 -13.34 26.18 35.41
CA GLN B 141 -13.71 27.57 35.17
C GLN B 141 -14.35 27.73 33.80
N GLN B 142 -13.65 27.37 32.74
CA GLN B 142 -14.10 27.68 31.39
C GLN B 142 -14.91 26.57 30.75
N GLY B 143 -14.95 25.38 31.34
CA GLY B 143 -15.85 24.34 30.86
C GLY B 143 -15.28 23.43 29.77
N PHE B 144 -13.97 23.37 29.63
CA PHE B 144 -13.38 22.36 28.75
C PHE B 144 -13.55 20.98 29.36
N THR B 145 -13.87 20.01 28.52
CA THR B 145 -13.95 18.61 28.94
C THR B 145 -12.54 18.06 29.14
N TRP B 146 -12.27 17.53 30.33
CA TRP B 146 -10.97 16.94 30.63
C TRP B 146 -10.84 15.57 29.97
N VAL B 147 -9.77 15.38 29.21
CA VAL B 147 -9.46 14.09 28.58
C VAL B 147 -8.41 13.37 29.40
N PRO B 148 -8.80 12.36 30.19
CA PRO B 148 -7.83 11.69 31.08
C PRO B 148 -6.82 10.87 30.31
N PRO B 149 -5.57 10.85 30.76
CA PRO B 149 -4.56 10.04 30.05
C PRO B 149 -4.72 8.54 30.26
N PHE B 150 -5.44 8.10 31.29
CA PHE B 150 -5.57 6.65 31.48
C PHE B 150 -6.79 6.19 32.29
N ASP B 151 -7.20 6.95 33.29
CA ASP B 151 -8.24 6.48 34.22
C ASP B 151 -9.63 6.85 33.69
N HIS B 152 -10.12 6.01 32.81
CA HIS B 152 -11.41 6.18 32.16
C HIS B 152 -11.74 4.93 31.34
N PRO B 153 -12.88 4.29 31.60
CA PRO B 153 -13.26 3.09 30.82
C PRO B 153 -13.14 3.23 29.31
N THR B 154 -13.53 4.38 28.74
CA THR B 154 -13.44 4.52 27.28
C THR B 154 -11.99 4.70 26.82
N VAL B 155 -11.14 5.33 27.63
CA VAL B 155 -9.72 5.36 27.31
C VAL B 155 -9.13 3.95 27.37
N ILE B 156 -9.55 3.18 28.39
CA ILE B 156 -9.09 1.81 28.55
C ILE B 156 -9.60 0.95 27.40
N ALA B 157 -10.86 1.15 26.99
CA ALA B 157 -11.40 0.35 25.89
C ALA B 157 -10.66 0.64 24.59
N GLY B 158 -10.38 1.93 24.33
CA GLY B 158 -9.55 2.29 23.19
C GLY B 158 -8.21 1.58 23.16
N GLN B 159 -7.47 1.57 24.29
CA GLN B 159 -6.19 0.87 24.25
C GLN B 159 -6.40 -0.62 24.05
N GLY B 160 -7.52 -1.16 24.55
CA GLY B 160 -7.79 -2.58 24.40
C GLY B 160 -7.80 -3.05 22.96
N THR B 161 -8.04 -2.14 22.00
CA THR B 161 -8.05 -2.54 20.60
C THR B 161 -6.69 -3.08 20.18
N LEU B 162 -5.63 -2.63 20.84
CA LEU B 162 -4.31 -3.20 20.61
C LEU B 162 -4.31 -4.70 20.90
N ALA B 163 -4.92 -5.09 22.03
CA ALA B 163 -4.91 -6.52 22.38
C ALA B 163 -5.76 -7.34 21.40
N LEU B 164 -6.91 -6.80 20.97
CA LEU B 164 -7.72 -7.54 20.01
C LEU B 164 -6.95 -7.78 18.72
N GLU B 165 -6.15 -6.80 18.29
CA GLU B 165 -5.30 -7.03 17.12
C GLU B 165 -4.29 -8.14 17.39
N LEU B 166 -3.63 -8.11 18.55
CA LEU B 166 -2.67 -9.16 18.90
C LEU B 166 -3.26 -10.55 18.75
N LEU B 167 -4.48 -10.75 19.25
CA LEU B 167 -5.09 -12.07 19.23
C LEU B 167 -5.41 -12.54 17.81
N GLN B 168 -5.76 -11.62 16.91
CA GLN B 168 -5.99 -12.00 15.53
C GLN B 168 -4.70 -12.11 14.74
N GLN B 169 -3.64 -11.42 15.17
CA GLN B 169 -2.34 -11.52 14.52
C GLN B 169 -1.53 -12.72 14.96
N ASP B 170 -1.81 -13.27 16.14
CA ASP B 170 -1.12 -14.48 16.62
C ASP B 170 -1.84 -15.07 17.84
N ALA B 171 -2.72 -16.05 17.63
CA ALA B 171 -3.48 -16.58 18.75
C ALA B 171 -2.73 -17.65 19.55
N HIS B 172 -1.56 -18.08 19.07
CA HIS B 172 -0.72 -19.01 19.79
C HIS B 172 0.31 -18.31 20.69
N LEU B 173 0.03 -17.07 21.09
CA LEU B 173 0.90 -16.36 22.01
C LEU B 173 0.84 -17.00 23.40
N ASP B 174 1.98 -17.01 24.09
CA ASP B 174 2.03 -17.52 25.45
C ASP B 174 1.90 -16.43 26.49
N ARG B 175 2.59 -15.30 26.28
CA ARG B 175 2.62 -14.24 27.28
C ARG B 175 2.78 -12.90 26.56
N VAL B 176 2.17 -11.86 27.13
CA VAL B 176 2.23 -10.51 26.61
C VAL B 176 2.72 -9.59 27.73
N PHE B 177 3.75 -8.79 27.44
CA PHE B 177 4.38 -7.90 28.42
C PHE B 177 4.05 -6.45 28.10
N VAL B 178 3.52 -5.73 29.08
CA VAL B 178 2.90 -4.42 28.85
C VAL B 178 3.58 -3.39 29.73
N PRO B 179 4.01 -2.25 29.20
CA PRO B 179 4.53 -1.19 30.06
C PRO B 179 3.39 -0.58 30.86
N VAL B 180 3.71 -0.09 32.07
CA VAL B 180 2.71 0.50 32.95
C VAL B 180 3.18 1.87 33.40
N GLY B 181 2.38 2.89 33.11
CA GLY B 181 2.49 4.22 33.70
C GLY B 181 1.31 4.44 34.63
N GLY B 182 0.25 5.08 34.11
CA GLY B 182 -1.00 5.17 34.83
C GLY B 182 -1.80 3.88 34.86
N GLY B 183 -1.56 2.98 33.91
CA GLY B 183 -2.20 1.68 33.89
C GLY B 183 -3.29 1.47 32.87
N GLY B 184 -3.56 2.45 31.99
CA GLY B 184 -4.63 2.30 31.02
C GLY B 184 -4.37 1.23 29.98
N LEU B 185 -3.15 1.20 29.41
CA LEU B 185 -2.83 0.20 28.41
C LEU B 185 -2.83 -1.21 29.03
N ALA B 186 -2.15 -1.38 30.16
CA ALA B 186 -2.17 -2.68 30.84
C ALA B 186 -3.60 -3.11 31.21
N ALA B 187 -4.49 -2.17 31.56
CA ALA B 187 -5.86 -2.55 31.88
C ALA B 187 -6.64 -2.94 30.63
N GLY B 188 -6.51 -2.16 29.55
CA GLY B 188 -7.12 -2.56 28.29
C GLY B 188 -6.65 -3.91 27.81
N VAL B 189 -5.34 -4.10 27.70
CA VAL B 189 -4.80 -5.37 27.23
C VAL B 189 -5.22 -6.52 28.14
N ALA B 190 -5.22 -6.30 29.46
CA ALA B 190 -5.49 -7.42 30.36
C ALA B 190 -6.98 -7.79 30.35
N VAL B 191 -7.88 -6.80 30.36
CA VAL B 191 -9.31 -7.14 30.39
C VAL B 191 -9.72 -7.79 29.06
N LEU B 192 -9.20 -7.30 27.94
CA LEU B 192 -9.58 -7.86 26.65
C LEU B 192 -9.15 -9.32 26.55
N ILE B 193 -7.88 -9.61 26.85
CA ILE B 193 -7.34 -10.95 26.65
C ILE B 193 -7.99 -11.94 27.59
N LYS B 194 -8.29 -11.53 28.82
CA LYS B 194 -8.89 -12.48 29.75
C LYS B 194 -10.34 -12.80 29.40
N GLN B 195 -10.98 -12.00 28.55
CA GLN B 195 -12.34 -12.31 28.07
C GLN B 195 -12.34 -13.25 26.87
N LEU B 196 -11.29 -13.23 26.06
CA LEU B 196 -11.25 -13.99 24.82
C LEU B 196 -10.29 -15.17 24.87
N MET B 197 -9.11 -15.00 25.45
CA MET B 197 -8.09 -16.06 25.47
C MET B 197 -7.42 -16.05 26.82
N PRO B 198 -8.14 -16.42 27.88
CA PRO B 198 -7.59 -16.29 29.24
C PRO B 198 -6.35 -17.14 29.50
N GLN B 199 -6.08 -18.15 28.67
CA GLN B 199 -4.85 -18.94 28.82
C GLN B 199 -3.60 -18.11 28.59
N ILE B 200 -3.71 -16.96 27.94
CA ILE B 200 -2.55 -16.11 27.68
C ILE B 200 -2.21 -15.30 28.92
N LYS B 201 -0.94 -15.28 29.29
CA LYS B 201 -0.46 -14.55 30.46
C LYS B 201 -0.18 -13.09 30.11
N VAL B 202 -0.62 -12.18 30.99
CA VAL B 202 -0.40 -10.75 30.84
C VAL B 202 0.47 -10.28 31.99
N ILE B 203 1.63 -9.73 31.68
CA ILE B 203 2.62 -9.32 32.67
C ILE B 203 2.79 -7.81 32.57
N ALA B 204 2.63 -7.12 33.69
CA ALA B 204 2.94 -5.70 33.78
C ALA B 204 4.43 -5.51 34.00
N VAL B 205 4.97 -4.45 33.40
CA VAL B 205 6.37 -4.09 33.55
C VAL B 205 6.46 -2.63 33.97
N GLU B 206 7.22 -2.38 35.04
CA GLU B 206 7.39 -1.04 35.56
C GLU B 206 8.85 -0.76 35.78
N ALA B 207 9.26 0.49 35.62
CA ALA B 207 10.58 0.93 36.04
C ALA B 207 10.64 1.00 37.56
N GLU B 208 11.82 0.64 38.09
CA GLU B 208 11.99 0.49 39.55
C GLU B 208 11.68 1.77 40.30
N ASP B 209 12.11 2.93 39.79
CA ASP B 209 11.86 4.17 40.50
C ASP B 209 10.56 4.84 40.07
N SER B 210 9.61 4.05 39.59
CA SER B 210 8.31 4.58 39.18
C SER B 210 7.25 3.50 39.27
N ALA B 211 7.40 2.57 40.21
CA ALA B 211 6.57 1.36 40.27
C ALA B 211 5.30 1.59 41.12
N CYS B 212 4.49 2.56 40.70
CA CYS B 212 3.29 2.89 41.46
C CYS B 212 2.22 1.80 41.39
N LEU B 213 2.22 0.95 40.36
CA LEU B 213 1.33 -0.20 40.35
C LEU B 213 1.81 -1.28 41.31
N LYS B 214 3.13 -1.54 41.34
CA LYS B 214 3.68 -2.44 42.36
C LYS B 214 3.31 -1.96 43.76
N ALA B 215 3.49 -0.67 44.05
CA ALA B 215 3.13 -0.13 45.36
C ALA B 215 1.63 -0.29 45.62
N ALA B 216 0.80 -0.09 44.59
CA ALA B 216 -0.63 -0.25 44.78
C ALA B 216 -1.00 -1.70 45.03
N LEU B 217 -0.35 -2.63 44.34
CA LEU B 217 -0.67 -4.03 44.56
C LEU B 217 -0.22 -4.47 45.95
N ASP B 218 0.96 -4.03 46.39
CA ASP B 218 1.42 -4.33 47.73
C ASP B 218 0.43 -3.83 48.77
N ALA B 219 -0.06 -2.59 48.61
CA ALA B 219 -0.96 -1.99 49.60
C ALA B 219 -2.40 -2.48 49.49
N GLY B 220 -2.80 -3.03 48.34
CA GLY B 220 -4.19 -3.37 48.14
C GLY B 220 -5.08 -2.24 47.67
N HIS B 221 -4.51 -1.06 47.41
CA HIS B 221 -5.23 0.09 46.90
C HIS B 221 -4.22 1.05 46.25
N PRO B 222 -4.68 2.00 45.44
CA PRO B 222 -3.74 3.00 44.91
C PRO B 222 -3.13 3.80 46.05
N VAL B 223 -1.82 4.05 45.94
CA VAL B 223 -1.07 4.85 46.89
C VAL B 223 -0.22 5.86 46.12
N ASP B 224 0.23 6.88 46.83
CA ASP B 224 1.08 7.92 46.24
C ASP B 224 2.54 7.50 46.37
N LEU B 225 3.29 7.67 45.29
CA LEU B 225 4.72 7.45 45.36
C LEU B 225 5.39 8.73 45.83
N PRO B 226 6.40 8.63 46.71
CA PRO B 226 7.07 9.85 47.19
C PRO B 226 7.77 10.56 46.05
N ARG B 227 8.66 9.86 45.36
CA ARG B 227 9.36 10.39 44.19
C ARG B 227 9.15 9.44 43.01
N VAL B 228 9.10 10.01 41.80
CA VAL B 228 9.01 9.21 40.59
C VAL B 228 10.18 9.57 39.68
N GLY B 229 10.90 8.55 39.22
CA GLY B 229 11.98 8.79 38.26
C GLY B 229 11.49 9.45 37.00
N LEU B 230 12.34 10.29 36.42
CA LEU B 230 11.99 11.02 35.20
C LEU B 230 12.68 10.49 33.96
N PHE B 231 13.58 9.50 34.10
CA PHE B 231 14.24 8.91 32.94
C PHE B 231 13.22 8.47 31.90
N ALA B 232 12.36 7.51 32.25
CA ALA B 232 11.27 7.06 31.39
C ALA B 232 10.09 8.00 31.62
N GLU B 233 9.97 9.00 30.75
CA GLU B 233 8.97 10.06 30.95
C GLU B 233 7.55 9.50 30.92
N GLY B 234 7.24 8.65 29.95
CA GLY B 234 5.86 8.23 29.75
C GLY B 234 5.27 7.46 30.92
N VAL B 235 6.11 6.80 31.70
CA VAL B 235 5.62 5.99 32.82
C VAL B 235 5.86 6.67 34.17
N ALA B 236 6.21 7.97 34.16
CA ALA B 236 6.51 8.71 35.38
C ALA B 236 5.22 9.22 36.03
N VAL B 237 4.46 8.27 36.59
CA VAL B 237 3.15 8.53 37.19
C VAL B 237 3.24 8.18 38.67
N LYS B 238 2.81 9.11 39.53
CA LYS B 238 2.96 8.94 40.98
C LYS B 238 1.89 8.06 41.60
N ARG B 239 0.71 7.95 40.98
CA ARG B 239 -0.41 7.19 41.56
C ARG B 239 -1.14 6.46 40.46
N ILE B 240 -1.32 5.16 40.62
CA ILE B 240 -2.04 4.36 39.63
C ILE B 240 -3.51 4.76 39.61
N GLY B 241 -4.11 4.71 38.43
CA GLY B 241 -5.52 5.04 38.29
C GLY B 241 -6.42 4.10 39.07
N ASP B 242 -7.57 4.62 39.52
CA ASP B 242 -8.52 3.82 40.27
C ASP B 242 -9.09 2.70 39.43
N GLU B 243 -9.64 3.04 38.26
CA GLU B 243 -10.25 2.00 37.43
C GLU B 243 -9.19 1.12 36.76
N THR B 244 -8.04 1.68 36.37
CA THR B 244 -6.98 0.81 35.84
C THR B 244 -6.44 -0.13 36.92
N PHE B 245 -6.35 0.33 38.17
CA PHE B 245 -5.88 -0.57 39.22
C PHE B 245 -6.85 -1.74 39.43
N ARG B 246 -8.16 -1.44 39.48
CA ARG B 246 -9.16 -2.50 39.65
C ARG B 246 -8.97 -3.58 38.59
N LEU B 247 -8.88 -3.19 37.32
CA LEU B 247 -8.69 -4.17 36.25
C LEU B 247 -7.34 -4.87 36.36
N CYS B 248 -6.27 -4.11 36.63
CA CYS B 248 -4.94 -4.71 36.72
C CYS B 248 -4.87 -5.71 37.86
N GLN B 249 -5.37 -5.33 39.04
CA GLN B 249 -5.40 -6.27 40.16
C GLN B 249 -6.22 -7.52 39.82
N GLU B 250 -7.24 -7.39 38.98
CA GLU B 250 -8.16 -8.50 38.73
C GLU B 250 -7.70 -9.41 37.60
N TYR B 251 -6.97 -8.89 36.60
CA TYR B 251 -6.66 -9.67 35.41
C TYR B 251 -5.18 -9.93 35.17
N LEU B 252 -4.27 -9.13 35.72
CA LEU B 252 -2.85 -9.37 35.50
C LEU B 252 -2.43 -10.69 36.10
N ASP B 253 -1.51 -11.36 35.40
CA ASP B 253 -0.90 -12.59 35.89
C ASP B 253 0.35 -12.37 36.73
N ASP B 254 1.06 -11.27 36.52
CA ASP B 254 2.33 -11.07 37.20
C ASP B 254 2.77 -9.63 36.97
N ILE B 255 3.80 -9.22 37.71
CA ILE B 255 4.39 -7.90 37.53
C ILE B 255 5.88 -8.05 37.78
N ILE B 256 6.66 -7.19 37.12
CA ILE B 256 8.12 -7.23 37.19
C ILE B 256 8.65 -5.80 37.06
N THR B 257 9.75 -5.52 37.74
CA THR B 257 10.40 -4.21 37.65
C THR B 257 11.81 -4.38 37.10
N VAL B 258 12.28 -3.32 36.42
CA VAL B 258 13.60 -3.31 35.81
C VAL B 258 14.24 -1.94 36.06
N ASP B 259 15.56 -1.88 35.88
CA ASP B 259 16.33 -0.67 36.16
C ASP B 259 16.71 0.04 34.85
N SER B 260 17.38 1.18 34.99
CA SER B 260 17.75 1.97 33.81
C SER B 260 18.67 1.23 32.88
N ASP B 261 19.52 0.35 33.41
CA ASP B 261 20.42 -0.39 32.54
C ASP B 261 19.65 -1.34 31.63
N ALA B 262 18.68 -2.07 32.19
CA ALA B 262 17.85 -2.96 31.39
C ALA B 262 17.09 -2.21 30.30
N ILE B 263 16.50 -1.06 30.65
CA ILE B 263 15.76 -0.26 29.67
C ILE B 263 16.67 0.19 28.53
N CYS B 264 17.86 0.70 28.88
CA CYS B 264 18.81 1.16 27.86
C CYS B 264 19.26 0.01 26.97
N ALA B 265 19.48 -1.17 27.56
CA ALA B 265 19.84 -2.33 26.77
C ALA B 265 18.72 -2.72 25.80
N ALA B 266 17.45 -2.58 26.22
CA ALA B 266 16.34 -2.91 25.35
C ALA B 266 16.18 -1.91 24.20
N VAL B 267 16.55 -0.64 24.42
CA VAL B 267 16.61 0.31 23.31
C VAL B 267 17.57 -0.18 22.23
N LYS B 268 18.79 -0.57 22.65
CA LYS B 268 19.77 -1.08 21.70
C LYS B 268 19.25 -2.31 20.96
N ASP B 269 18.58 -3.22 21.68
CA ASP B 269 18.04 -4.41 21.04
C ASP B 269 17.03 -4.03 19.95
N LEU B 270 16.10 -3.12 20.25
CA LEU B 270 15.07 -2.77 19.29
C LEU B 270 15.66 -2.06 18.08
N PHE B 271 16.72 -1.27 18.28
CA PHE B 271 17.30 -0.61 17.13
C PHE B 271 17.97 -1.60 16.20
N GLU B 272 18.61 -2.63 16.75
CA GLU B 272 19.35 -3.55 15.89
C GLU B 272 18.45 -4.62 15.26
N ASP B 273 17.35 -5.00 15.91
CA ASP B 273 16.45 -5.99 15.32
C ASP B 273 15.42 -5.41 14.37
N VAL B 274 14.83 -4.24 14.68
CA VAL B 274 13.74 -3.75 13.85
C VAL B 274 13.99 -2.30 13.41
N ARG B 275 15.20 -1.80 13.64
CA ARG B 275 15.63 -0.50 13.12
C ARG B 275 14.74 0.64 13.59
N ALA B 276 14.28 0.57 14.84
CA ALA B 276 13.49 1.64 15.44
C ALA B 276 14.23 2.20 16.64
N VAL B 277 14.15 3.51 16.83
CA VAL B 277 14.66 4.15 18.04
C VAL B 277 13.48 4.32 18.98
N ALA B 278 13.34 3.39 19.91
CA ALA B 278 12.33 3.51 20.96
C ALA B 278 12.72 4.58 21.98
N GLU B 279 11.72 5.24 22.55
CA GLU B 279 11.98 6.02 23.75
C GLU B 279 12.07 5.06 24.94
N PRO B 280 12.63 5.51 26.08
CA PRO B 280 12.77 4.57 27.22
C PRO B 280 11.47 3.84 27.58
N SER B 281 10.34 4.55 27.63
CA SER B 281 9.08 3.90 27.95
C SER B 281 8.70 2.86 26.89
N GLY B 282 9.11 3.07 25.65
CA GLY B 282 8.79 2.13 24.59
C GLY B 282 9.58 0.85 24.63
N ALA B 283 10.79 0.89 25.19
CA ALA B 283 11.56 -0.34 25.34
C ALA B 283 11.32 -1.00 26.69
N LEU B 284 10.50 -0.40 27.54
CA LEU B 284 10.35 -0.90 28.90
C LEU B 284 9.84 -2.36 28.90
N ALA B 285 8.76 -2.62 28.17
CA ALA B 285 8.18 -3.96 28.19
C ALA B 285 9.21 -5.01 27.77
N LEU B 286 10.01 -4.72 26.75
CA LEU B 286 11.04 -5.66 26.33
C LEU B 286 12.01 -5.95 27.48
N ALA B 287 12.43 -4.91 28.21
CA ALA B 287 13.35 -5.13 29.32
C ALA B 287 12.74 -6.07 30.35
N GLY B 288 11.49 -5.84 30.74
CA GLY B 288 10.82 -6.77 31.62
C GLY B 288 10.79 -8.18 31.07
N MET B 289 10.52 -8.32 29.76
CA MET B 289 10.44 -9.64 29.16
C MET B 289 11.75 -10.39 29.28
N LYS B 290 12.87 -9.71 28.98
CA LYS B 290 14.18 -10.37 29.08
C LYS B 290 14.47 -10.84 30.50
N LYS B 291 14.21 -9.99 31.48
CA LYS B 291 14.43 -10.37 32.87
C LYS B 291 13.48 -11.49 33.30
N TYR B 292 12.24 -11.47 32.79
CA TYR B 292 11.29 -12.54 33.10
C TYR B 292 11.76 -13.87 32.54
N ILE B 293 12.33 -13.86 31.34
CA ILE B 293 12.79 -15.08 30.70
C ILE B 293 13.90 -15.72 31.52
N ALA B 294 14.83 -14.90 32.02
CA ALA B 294 15.95 -15.43 32.80
C ALA B 294 15.49 -15.89 34.18
N GLN B 295 14.64 -15.09 34.85
CA GLN B 295 14.24 -15.43 36.20
C GLN B 295 13.37 -16.68 36.25
N HIS B 296 12.64 -16.97 35.17
CA HIS B 296 11.73 -18.11 35.14
C HIS B 296 12.19 -19.21 34.21
N ASN B 297 13.33 -19.06 33.54
CA ASN B 297 13.88 -20.09 32.69
C ASN B 297 12.88 -20.50 31.61
N ILE B 298 12.48 -19.51 30.83
CA ILE B 298 11.47 -19.69 29.80
C ILE B 298 12.18 -20.03 28.50
N ARG B 299 11.74 -21.11 27.85
CA ARG B 299 12.32 -21.57 26.59
C ARG B 299 11.20 -22.02 25.66
N GLY B 300 11.37 -21.75 24.38
CA GLY B 300 10.47 -22.29 23.38
C GLY B 300 9.06 -21.76 23.39
N GLU B 301 8.83 -20.58 23.94
CA GLU B 301 7.52 -19.96 23.98
C GLU B 301 7.41 -18.83 22.95
N ARG B 302 6.20 -18.32 22.79
CA ARG B 302 5.92 -17.16 21.95
C ARG B 302 5.56 -16.01 22.88
N LEU B 303 6.37 -14.95 22.86
CA LEU B 303 6.26 -13.89 23.84
C LEU B 303 6.22 -12.55 23.13
N ALA B 304 5.23 -11.72 23.45
CA ALA B 304 5.05 -10.43 22.81
C ALA B 304 5.25 -9.32 23.83
N HIS B 305 5.88 -8.24 23.39
CA HIS B 305 5.93 -6.99 24.14
C HIS B 305 5.48 -5.87 23.22
N ILE B 306 5.09 -4.74 23.82
CA ILE B 306 4.60 -3.58 23.08
C ILE B 306 5.69 -2.51 23.08
N LEU B 307 6.14 -2.13 21.89
CA LEU B 307 6.91 -0.89 21.68
C LEU B 307 5.91 0.25 21.73
N SER B 308 5.77 0.90 22.88
CA SER B 308 4.64 1.78 23.10
C SER B 308 4.82 3.17 22.50
N GLY B 309 6.05 3.63 22.27
CA GLY B 309 6.25 4.95 21.73
C GLY B 309 7.67 5.13 21.26
N ALA B 310 7.84 6.07 20.34
CA ALA B 310 9.13 6.38 19.76
C ALA B 310 9.27 7.89 19.52
N ASN B 311 8.83 8.70 20.47
CA ASN B 311 9.03 10.14 20.41
C ASN B 311 10.19 10.48 21.35
N VAL B 312 11.41 10.45 20.83
CA VAL B 312 12.59 10.63 21.64
C VAL B 312 13.21 12.00 21.37
N ASN B 313 13.66 12.65 22.44
CA ASN B 313 14.50 13.84 22.32
C ASN B 313 15.86 13.40 21.80
N PHE B 314 16.29 13.98 20.67
CA PHE B 314 17.54 13.53 20.07
C PHE B 314 18.71 13.70 21.05
N LEU B 315 18.87 14.89 21.61
CA LEU B 315 19.96 15.10 22.56
C LEU B 315 19.79 14.25 23.80
N GLY B 316 18.55 14.00 24.22
CA GLY B 316 18.27 13.09 25.32
C GLY B 316 18.74 11.67 25.10
N LEU B 317 19.06 11.28 23.87
CA LEU B 317 19.59 9.94 23.57
C LEU B 317 21.00 9.74 24.11
N ARG B 318 21.72 10.82 24.44
CA ARG B 318 23.07 10.67 24.97
C ARG B 318 23.07 9.80 26.21
N TYR B 319 22.07 9.96 27.07
CA TYR B 319 22.01 9.19 28.30
C TYR B 319 21.90 7.70 27.99
N VAL B 320 21.02 7.33 27.06
CA VAL B 320 20.83 5.94 26.68
C VAL B 320 22.11 5.37 26.07
N LEU B 321 22.69 6.11 25.12
CA LEU B 321 23.92 5.66 24.49
C LEU B 321 25.06 5.57 25.51
N GLU B 322 25.12 6.51 26.46
CA GLU B 322 26.14 6.46 27.50
C GLU B 322 26.03 5.19 28.33
N ARG B 323 24.82 4.86 28.80
CA ARG B 323 24.65 3.65 29.60
C ARG B 323 25.00 2.39 28.81
N CYS B 324 24.69 2.38 27.51
CA CYS B 324 25.02 1.22 26.68
C CYS B 324 26.52 1.06 26.52
N GLU B 325 27.25 2.17 26.40
CA GLU B 325 28.70 2.09 26.38
C GLU B 325 29.25 1.54 27.70
N LEU B 326 28.66 1.94 28.82
CA LEU B 326 29.07 1.41 30.12
C LEU B 326 28.78 -0.08 30.23
N LEU B 327 27.67 -0.54 29.63
CA LEU B 327 27.37 -1.97 29.62
C LEU B 327 28.34 -2.73 28.73
N GLU B 328 28.75 -2.12 27.62
CA GLU B 328 29.73 -2.75 26.74
C GLU B 328 31.07 -2.94 27.43
N LEU B 329 31.48 -1.97 28.26
CA LEU B 329 32.77 -2.03 28.95
C LEU B 329 32.80 -3.10 30.05
N ALA C 3 -18.55 -30.76 17.45
CA ALA C 3 -19.77 -30.00 17.76
C ALA C 3 -19.55 -29.02 18.93
N PRO C 4 -18.83 -27.93 18.67
CA PRO C 4 -18.49 -27.00 19.76
C PRO C 4 -19.63 -26.05 20.08
N GLU C 5 -19.54 -25.46 21.28
CA GLU C 5 -20.45 -24.40 21.69
C GLU C 5 -19.95 -23.05 21.16
N GLY C 6 -20.82 -22.04 21.28
CA GLY C 6 -20.47 -20.71 20.78
C GLY C 6 -19.17 -20.17 21.35
N ALA C 7 -18.93 -20.41 22.65
CA ALA C 7 -17.69 -19.96 23.27
C ALA C 7 -16.47 -20.56 22.58
N GLU C 8 -16.50 -21.87 22.29
CA GLU C 8 -15.37 -22.48 21.61
C GLU C 8 -15.24 -21.97 20.17
N TYR C 9 -16.36 -21.67 19.51
CA TYR C 9 -16.28 -21.15 18.14
C TYR C 9 -15.58 -19.80 18.11
N LEU C 10 -15.88 -18.94 19.09
CA LEU C 10 -15.23 -17.64 19.18
C LEU C 10 -13.73 -17.78 19.26
N ARG C 11 -13.24 -18.67 20.13
CA ARG C 11 -11.80 -18.87 20.22
C ARG C 11 -11.23 -19.48 18.93
N ALA C 12 -12.00 -20.34 18.24
CA ALA C 12 -11.52 -20.90 16.97
C ALA C 12 -11.43 -19.84 15.89
N VAL C 13 -12.39 -18.90 15.86
CA VAL C 13 -12.30 -17.79 14.92
C VAL C 13 -11.01 -17.01 15.15
N LEU C 14 -10.65 -16.80 16.42
CA LEU C 14 -9.41 -16.08 16.71
C LEU C 14 -8.18 -16.90 16.31
N ARG C 15 -8.20 -18.21 16.55
CA ARG C 15 -7.05 -19.04 16.22
C ARG C 15 -6.89 -19.28 14.72
N ALA C 16 -7.95 -19.12 13.94
CA ALA C 16 -7.89 -19.47 12.51
C ALA C 16 -6.87 -18.58 11.81
N PRO C 17 -5.81 -19.14 11.21
CA PRO C 17 -4.71 -18.35 10.66
C PRO C 17 -4.96 -17.82 9.25
N VAL C 18 -6.13 -17.21 9.05
CA VAL C 18 -6.54 -16.87 7.70
C VAL C 18 -5.63 -15.81 7.09
N TYR C 19 -5.03 -14.96 7.92
CA TYR C 19 -4.25 -13.84 7.40
C TYR C 19 -2.87 -14.25 6.90
N GLU C 20 -2.54 -15.54 6.91
CA GLU C 20 -1.38 -16.03 6.16
C GLU C 20 -1.68 -16.23 4.67
N ALA C 21 -2.95 -16.09 4.26
CA ALA C 21 -3.33 -16.24 2.87
C ALA C 21 -4.38 -15.20 2.48
N ALA C 22 -5.43 -15.06 3.28
CA ALA C 22 -6.45 -14.07 3.01
C ALA C 22 -6.08 -12.74 3.67
N GLN C 23 -6.79 -11.69 3.28
CA GLN C 23 -6.54 -10.35 3.79
C GLN C 23 -7.85 -9.76 4.29
N VAL C 24 -7.73 -8.64 5.01
CA VAL C 24 -8.88 -7.89 5.51
C VAL C 24 -9.52 -7.12 4.35
N THR C 25 -10.80 -7.32 4.14
CA THR C 25 -11.33 -6.69 2.95
C THR C 25 -12.13 -5.43 3.31
N PRO C 26 -12.19 -4.47 2.39
CA PRO C 26 -12.89 -3.21 2.66
C PRO C 26 -14.36 -3.43 2.96
N LEU C 27 -14.91 -2.55 3.80
CA LEU C 27 -16.35 -2.44 4.03
C LEU C 27 -16.77 -1.09 3.45
N GLN C 28 -17.39 -1.12 2.27
CA GLN C 28 -17.61 0.10 1.48
C GLN C 28 -19.07 0.53 1.49
N LYS C 29 -19.30 1.83 1.64
CA LYS C 29 -20.65 2.36 1.53
C LYS C 29 -21.08 2.42 0.06
N MET C 30 -22.26 1.89 -0.21
CA MET C 30 -22.89 2.04 -1.53
C MET C 30 -23.65 3.36 -1.53
N GLU C 31 -23.09 4.37 -2.21
CA GLU C 31 -23.61 5.74 -2.10
C GLU C 31 -24.94 5.92 -2.86
N LYS C 32 -25.00 5.49 -4.12
CA LYS C 32 -26.23 5.63 -4.89
C LYS C 32 -27.37 4.86 -4.24
N LEU C 33 -27.13 3.60 -3.89
CA LEU C 33 -28.19 2.78 -3.29
C LEU C 33 -28.56 3.27 -1.89
N SER C 34 -27.61 3.81 -1.13
CA SER C 34 -27.95 4.35 0.19
C SER C 34 -28.86 5.55 0.07
N SER C 35 -28.60 6.44 -0.88
CA SER C 35 -29.46 7.59 -1.05
C SER C 35 -30.85 7.15 -1.50
N ARG C 36 -30.92 6.13 -2.36
CA ARG C 36 -32.18 5.71 -2.94
C ARG C 36 -33.07 4.98 -1.94
N LEU C 37 -32.47 4.21 -1.01
CA LEU C 37 -33.22 3.36 -0.10
C LEU C 37 -33.27 3.90 1.33
N ASP C 38 -32.78 5.11 1.57
CA ASP C 38 -32.90 5.74 2.89
C ASP C 38 -32.31 4.86 4.01
N ASN C 39 -31.20 4.19 3.69
CA ASN C 39 -30.44 3.44 4.69
C ASN C 39 -28.96 3.54 4.34
N VAL C 40 -28.11 3.30 5.33
CA VAL C 40 -26.68 3.19 5.09
C VAL C 40 -26.39 1.74 4.73
N ILE C 41 -26.07 1.51 3.45
CA ILE C 41 -25.88 0.17 2.91
C ILE C 41 -24.40 -0.03 2.63
N LEU C 42 -23.80 -1.03 3.28
CA LEU C 42 -22.37 -1.28 3.18
C LEU C 42 -22.13 -2.65 2.56
N VAL C 43 -21.09 -2.75 1.73
CA VAL C 43 -20.74 -4.00 1.05
C VAL C 43 -19.39 -4.48 1.57
N LYS C 44 -19.36 -5.73 2.01
CA LYS C 44 -18.13 -6.41 2.39
C LYS C 44 -17.54 -7.02 1.12
N ARG C 45 -16.40 -6.47 0.68
CA ARG C 45 -15.85 -6.75 -0.65
C ARG C 45 -14.94 -7.98 -0.62
N GLU C 46 -15.56 -9.14 -0.46
CA GLU C 46 -14.81 -10.40 -0.51
C GLU C 46 -14.26 -10.70 -1.90
N ASP C 47 -14.78 -10.04 -2.95
CA ASP C 47 -14.16 -10.16 -4.26
C ASP C 47 -12.71 -9.64 -4.28
N ARG C 48 -12.26 -8.97 -3.23
CA ARG C 48 -10.89 -8.44 -3.21
C ARG C 48 -9.87 -9.43 -2.68
N GLN C 49 -10.30 -10.62 -2.26
CA GLN C 49 -9.37 -11.66 -1.83
C GLN C 49 -8.57 -12.16 -3.02
N PRO C 50 -7.40 -12.77 -2.78
CA PRO C 50 -6.57 -13.26 -3.90
C PRO C 50 -7.31 -14.18 -4.86
N VAL C 51 -8.21 -15.03 -4.37
CA VAL C 51 -9.00 -15.90 -5.23
C VAL C 51 -10.36 -15.31 -5.58
N HIS C 52 -10.61 -14.05 -5.20
CA HIS C 52 -11.83 -13.30 -5.57
C HIS C 52 -13.10 -13.93 -5.03
N SER C 53 -12.99 -14.71 -3.95
CA SER C 53 -14.12 -15.08 -3.12
C SER C 53 -13.64 -15.30 -1.70
N PHE C 54 -14.60 -15.37 -0.77
CA PHE C 54 -14.33 -15.54 0.65
C PHE C 54 -13.79 -16.90 1.02
N1 LLP C 55 -21.27 -16.92 -2.51
C2 LLP C 55 -20.32 -17.42 -3.30
C2' LLP C 55 -19.63 -16.53 -4.38
C3 LLP C 55 -19.92 -18.77 -3.16
O3 LLP C 55 -18.92 -19.28 -3.99
C4 LLP C 55 -20.51 -19.57 -2.21
C4' LLP C 55 -20.01 -21.10 -2.09
C5 LLP C 55 -21.49 -19.05 -1.39
C6 LLP C 55 -21.88 -17.72 -1.53
C5' LLP C 55 -22.20 -19.92 -0.29
OP4 LLP C 55 -21.33 -20.31 0.73
P LLP C 55 -21.80 -21.41 1.73
OP1 LLP C 55 -21.79 -22.79 1.03
OP2 LLP C 55 -23.17 -21.12 2.22
OP3 LLP C 55 -20.82 -21.41 2.84
N LLP C 55 -13.94 -17.87 0.11
CA LLP C 55 -13.76 -19.29 0.45
CB LLP C 55 -14.19 -20.16 -0.72
CG LLP C 55 -15.69 -19.97 -0.96
CD LLP C 55 -16.30 -21.27 -1.51
CE LLP C 55 -17.82 -21.26 -1.21
NZ LLP C 55 -18.62 -21.18 -2.44
C LLP C 55 -12.35 -19.60 0.81
O LLP C 55 -12.08 -20.62 1.43
N LEU C 56 -11.44 -18.72 0.44
CA LEU C 56 -10.04 -18.83 0.84
C LEU C 56 -9.91 -18.93 2.38
N ARG C 57 -10.76 -18.20 3.11
CA ARG C 57 -10.65 -18.15 4.58
C ARG C 57 -10.83 -19.53 5.21
N GLY C 58 -11.98 -20.16 4.96
CA GLY C 58 -12.23 -21.46 5.56
C GLY C 58 -11.36 -22.58 5.01
N ALA C 59 -11.01 -22.52 3.72
CA ALA C 59 -10.15 -23.56 3.17
C ALA C 59 -8.76 -23.50 3.76
N TYR C 60 -8.17 -22.29 3.82
CA TYR C 60 -6.85 -22.17 4.43
C TYR C 60 -6.87 -22.55 5.90
N ALA C 61 -7.89 -22.12 6.64
CA ALA C 61 -7.97 -22.47 8.06
C ALA C 61 -7.90 -23.98 8.24
N MET C 62 -8.80 -24.69 7.56
CA MET C 62 -8.85 -26.14 7.69
C MET C 62 -7.55 -26.80 7.25
N MET C 63 -6.96 -26.33 6.13
CA MET C 63 -5.78 -27.01 5.62
C MET C 63 -4.54 -26.69 6.44
N ALA C 64 -4.46 -25.50 7.06
CA ALA C 64 -3.33 -25.24 7.93
C ALA C 64 -3.41 -26.06 9.21
N GLY C 65 -4.61 -26.44 9.62
CA GLY C 65 -4.80 -27.19 10.84
C GLY C 65 -4.66 -28.68 10.71
N LEU C 66 -4.28 -29.18 9.53
CA LEU C 66 -4.10 -30.61 9.34
C LEU C 66 -2.75 -31.06 9.92
N THR C 67 -2.68 -32.34 10.28
CA THR C 67 -1.47 -32.88 10.84
C THR C 67 -0.38 -32.93 9.78
N GLU C 68 0.87 -33.10 10.24
CA GLU C 68 1.97 -33.23 9.30
C GLU C 68 1.78 -34.46 8.41
N GLU C 69 1.21 -35.53 8.97
CA GLU C 69 0.94 -36.73 8.19
C GLU C 69 -0.08 -36.46 7.10
N GLN C 70 -1.18 -35.78 7.45
CA GLN C 70 -2.24 -35.49 6.47
C GLN C 70 -1.72 -34.57 5.38
N LYS C 71 -0.89 -33.58 5.74
CA LYS C 71 -0.34 -32.67 4.75
C LYS C 71 0.57 -33.40 3.78
N ALA C 72 1.33 -34.37 4.27
CA ALA C 72 2.23 -35.14 3.41
C ALA C 72 1.47 -36.00 2.39
N HIS C 73 0.27 -36.46 2.74
CA HIS C 73 -0.57 -37.22 1.81
C HIS C 73 -1.43 -36.34 0.92
N GLY C 74 -1.38 -35.02 1.09
CA GLY C 74 -2.12 -34.11 0.23
C GLY C 74 -3.61 -34.02 0.56
N VAL C 75 -4.27 -33.11 -0.15
CA VAL C 75 -5.69 -32.84 0.06
C VAL C 75 -6.44 -33.06 -1.24
N ILE C 76 -7.72 -33.43 -1.13
CA ILE C 76 -8.60 -33.56 -2.28
C ILE C 76 -9.91 -32.84 -1.98
N THR C 77 -10.57 -32.38 -3.04
CA THR C 77 -11.91 -31.84 -2.94
C THR C 77 -12.58 -31.93 -4.30
N ALA C 78 -13.86 -31.58 -4.35
CA ALA C 78 -14.60 -31.45 -5.59
C ALA C 78 -15.27 -30.09 -5.59
N SER C 79 -15.18 -29.37 -6.70
CA SER C 79 -15.69 -28.02 -6.76
C SER C 79 -15.95 -27.61 -8.19
N ALA C 80 -16.94 -26.74 -8.36
CA ALA C 80 -17.23 -26.12 -9.65
C ALA C 80 -16.41 -24.86 -9.92
N GLY C 81 -15.72 -24.31 -8.91
CA GLY C 81 -14.96 -23.09 -9.12
C GLY C 81 -14.35 -22.40 -7.89
N ASN C 82 -15.16 -21.81 -7.03
CA ASN C 82 -14.61 -20.92 -6.01
C ASN C 82 -13.88 -21.70 -4.93
N HIS C 83 -14.50 -22.78 -4.45
CA HIS C 83 -13.82 -23.61 -3.45
C HIS C 83 -12.54 -24.22 -4.00
N ALA C 84 -12.54 -24.56 -5.29
CA ALA C 84 -11.34 -25.09 -5.94
C ALA C 84 -10.19 -24.09 -5.89
N GLN C 85 -10.47 -22.81 -6.17
CA GLN C 85 -9.42 -21.80 -6.13
C GLN C 85 -8.95 -21.55 -4.70
N GLY C 86 -9.87 -21.59 -3.74
CA GLY C 86 -9.45 -21.51 -2.34
C GLY C 86 -8.52 -22.63 -1.95
N VAL C 87 -8.82 -23.85 -2.36
CA VAL C 87 -7.99 -24.99 -1.97
C VAL C 87 -6.66 -24.97 -2.72
N ALA C 88 -6.69 -24.62 -4.01
CA ALA C 88 -5.46 -24.54 -4.79
C ALA C 88 -4.50 -23.50 -4.24
N PHE C 89 -5.02 -22.31 -3.92
CA PHE C 89 -4.19 -21.24 -3.37
C PHE C 89 -3.64 -21.61 -2.00
N SER C 90 -4.49 -22.14 -1.12
CA SER C 90 -4.00 -22.57 0.19
C SER C 90 -2.94 -23.65 0.07
N SER C 91 -3.07 -24.54 -0.92
CA SER C 91 -2.10 -25.62 -1.04
C SER C 91 -0.73 -25.08 -1.45
N ALA C 92 -0.69 -24.12 -2.40
CA ALA C 92 0.56 -23.50 -2.77
C ALA C 92 1.25 -22.82 -1.59
N ARG C 93 0.47 -22.09 -0.77
CA ARG C 93 1.05 -21.40 0.38
C ARG C 93 1.59 -22.38 1.42
N LEU C 94 0.88 -23.49 1.65
CA LEU C 94 1.27 -24.45 2.69
C LEU C 94 2.25 -25.51 2.21
N GLY C 95 2.59 -25.54 0.93
CA GLY C 95 3.46 -26.59 0.40
C GLY C 95 2.83 -27.96 0.38
N VAL C 96 1.55 -28.06 0.05
CA VAL C 96 0.81 -29.30 0.14
C VAL C 96 0.20 -29.62 -1.21
N LYS C 97 0.26 -30.91 -1.58
CA LYS C 97 -0.32 -31.36 -2.85
C LYS C 97 -1.84 -31.35 -2.78
N ALA C 98 -2.48 -30.75 -3.78
CA ALA C 98 -3.94 -30.65 -3.81
C ALA C 98 -4.48 -31.16 -5.15
N LEU C 99 -5.48 -32.03 -5.10
CA LEU C 99 -6.16 -32.50 -6.29
C LEU C 99 -7.61 -32.05 -6.24
N ILE C 100 -8.08 -31.40 -7.29
CA ILE C 100 -9.44 -30.87 -7.35
C ILE C 100 -10.19 -31.58 -8.47
N VAL C 101 -11.26 -32.29 -8.11
CA VAL C 101 -12.11 -32.98 -9.07
C VAL C 101 -13.21 -32.01 -9.49
N MET C 102 -13.33 -31.78 -10.78
CA MET C 102 -14.32 -30.90 -11.38
C MET C 102 -15.08 -31.65 -12.46
N PRO C 103 -16.36 -31.32 -12.65
CA PRO C 103 -17.13 -32.00 -13.70
C PRO C 103 -16.52 -31.74 -15.07
N THR C 104 -16.69 -32.72 -15.97
CA THR C 104 -16.06 -32.65 -17.29
C THR C 104 -16.52 -31.46 -18.11
N ALA C 105 -17.71 -30.93 -17.83
CA ALA C 105 -18.24 -29.77 -18.53
C ALA C 105 -17.69 -28.44 -18.01
N THR C 106 -16.73 -28.46 -17.09
CA THR C 106 -16.21 -27.23 -16.51
C THR C 106 -15.45 -26.41 -17.54
N ALA C 107 -15.69 -25.10 -17.54
CA ALA C 107 -15.07 -24.20 -18.50
C ALA C 107 -13.55 -24.19 -18.36
N ASP C 108 -12.86 -24.00 -19.49
CA ASP C 108 -11.40 -24.00 -19.47
C ASP C 108 -10.84 -22.87 -18.63
N ILE C 109 -11.58 -21.76 -18.54
CA ILE C 109 -11.12 -20.63 -17.76
C ILE C 109 -11.12 -20.98 -16.28
N LYS C 110 -12.12 -21.75 -15.84
CA LYS C 110 -12.15 -22.17 -14.45
C LYS C 110 -11.06 -23.18 -14.15
N VAL C 111 -10.87 -24.17 -15.04
CA VAL C 111 -9.82 -25.16 -14.82
C VAL C 111 -8.45 -24.49 -14.82
N ASP C 112 -8.22 -23.54 -15.74
CA ASP C 112 -6.95 -22.84 -15.81
C ASP C 112 -6.68 -22.04 -14.54
N ALA C 113 -7.71 -21.37 -14.01
CA ALA C 113 -7.56 -20.60 -12.78
C ALA C 113 -7.09 -21.47 -11.63
N VAL C 114 -7.68 -22.68 -11.50
CA VAL C 114 -7.28 -23.59 -10.44
C VAL C 114 -5.84 -24.05 -10.63
N ARG C 115 -5.44 -24.35 -11.88
CA ARG C 115 -4.06 -24.76 -12.13
C ARG C 115 -3.10 -23.59 -11.93
N GLY C 116 -3.53 -22.38 -12.28
CA GLY C 116 -2.69 -21.21 -12.06
C GLY C 116 -2.38 -20.96 -10.60
N PHE C 117 -3.33 -21.29 -9.71
CA PHE C 117 -3.14 -21.14 -8.27
C PHE C 117 -2.35 -22.29 -7.66
N GLY C 118 -1.91 -23.25 -8.46
CA GLY C 118 -1.10 -24.34 -7.97
C GLY C 118 -1.86 -25.60 -7.59
N GLY C 119 -2.94 -25.91 -8.28
CA GLY C 119 -3.71 -27.11 -7.99
C GLY C 119 -3.71 -28.07 -9.18
N GLU C 120 -3.80 -29.36 -8.87
CA GLU C 120 -3.99 -30.39 -9.87
C GLU C 120 -5.48 -30.61 -10.07
N VAL C 121 -5.89 -30.72 -11.33
CA VAL C 121 -7.31 -30.79 -11.69
C VAL C 121 -7.59 -32.13 -12.35
N LEU C 122 -8.66 -32.79 -11.92
CA LEU C 122 -9.13 -34.02 -12.53
C LEU C 122 -10.54 -33.77 -13.05
N LEU C 123 -10.72 -33.85 -14.36
CA LEU C 123 -12.04 -33.71 -14.95
C LEU C 123 -12.77 -35.04 -14.90
N HIS C 124 -13.88 -35.09 -14.16
CA HIS C 124 -14.63 -36.33 -14.02
C HIS C 124 -16.06 -36.00 -13.63
N GLY C 125 -17.01 -36.70 -14.25
CA GLY C 125 -18.39 -36.58 -13.82
C GLY C 125 -19.24 -35.77 -14.77
N ALA C 126 -20.50 -36.19 -14.92
CA ALA C 126 -21.49 -35.45 -15.69
C ALA C 126 -22.15 -34.33 -14.91
N ASN C 127 -22.00 -34.32 -13.58
CA ASN C 127 -22.52 -33.24 -12.75
C ASN C 127 -21.68 -33.18 -11.48
N PHE C 128 -22.02 -32.27 -10.58
CA PHE C 128 -21.23 -32.12 -9.37
C PHE C 128 -21.32 -33.36 -8.48
N ASP C 129 -22.44 -34.09 -8.51
CA ASP C 129 -22.56 -35.24 -7.63
C ASP C 129 -21.55 -36.32 -7.99
N GLU C 130 -21.29 -36.49 -9.29
CA GLU C 130 -20.35 -37.52 -9.74
C GLU C 130 -18.91 -37.08 -9.54
N ALA C 131 -18.65 -35.78 -9.57
CA ALA C 131 -17.31 -35.31 -9.21
C ALA C 131 -17.04 -35.51 -7.72
N LYS C 132 -18.04 -35.27 -6.87
CA LYS C 132 -17.84 -35.47 -5.45
C LYS C 132 -17.70 -36.94 -5.11
N ALA C 133 -18.40 -37.83 -5.82
CA ALA C 133 -18.24 -39.25 -5.58
C ALA C 133 -16.82 -39.69 -5.91
N LYS C 134 -16.29 -39.21 -7.03
CA LYS C 134 -14.91 -39.53 -7.37
C LYS C 134 -13.92 -38.95 -6.37
N ALA C 135 -14.20 -37.78 -5.83
CA ALA C 135 -13.26 -37.18 -4.88
C ALA C 135 -13.26 -37.93 -3.56
N ILE C 136 -14.43 -38.41 -3.11
CA ILE C 136 -14.47 -39.21 -1.89
C ILE C 136 -13.85 -40.58 -2.12
N GLU C 137 -14.15 -41.21 -3.26
CA GLU C 137 -13.54 -42.50 -3.57
C GLU C 137 -12.01 -42.40 -3.59
N LEU C 138 -11.50 -41.39 -4.33
CA LEU C 138 -10.06 -41.20 -4.39
C LEU C 138 -9.48 -40.81 -3.03
N SER C 139 -10.30 -40.20 -2.19
CA SER C 139 -9.87 -39.89 -0.83
C SER C 139 -9.53 -41.17 -0.08
N GLN C 140 -10.43 -42.16 -0.12
CA GLN C 140 -10.21 -43.39 0.63
C GLN C 140 -9.16 -44.27 -0.04
N GLN C 141 -9.04 -44.22 -1.37
CA GLN C 141 -8.12 -45.07 -2.10
C GLN C 141 -6.68 -44.59 -1.98
N GLN C 142 -6.43 -43.29 -2.13
CA GLN C 142 -5.06 -42.78 -2.22
C GLN C 142 -4.65 -41.94 -1.03
N GLY C 143 -5.46 -41.89 0.02
CA GLY C 143 -5.05 -41.22 1.24
C GLY C 143 -5.05 -39.70 1.20
N PHE C 144 -5.72 -39.08 0.23
CA PHE C 144 -5.92 -37.65 0.28
C PHE C 144 -6.90 -37.30 1.40
N THR C 145 -6.66 -36.17 2.07
CA THR C 145 -7.60 -35.63 3.05
C THR C 145 -8.67 -34.81 2.34
N TRP C 146 -9.93 -35.07 2.66
CA TRP C 146 -11.03 -34.34 2.05
C TRP C 146 -11.19 -32.97 2.69
N VAL C 147 -11.24 -31.92 1.86
CA VAL C 147 -11.45 -30.56 2.33
C VAL C 147 -12.89 -30.15 2.05
N PRO C 148 -13.78 -30.16 3.04
CA PRO C 148 -15.19 -29.87 2.78
C PRO C 148 -15.41 -28.41 2.47
N PRO C 149 -16.30 -28.10 1.52
CA PRO C 149 -16.54 -26.69 1.16
C PRO C 149 -17.29 -25.89 2.23
N PHE C 150 -17.99 -26.55 3.16
CA PHE C 150 -18.67 -25.80 4.21
C PHE C 150 -18.84 -26.58 5.52
N ASP C 151 -19.19 -27.88 5.47
CA ASP C 151 -19.63 -28.61 6.67
C ASP C 151 -18.45 -29.09 7.50
N HIS C 152 -17.84 -28.18 8.22
CA HIS C 152 -16.70 -28.51 9.06
C HIS C 152 -16.43 -27.36 10.03
N PRO C 153 -16.23 -27.64 11.32
CA PRO C 153 -16.06 -26.54 12.28
C PRO C 153 -14.88 -25.61 11.97
N THR C 154 -13.74 -26.15 11.53
CA THR C 154 -12.62 -25.28 11.19
C THR C 154 -12.91 -24.45 9.94
N VAL C 155 -13.72 -24.96 9.01
CA VAL C 155 -14.09 -24.15 7.85
C VAL C 155 -15.06 -23.05 8.24
N ILE C 156 -16.01 -23.36 9.11
CA ILE C 156 -16.95 -22.37 9.62
C ILE C 156 -16.21 -21.29 10.40
N ALA C 157 -15.25 -21.68 11.26
CA ALA C 157 -14.48 -20.70 12.01
C ALA C 157 -13.73 -19.76 11.07
N GLY C 158 -13.10 -20.32 10.04
CA GLY C 158 -12.42 -19.49 9.05
C GLY C 158 -13.34 -18.45 8.42
N GLN C 159 -14.54 -18.86 7.98
CA GLN C 159 -15.42 -17.83 7.43
C GLN C 159 -15.86 -16.85 8.50
N GLY C 160 -15.86 -17.27 9.78
CA GLY C 160 -16.21 -16.38 10.86
C GLY C 160 -15.27 -15.20 11.04
N THR C 161 -14.04 -15.31 10.53
CA THR C 161 -13.14 -14.17 10.58
C THR C 161 -13.72 -12.97 9.83
N LEU C 162 -14.58 -13.23 8.84
CA LEU C 162 -15.21 -12.15 8.10
C LEU C 162 -16.10 -11.32 9.02
N ALA C 163 -16.88 -11.97 9.87
CA ALA C 163 -17.76 -11.22 10.77
C ALA C 163 -16.96 -10.50 11.84
N LEU C 164 -15.80 -11.03 12.24
CA LEU C 164 -15.00 -10.34 13.25
C LEU C 164 -14.44 -9.03 12.71
N GLU C 165 -13.96 -9.05 11.46
CA GLU C 165 -13.58 -7.81 10.79
C GLU C 165 -14.74 -6.82 10.75
N LEU C 166 -15.96 -7.29 10.45
CA LEU C 166 -17.09 -6.38 10.34
C LEU C 166 -17.34 -5.60 11.62
N LEU C 167 -17.32 -6.29 12.76
CA LEU C 167 -17.58 -5.65 14.04
C LEU C 167 -16.51 -4.62 14.40
N GLN C 168 -15.29 -4.77 13.87
CA GLN C 168 -14.29 -3.77 14.16
C GLN C 168 -14.32 -2.64 13.14
N GLN C 169 -14.78 -2.93 11.93
CA GLN C 169 -14.91 -1.90 10.92
C GLN C 169 -16.17 -1.06 11.10
N ASP C 170 -17.21 -1.60 11.72
CA ASP C 170 -18.47 -0.85 11.95
C ASP C 170 -19.24 -1.57 13.06
N ALA C 171 -19.04 -1.11 14.30
CA ALA C 171 -19.74 -1.71 15.43
C ALA C 171 -21.18 -1.21 15.59
N HIS C 172 -21.57 -0.16 14.88
CA HIS C 172 -22.96 0.32 14.91
C HIS C 172 -23.82 -0.31 13.81
N LEU C 173 -23.43 -1.47 13.30
CA LEU C 173 -24.23 -2.17 12.29
C LEU C 173 -25.56 -2.61 12.88
N ASP C 174 -26.61 -2.50 12.09
CA ASP C 174 -27.92 -2.98 12.54
C ASP C 174 -28.23 -4.40 12.08
N ARG C 175 -27.94 -4.73 10.81
CA ARG C 175 -28.29 -6.03 10.26
C ARG C 175 -27.29 -6.44 9.19
N VAL C 176 -26.94 -7.73 9.17
CA VAL C 176 -25.98 -8.28 8.22
C VAL C 176 -26.69 -9.37 7.41
N PHE C 177 -26.57 -9.31 6.07
CA PHE C 177 -27.24 -10.24 5.16
C PHE C 177 -26.22 -11.14 4.47
N VAL C 178 -26.40 -12.46 4.57
CA VAL C 178 -25.38 -13.44 4.23
C VAL C 178 -25.94 -14.39 3.16
N PRO C 179 -25.25 -14.57 2.04
CA PRO C 179 -25.68 -15.60 1.07
C PRO C 179 -25.48 -17.00 1.65
N VAL C 180 -26.34 -17.93 1.25
CA VAL C 180 -26.28 -19.31 1.73
C VAL C 180 -26.26 -20.29 0.56
N GLY C 181 -25.21 -21.10 0.48
CA GLY C 181 -25.17 -22.37 -0.22
C GLY C 181 -25.31 -23.50 0.78
N GLY C 182 -24.20 -24.11 1.21
CA GLY C 182 -24.25 -25.10 2.26
C GLY C 182 -24.31 -24.54 3.67
N GLY C 183 -24.12 -23.22 3.80
CA GLY C 183 -24.25 -22.54 5.07
C GLY C 183 -22.97 -22.38 5.86
N GLY C 184 -21.80 -22.59 5.25
CA GLY C 184 -20.56 -22.38 5.97
C GLY C 184 -20.38 -20.93 6.40
N LEU C 185 -20.55 -20.01 5.45
CA LEU C 185 -20.38 -18.59 5.75
C LEU C 185 -21.44 -18.12 6.74
N ALA C 186 -22.72 -18.40 6.47
CA ALA C 186 -23.78 -17.98 7.37
C ALA C 186 -23.57 -18.53 8.79
N ALA C 187 -23.11 -19.77 8.93
CA ALA C 187 -22.88 -20.30 10.27
C ALA C 187 -21.73 -19.58 10.97
N GLY C 188 -20.67 -19.27 10.23
CA GLY C 188 -19.53 -18.55 10.80
C GLY C 188 -19.88 -17.14 11.22
N VAL C 189 -20.52 -16.39 10.32
CA VAL C 189 -20.97 -15.05 10.66
C VAL C 189 -21.93 -15.10 11.86
N ALA C 190 -22.93 -15.98 11.81
CA ALA C 190 -23.97 -15.93 12.83
C ALA C 190 -23.45 -16.37 14.20
N VAL C 191 -22.56 -17.36 14.25
CA VAL C 191 -22.05 -17.78 15.55
C VAL C 191 -21.11 -16.74 16.13
N LEU C 192 -20.33 -16.07 15.28
CA LEU C 192 -19.40 -15.05 15.76
C LEU C 192 -20.15 -13.85 16.29
N ILE C 193 -21.14 -13.37 15.54
CA ILE C 193 -21.84 -12.16 15.92
C ILE C 193 -22.70 -12.41 17.16
N LYS C 194 -23.26 -13.60 17.30
CA LYS C 194 -24.07 -13.85 18.48
C LYS C 194 -23.23 -14.04 19.74
N GLN C 195 -21.93 -14.31 19.59
CA GLN C 195 -21.05 -14.36 20.77
C GLN C 195 -20.56 -12.99 21.21
N LEU C 196 -20.46 -12.02 20.31
CA LEU C 196 -19.82 -10.74 20.60
C LEU C 196 -20.77 -9.56 20.62
N MET C 197 -21.71 -9.48 19.68
CA MET C 197 -22.61 -8.35 19.53
C MET C 197 -23.99 -8.87 19.13
N PRO C 198 -24.66 -9.61 20.03
CA PRO C 198 -25.92 -10.30 19.65
C PRO C 198 -27.05 -9.36 19.28
N GLN C 199 -26.93 -8.06 19.53
CA GLN C 199 -27.96 -7.11 19.12
C GLN C 199 -28.06 -6.99 17.60
N ILE C 200 -27.02 -7.37 16.87
CA ILE C 200 -27.01 -7.24 15.42
C ILE C 200 -27.77 -8.41 14.80
N LYS C 201 -28.68 -8.10 13.88
CA LYS C 201 -29.48 -9.12 13.22
C LYS C 201 -28.69 -9.75 12.07
N VAL C 202 -28.67 -11.08 12.03
CA VAL C 202 -28.05 -11.85 10.95
C VAL C 202 -29.17 -12.53 10.18
N ILE C 203 -29.26 -12.25 8.89
CA ILE C 203 -30.33 -12.77 8.04
C ILE C 203 -29.69 -13.55 6.89
N ALA C 204 -30.16 -14.79 6.68
CA ALA C 204 -29.71 -15.60 5.55
C ALA C 204 -30.51 -15.28 4.30
N VAL C 205 -29.84 -15.30 3.15
CA VAL C 205 -30.45 -15.03 1.85
C VAL C 205 -30.24 -16.23 0.95
N GLU C 206 -31.31 -16.67 0.28
CA GLU C 206 -31.24 -17.81 -0.62
C GLU C 206 -31.96 -17.49 -1.92
N ALA C 207 -31.39 -17.99 -3.03
CA ALA C 207 -32.12 -18.05 -4.29
C ALA C 207 -33.34 -18.98 -4.15
N GLU C 208 -34.46 -18.57 -4.77
CA GLU C 208 -35.72 -19.30 -4.65
C GLU C 208 -35.62 -20.73 -5.15
N ASP C 209 -34.86 -20.96 -6.22
CA ASP C 209 -34.67 -22.30 -6.76
C ASP C 209 -33.47 -23.03 -6.16
N SER C 210 -32.96 -22.57 -5.02
CA SER C 210 -31.83 -23.22 -4.38
C SER C 210 -31.90 -23.05 -2.87
N ALA C 211 -33.12 -23.10 -2.32
CA ALA C 211 -33.36 -22.72 -0.93
C ALA C 211 -33.31 -23.95 -0.01
N CYS C 212 -32.13 -24.57 0.05
CA CYS C 212 -32.02 -25.79 0.84
C CYS C 212 -32.05 -25.55 2.34
N LEU C 213 -31.68 -24.34 2.81
CA LEU C 213 -31.80 -24.04 4.24
C LEU C 213 -33.24 -23.75 4.62
N LYS C 214 -33.94 -22.94 3.82
CA LYS C 214 -35.36 -22.72 4.03
C LYS C 214 -36.12 -24.04 4.13
N ALA C 215 -35.82 -24.98 3.22
CA ALA C 215 -36.41 -26.32 3.28
C ALA C 215 -36.02 -27.04 4.57
N ALA C 216 -34.75 -26.94 4.98
CA ALA C 216 -34.32 -27.59 6.23
C ALA C 216 -34.99 -26.95 7.44
N LEU C 217 -35.16 -25.63 7.43
CA LEU C 217 -35.84 -24.97 8.55
C LEU C 217 -37.32 -25.36 8.62
N ASP C 218 -37.99 -25.40 7.46
CA ASP C 218 -39.39 -25.82 7.43
C ASP C 218 -39.55 -27.21 8.02
N ALA C 219 -38.73 -28.15 7.57
CA ALA C 219 -38.78 -29.54 8.03
C ALA C 219 -38.22 -29.73 9.44
N GLY C 220 -37.32 -28.85 9.90
CA GLY C 220 -36.68 -29.03 11.19
C GLY C 220 -35.39 -29.84 11.18
N HIS C 221 -34.88 -30.20 10.01
CA HIS C 221 -33.63 -30.94 9.89
C HIS C 221 -33.19 -30.88 8.42
N PRO C 222 -31.92 -31.19 8.14
CA PRO C 222 -31.44 -31.16 6.74
C PRO C 222 -32.23 -32.12 5.85
N VAL C 223 -32.65 -31.64 4.68
CA VAL C 223 -33.39 -32.42 3.70
C VAL C 223 -32.82 -32.17 2.31
N ASP C 224 -33.05 -33.12 1.42
CA ASP C 224 -32.57 -33.01 0.05
C ASP C 224 -33.56 -32.20 -0.79
N LEU C 225 -33.02 -31.34 -1.66
CA LEU C 225 -33.90 -30.67 -2.62
C LEU C 225 -34.08 -31.55 -3.86
N PRO C 226 -35.27 -31.60 -4.43
CA PRO C 226 -35.46 -32.38 -5.67
C PRO C 226 -34.60 -31.88 -6.81
N ARG C 227 -34.56 -30.57 -7.03
CA ARG C 227 -33.73 -29.97 -8.05
C ARG C 227 -33.18 -28.65 -7.53
N VAL C 228 -31.95 -28.34 -7.93
CA VAL C 228 -31.30 -27.09 -7.55
C VAL C 228 -31.01 -26.28 -8.80
N GLY C 229 -31.46 -25.03 -8.81
CA GLY C 229 -31.15 -24.15 -9.91
C GLY C 229 -29.66 -23.90 -10.03
N LEU C 230 -29.21 -23.69 -11.27
CA LEU C 230 -27.79 -23.54 -11.54
C LEU C 230 -27.39 -22.10 -11.86
N PHE C 231 -28.35 -21.18 -11.92
CA PHE C 231 -28.04 -19.79 -12.23
C PHE C 231 -26.96 -19.24 -11.31
N ALA C 232 -27.15 -19.40 -10.00
CA ALA C 232 -26.19 -18.97 -9.00
C ALA C 232 -25.34 -20.18 -8.62
N GLU C 233 -24.19 -20.32 -9.28
CA GLU C 233 -23.39 -21.54 -9.15
C GLU C 233 -22.98 -21.78 -7.70
N GLY C 234 -22.47 -20.73 -7.04
CA GLY C 234 -21.89 -20.91 -5.72
C GLY C 234 -22.85 -21.44 -4.67
N VAL C 235 -24.13 -21.18 -4.82
CA VAL C 235 -25.12 -21.57 -3.83
C VAL C 235 -25.98 -22.74 -4.31
N ALA C 236 -25.59 -23.39 -5.41
CA ALA C 236 -26.33 -24.53 -5.95
C ALA C 236 -25.99 -25.79 -5.15
N VAL C 237 -26.53 -25.85 -3.94
CA VAL C 237 -26.28 -26.94 -3.00
C VAL C 237 -27.62 -27.62 -2.72
N LYS C 238 -27.62 -28.96 -2.78
CA LYS C 238 -28.88 -29.71 -2.67
C LYS C 238 -29.30 -29.92 -1.22
N ARG C 239 -28.35 -30.02 -0.29
CA ARG C 239 -28.63 -30.31 1.10
C ARG C 239 -27.77 -29.44 2.00
N ILE C 240 -28.39 -28.70 2.92
CA ILE C 240 -27.62 -27.94 3.89
C ILE C 240 -26.75 -28.87 4.73
N GLY C 241 -25.63 -28.35 5.22
CA GLY C 241 -24.71 -29.15 6.03
C GLY C 241 -25.30 -29.51 7.39
N ASP C 242 -24.67 -30.49 8.05
CA ASP C 242 -25.16 -30.89 9.37
C ASP C 242 -24.75 -29.88 10.44
N GLU C 243 -23.45 -29.59 10.53
CA GLU C 243 -22.99 -28.63 11.54
C GLU C 243 -23.41 -27.22 11.18
N THR C 244 -23.38 -26.85 9.89
CA THR C 244 -23.83 -25.51 9.54
C THR C 244 -25.30 -25.31 9.88
N PHE C 245 -26.14 -26.34 9.64
CA PHE C 245 -27.56 -26.17 9.98
C PHE C 245 -27.75 -26.00 11.48
N ARG C 246 -27.03 -26.79 12.28
CA ARG C 246 -27.09 -26.65 13.72
C ARG C 246 -26.81 -25.22 14.16
N LEU C 247 -25.80 -24.58 13.55
CA LEU C 247 -25.51 -23.19 13.91
C LEU C 247 -26.55 -22.25 13.34
N CYS C 248 -26.95 -22.45 12.08
CA CYS C 248 -27.88 -21.52 11.45
C CYS C 248 -29.25 -21.56 12.11
N GLN C 249 -29.75 -22.77 12.42
CA GLN C 249 -31.05 -22.87 13.08
C GLN C 249 -31.04 -22.20 14.45
N GLU C 250 -29.87 -22.17 15.10
CA GLU C 250 -29.76 -21.64 16.44
C GLU C 250 -29.55 -20.14 16.47
N TYR C 251 -28.78 -19.58 15.53
CA TYR C 251 -28.32 -18.20 15.66
C TYR C 251 -28.88 -17.24 14.63
N LEU C 252 -29.37 -17.73 13.51
CA LEU C 252 -29.92 -16.83 12.50
C LEU C 252 -31.17 -16.14 13.04
N ASP C 253 -31.34 -14.88 12.70
CA ASP C 253 -32.52 -14.15 13.10
C ASP C 253 -33.65 -14.25 12.07
N ASP C 254 -33.35 -14.44 10.80
CA ASP C 254 -34.38 -14.45 9.78
C ASP C 254 -33.79 -15.05 8.51
N ILE C 255 -34.67 -15.41 7.58
CA ILE C 255 -34.26 -15.92 6.27
C ILE C 255 -35.18 -15.29 5.23
N ILE C 256 -34.65 -15.03 4.04
CA ILE C 256 -35.42 -14.46 2.93
C ILE C 256 -34.94 -15.09 1.63
N THR C 257 -35.87 -15.25 0.67
CA THR C 257 -35.57 -15.79 -0.65
C THR C 257 -35.88 -14.77 -1.73
N VAL C 258 -35.16 -14.87 -2.85
CA VAL C 258 -35.27 -13.93 -3.96
C VAL C 258 -35.15 -14.70 -5.28
N ASP C 259 -35.74 -14.12 -6.33
CA ASP C 259 -35.81 -14.76 -7.63
C ASP C 259 -34.64 -14.29 -8.50
N SER C 260 -34.58 -14.79 -9.73
CA SER C 260 -33.47 -14.42 -10.60
C SER C 260 -33.51 -12.94 -10.99
N ASP C 261 -34.69 -12.32 -10.98
CA ASP C 261 -34.77 -10.93 -11.40
C ASP C 261 -34.06 -10.04 -10.40
N ALA C 262 -34.35 -10.23 -9.11
CA ALA C 262 -33.72 -9.43 -8.04
C ALA C 262 -32.21 -9.61 -8.04
N ILE C 263 -31.73 -10.85 -8.21
CA ILE C 263 -30.29 -11.08 -8.27
C ILE C 263 -29.66 -10.24 -9.37
N CYS C 264 -30.23 -10.30 -10.58
CA CYS C 264 -29.66 -9.55 -11.70
C CYS C 264 -29.71 -8.05 -11.45
N ALA C 265 -30.79 -7.55 -10.85
CA ALA C 265 -30.85 -6.15 -10.47
C ALA C 265 -29.71 -5.80 -9.49
N ALA C 266 -29.36 -6.71 -8.60
CA ALA C 266 -28.29 -6.44 -7.65
C ALA C 266 -26.92 -6.42 -8.33
N VAL C 267 -26.70 -7.30 -9.31
CA VAL C 267 -25.47 -7.26 -10.08
C VAL C 267 -25.28 -5.90 -10.73
N LYS C 268 -26.35 -5.34 -11.30
CA LYS C 268 -26.30 -4.01 -11.89
C LYS C 268 -26.02 -2.94 -10.82
N ASP C 269 -26.68 -3.03 -9.67
CA ASP C 269 -26.45 -2.07 -8.58
C ASP C 269 -24.98 -2.04 -8.16
N LEU C 270 -24.38 -3.21 -7.96
CA LEU C 270 -22.99 -3.24 -7.50
C LEU C 270 -22.03 -2.73 -8.57
N PHE C 271 -22.35 -2.95 -9.84
CA PHE C 271 -21.48 -2.44 -10.89
C PHE C 271 -21.50 -0.91 -10.92
N GLU C 272 -22.64 -0.30 -10.63
CA GLU C 272 -22.76 1.15 -10.73
C GLU C 272 -22.29 1.86 -9.48
N ASP C 273 -22.26 1.18 -8.34
CA ASP C 273 -21.83 1.77 -7.08
C ASP C 273 -20.39 1.47 -6.68
N VAL C 274 -19.86 0.28 -6.99
CA VAL C 274 -18.49 -0.02 -6.60
C VAL C 274 -17.69 -0.54 -7.80
N ARG C 275 -18.26 -0.45 -9.00
CA ARG C 275 -17.52 -0.74 -10.24
C ARG C 275 -16.98 -2.17 -10.30
N ALA C 276 -17.68 -3.12 -9.68
CA ALA C 276 -17.29 -4.53 -9.72
C ALA C 276 -18.40 -5.34 -10.37
N VAL C 277 -18.03 -6.35 -11.16
CA VAL C 277 -19.00 -7.30 -11.71
C VAL C 277 -19.07 -8.49 -10.76
N ALA C 278 -20.10 -8.53 -9.92
CA ALA C 278 -20.30 -9.68 -9.05
C ALA C 278 -20.87 -10.86 -9.84
N GLU C 279 -20.48 -12.07 -9.44
CA GLU C 279 -21.19 -13.24 -9.91
C GLU C 279 -22.56 -13.31 -9.23
N PRO C 280 -23.53 -14.02 -9.81
CA PRO C 280 -24.89 -14.03 -9.23
C PRO C 280 -24.93 -14.35 -7.72
N SER C 281 -24.14 -15.31 -7.24
CA SER C 281 -24.12 -15.60 -5.81
C SER C 281 -23.44 -14.48 -5.03
N GLY C 282 -22.62 -13.67 -5.69
CA GLY C 282 -22.02 -12.52 -5.05
C GLY C 282 -22.98 -11.37 -4.84
N ALA C 283 -24.04 -11.28 -5.66
CA ALA C 283 -25.05 -10.24 -5.51
C ALA C 283 -26.26 -10.72 -4.73
N LEU C 284 -26.27 -11.98 -4.30
CA LEU C 284 -27.48 -12.58 -3.72
C LEU C 284 -27.88 -11.86 -2.43
N ALA C 285 -26.91 -11.60 -1.55
CA ALA C 285 -27.26 -11.01 -0.26
C ALA C 285 -27.80 -9.59 -0.43
N LEU C 286 -27.24 -8.83 -1.37
CA LEU C 286 -27.78 -7.50 -1.66
C LEU C 286 -29.23 -7.60 -2.12
N ALA C 287 -29.54 -8.55 -3.02
CA ALA C 287 -30.92 -8.72 -3.47
C ALA C 287 -31.85 -9.04 -2.32
N GLY C 288 -31.41 -9.90 -1.40
CA GLY C 288 -32.21 -10.17 -0.22
C GLY C 288 -32.40 -8.94 0.64
N MET C 289 -31.33 -8.14 0.82
CA MET C 289 -31.45 -6.95 1.66
C MET C 289 -32.47 -5.97 1.08
N LYS C 290 -32.41 -5.72 -0.23
CA LYS C 290 -33.37 -4.83 -0.87
C LYS C 290 -34.80 -5.31 -0.68
N LYS C 291 -35.04 -6.62 -0.79
CA LYS C 291 -36.39 -7.13 -0.55
C LYS C 291 -36.78 -6.98 0.92
N TYR C 292 -35.86 -7.28 1.84
CA TYR C 292 -36.11 -7.09 3.27
C TYR C 292 -36.47 -5.65 3.60
N ILE C 293 -35.75 -4.70 3.00
CA ILE C 293 -35.96 -3.29 3.32
C ILE C 293 -37.38 -2.88 2.98
N ALA C 294 -37.86 -3.29 1.81
CA ALA C 294 -39.21 -2.97 1.37
C ALA C 294 -40.25 -3.73 2.20
N GLN C 295 -40.06 -5.04 2.40
CA GLN C 295 -41.05 -5.84 3.13
C GLN C 295 -41.24 -5.35 4.56
N HIS C 296 -40.18 -4.89 5.21
CA HIS C 296 -40.23 -4.46 6.60
C HIS C 296 -40.18 -2.95 6.76
N ASN C 297 -40.09 -2.19 5.67
CA ASN C 297 -40.10 -0.72 5.71
C ASN C 297 -38.98 -0.19 6.60
N ILE C 298 -37.76 -0.62 6.28
CA ILE C 298 -36.57 -0.28 7.07
C ILE C 298 -36.07 1.10 6.65
N ARG C 299 -35.87 1.98 7.63
CA ARG C 299 -35.37 3.33 7.35
C ARG C 299 -34.40 3.74 8.44
N GLY C 300 -33.33 4.43 8.04
CA GLY C 300 -32.40 5.00 9.00
C GLY C 300 -31.47 4.00 9.66
N GLU C 301 -31.21 2.85 9.05
CA GLU C 301 -30.37 1.85 9.66
C GLU C 301 -29.06 1.68 8.90
N ARG C 302 -28.13 0.99 9.54
CA ARG C 302 -26.84 0.62 8.96
C ARG C 302 -26.90 -0.86 8.61
N LEU C 303 -26.86 -1.16 7.32
CA LEU C 303 -27.10 -2.51 6.81
C LEU C 303 -25.95 -2.96 5.92
N ALA C 304 -25.47 -4.18 6.14
CA ALA C 304 -24.33 -4.71 5.40
C ALA C 304 -24.70 -6.02 4.72
N HIS C 305 -24.16 -6.21 3.51
CA HIS C 305 -24.24 -7.47 2.80
C HIS C 305 -22.84 -7.87 2.31
N ILE C 306 -22.68 -9.17 2.04
CA ILE C 306 -21.39 -9.73 1.62
C ILE C 306 -21.45 -9.96 0.11
N LEU C 307 -20.68 -9.18 -0.65
CA LEU C 307 -20.31 -9.54 -2.01
C LEU C 307 -19.35 -10.72 -1.95
N SER C 308 -19.87 -11.94 -2.01
CA SER C 308 -19.07 -13.11 -1.66
C SER C 308 -18.13 -13.58 -2.76
N GLY C 309 -18.33 -13.18 -4.01
CA GLY C 309 -17.48 -13.68 -5.09
C GLY C 309 -17.68 -12.91 -6.36
N ALA C 310 -16.63 -12.90 -7.20
CA ALA C 310 -16.67 -12.20 -8.48
C ALA C 310 -15.94 -12.99 -9.56
N ASN C 311 -16.12 -14.31 -9.58
CA ASN C 311 -15.60 -15.16 -10.64
C ASN C 311 -16.76 -15.47 -11.58
N VAL C 312 -16.91 -14.64 -12.61
CA VAL C 312 -18.05 -14.73 -13.51
C VAL C 312 -17.57 -15.22 -14.87
N ASN C 313 -18.39 -16.08 -15.47
CA ASN C 313 -18.25 -16.45 -16.88
C ASN C 313 -18.64 -15.24 -17.72
N PHE C 314 -17.75 -14.81 -18.61
CA PHE C 314 -18.02 -13.60 -19.39
C PHE C 314 -19.26 -13.78 -20.26
N LEU C 315 -19.29 -14.86 -21.06
CA LEU C 315 -20.46 -15.12 -21.89
C LEU C 315 -21.71 -15.39 -21.06
N GLY C 316 -21.56 -15.86 -19.81
CA GLY C 316 -22.70 -15.99 -18.92
C GLY C 316 -23.33 -14.67 -18.51
N LEU C 317 -22.64 -13.55 -18.75
CA LEU C 317 -23.20 -12.24 -18.41
C LEU C 317 -24.35 -11.86 -19.32
N ARG C 318 -24.46 -12.50 -20.50
CA ARG C 318 -25.58 -12.26 -21.38
C ARG C 318 -26.90 -12.46 -20.66
N TYR C 319 -27.03 -13.55 -19.92
CA TYR C 319 -28.27 -13.82 -19.21
C TYR C 319 -28.58 -12.71 -18.22
N VAL C 320 -27.58 -12.30 -17.41
CA VAL C 320 -27.78 -11.26 -16.42
C VAL C 320 -28.16 -9.94 -17.07
N LEU C 321 -27.50 -9.59 -18.18
CA LEU C 321 -27.78 -8.32 -18.84
C LEU C 321 -29.12 -8.33 -19.55
N GLU C 322 -29.51 -9.49 -20.10
CA GLU C 322 -30.82 -9.61 -20.72
C GLU C 322 -31.92 -9.41 -19.69
N ARG C 323 -31.80 -10.05 -18.52
CA ARG C 323 -32.81 -9.84 -17.49
C ARG C 323 -32.88 -8.38 -17.05
N CYS C 324 -31.73 -7.70 -16.99
CA CYS C 324 -31.73 -6.30 -16.58
C CYS C 324 -32.42 -5.42 -17.63
N GLU C 325 -32.17 -5.70 -18.92
CA GLU C 325 -32.90 -5.02 -19.98
C GLU C 325 -34.40 -5.27 -19.88
N LEU C 326 -34.79 -6.53 -19.63
CA LEU C 326 -36.20 -6.86 -19.46
C LEU C 326 -36.80 -6.10 -18.28
N LEU C 327 -36.00 -5.86 -17.22
CA LEU C 327 -36.50 -5.09 -16.08
C LEU C 327 -36.67 -3.62 -16.41
N GLU C 328 -35.83 -3.07 -17.29
CA GLU C 328 -36.01 -1.70 -17.76
C GLU C 328 -37.32 -1.54 -18.54
N LEU C 329 -37.61 -2.50 -19.43
CA LEU C 329 -38.86 -2.44 -20.20
C LEU C 329 -40.09 -2.34 -19.30
N GLU C 330 -40.02 -2.86 -18.08
CA GLU C 330 -41.06 -2.64 -17.08
C GLU C 330 -40.69 -1.45 -16.19
N SER D 1 5.77 27.67 -26.51
CA SER D 1 4.80 26.63 -26.19
C SER D 1 3.60 26.69 -27.15
N GLY D 2 3.87 26.79 -28.46
CA GLY D 2 2.81 26.83 -29.45
C GLY D 2 2.93 25.73 -30.50
N ALA D 3 4.13 25.53 -31.02
CA ALA D 3 4.47 24.40 -31.88
C ALA D 3 5.86 23.91 -31.53
N PRO D 4 6.02 23.29 -30.35
CA PRO D 4 7.37 22.98 -29.85
C PRO D 4 8.04 21.85 -30.62
N GLU D 5 9.37 21.83 -30.54
CA GLU D 5 10.19 20.77 -31.09
C GLU D 5 10.28 19.61 -30.11
N GLY D 6 10.76 18.46 -30.61
CA GLY D 6 10.78 17.25 -29.81
C GLY D 6 11.47 17.44 -28.46
N ALA D 7 12.64 18.08 -28.46
CA ALA D 7 13.34 18.30 -27.21
C ALA D 7 12.52 19.14 -26.22
N GLU D 8 11.75 20.11 -26.73
CA GLU D 8 10.91 20.92 -25.84
C GLU D 8 9.73 20.13 -25.30
N TYR D 9 9.19 19.19 -26.09
CA TYR D 9 8.15 18.31 -25.59
C TYR D 9 8.68 17.38 -24.51
N LEU D 10 9.88 16.82 -24.71
CA LEU D 10 10.49 15.93 -23.71
C LEU D 10 10.60 16.61 -22.36
N ARG D 11 11.18 17.82 -22.31
CA ARG D 11 11.24 18.56 -21.06
C ARG D 11 9.85 18.88 -20.54
N ALA D 12 8.89 19.17 -21.43
CA ALA D 12 7.53 19.42 -20.96
C ALA D 12 6.94 18.19 -20.28
N VAL D 13 7.29 16.99 -20.77
CA VAL D 13 6.72 15.77 -20.20
C VAL D 13 7.26 15.57 -18.79
N LEU D 14 8.56 15.81 -18.59
CA LEU D 14 9.14 15.80 -17.25
C LEU D 14 8.52 16.88 -16.35
N ARG D 15 8.15 18.02 -16.91
CA ARG D 15 7.67 19.10 -16.06
C ARG D 15 6.19 18.97 -15.71
N ALA D 16 5.43 18.19 -16.47
CA ALA D 16 4.01 18.02 -16.20
C ALA D 16 3.80 17.45 -14.79
N PRO D 17 3.10 18.15 -13.91
CA PRO D 17 2.93 17.69 -12.53
C PRO D 17 1.82 16.63 -12.37
N VAL D 18 1.80 15.64 -13.27
CA VAL D 18 0.63 14.74 -13.34
C VAL D 18 0.49 13.93 -12.06
N TYR D 19 1.57 13.67 -11.33
CA TYR D 19 1.47 12.83 -10.15
C TYR D 19 0.87 13.55 -8.94
N GLU D 20 0.45 14.80 -9.08
CA GLU D 20 -0.35 15.42 -8.02
C GLU D 20 -1.80 14.96 -8.07
N ALA D 21 -2.21 14.25 -9.12
CA ALA D 21 -3.59 13.80 -9.26
C ALA D 21 -3.63 12.39 -9.85
N ALA D 22 -2.81 12.15 -10.87
CA ALA D 22 -2.71 10.84 -11.49
C ALA D 22 -1.69 9.98 -10.75
N GLN D 23 -1.68 8.71 -11.10
CA GLN D 23 -0.74 7.77 -10.52
C GLN D 23 -0.12 6.92 -11.62
N VAL D 24 1.05 6.35 -11.31
CA VAL D 24 1.73 5.40 -12.19
C VAL D 24 0.87 4.15 -12.29
N THR D 25 0.49 3.78 -13.53
CA THR D 25 -0.40 2.64 -13.59
C THR D 25 0.34 1.36 -13.96
N PRO D 26 -0.17 0.20 -13.56
CA PRO D 26 0.55 -1.05 -13.83
C PRO D 26 0.65 -1.34 -15.32
N LEU D 27 1.72 -2.05 -15.67
CA LEU D 27 1.92 -2.61 -17.00
C LEU D 27 1.88 -4.13 -16.83
N GLN D 28 0.77 -4.75 -17.20
CA GLN D 28 0.53 -6.16 -16.90
C GLN D 28 0.66 -7.03 -18.14
N LYS D 29 1.19 -8.22 -17.95
CA LYS D 29 1.17 -9.20 -19.01
C LYS D 29 -0.19 -9.85 -19.09
N MET D 30 -0.72 -9.99 -20.30
CA MET D 30 -1.94 -10.77 -20.55
C MET D 30 -1.48 -12.21 -20.80
N GLU D 31 -1.70 -13.09 -19.81
CA GLU D 31 -1.15 -14.45 -19.87
C GLU D 31 -1.79 -15.29 -20.96
N LYS D 32 -3.13 -15.39 -20.97
CA LYS D 32 -3.80 -16.23 -21.96
C LYS D 32 -3.48 -15.75 -23.37
N LEU D 33 -3.63 -14.44 -23.61
CA LEU D 33 -3.40 -13.90 -24.94
C LEU D 33 -1.95 -14.05 -25.37
N SER D 34 -1.01 -13.92 -24.44
CA SER D 34 0.41 -14.06 -24.78
C SER D 34 0.75 -15.47 -25.23
N SER D 35 0.25 -16.48 -24.51
CA SER D 35 0.46 -17.86 -24.92
C SER D 35 -0.25 -18.16 -26.24
N ARG D 36 -1.43 -17.56 -26.46
CA ARG D 36 -2.19 -17.86 -27.67
C ARG D 36 -1.57 -17.23 -28.91
N LEU D 37 -1.02 -16.02 -28.79
CA LEU D 37 -0.57 -15.25 -29.95
C LEU D 37 0.94 -15.28 -30.14
N ASP D 38 1.67 -16.03 -29.31
CA ASP D 38 3.11 -16.21 -29.49
C ASP D 38 3.86 -14.88 -29.46
N ASN D 39 3.36 -13.95 -28.65
CA ASN D 39 4.06 -12.71 -28.33
C ASN D 39 3.83 -12.43 -26.85
N VAL D 40 4.69 -11.60 -26.27
CA VAL D 40 4.46 -11.06 -24.94
C VAL D 40 3.58 -9.82 -25.09
N ILE D 41 2.33 -9.90 -24.65
CA ILE D 41 1.35 -8.85 -24.87
C ILE D 41 1.07 -8.18 -23.53
N LEU D 42 1.47 -6.91 -23.39
CA LEU D 42 1.30 -6.17 -22.16
C LEU D 42 0.22 -5.11 -22.32
N VAL D 43 -0.47 -4.81 -21.21
CA VAL D 43 -1.54 -3.81 -21.16
C VAL D 43 -1.18 -2.75 -20.12
N LYS D 44 -1.22 -1.48 -20.53
CA LYS D 44 -1.08 -0.35 -19.63
C LYS D 44 -2.45 -0.03 -19.02
N ARG D 45 -2.58 -0.14 -17.70
CA ARG D 45 -3.88 -0.12 -17.04
C ARG D 45 -4.28 1.31 -16.63
N GLU D 46 -4.64 2.11 -17.65
CA GLU D 46 -5.09 3.47 -17.37
C GLU D 46 -6.48 3.50 -16.75
N ASP D 47 -7.24 2.40 -16.82
CA ASP D 47 -8.49 2.29 -16.07
C ASP D 47 -8.28 2.40 -14.56
N ARG D 48 -7.04 2.20 -14.07
CA ARG D 48 -6.75 2.30 -12.63
C ARG D 48 -6.58 3.74 -12.15
N GLN D 49 -6.58 4.72 -13.03
CA GLN D 49 -6.54 6.12 -12.61
C GLN D 49 -7.80 6.48 -11.81
N PRO D 50 -7.72 7.50 -10.96
CA PRO D 50 -8.88 7.87 -10.13
C PRO D 50 -10.16 8.18 -10.91
N VAL D 51 -10.06 8.68 -12.14
CA VAL D 51 -11.23 8.87 -13.01
C VAL D 51 -11.39 7.73 -14.01
N HIS D 52 -10.55 6.70 -13.92
CA HIS D 52 -10.67 5.49 -14.73
C HIS D 52 -10.46 5.75 -16.22
N SER D 53 -9.61 6.72 -16.54
CA SER D 53 -9.12 6.92 -17.90
C SER D 53 -7.90 7.82 -17.81
N PHE D 54 -7.08 7.80 -18.85
CA PHE D 54 -5.84 8.56 -18.90
C PHE D 54 -6.04 10.07 -18.93
N1 LLP D 55 -9.67 6.12 -25.22
C2 LLP D 55 -10.51 6.63 -24.31
C2' LLP D 55 -11.12 5.72 -23.20
C3 LLP D 55 -10.84 8.00 -24.35
O3 LLP D 55 -11.71 8.52 -23.38
C4 LLP D 55 -10.31 8.82 -25.33
C4' LLP D 55 -10.70 10.39 -25.34
C5 LLP D 55 -9.45 8.31 -26.27
C6 LLP D 55 -9.13 6.95 -26.22
C5' LLP D 55 -8.84 9.21 -27.40
OP4 LLP D 55 -7.96 10.18 -26.88
P LLP D 55 -7.44 11.29 -27.82
OP1 LLP D 55 -8.55 12.33 -28.06
OP2 LLP D 55 -6.97 10.71 -29.10
OP3 LLP D 55 -6.28 11.96 -27.15
N LLP D 55 -7.27 10.52 -19.15
CA LLP D 55 -7.49 11.93 -19.49
CB LLP D 55 -8.90 12.10 -19.98
CG LLP D 55 -8.95 11.51 -21.39
CD LLP D 55 -10.09 12.20 -22.15
CE LLP D 55 -9.97 11.88 -23.66
NZ LLP D 55 -10.89 10.78 -23.99
C LLP D 55 -7.21 12.85 -18.34
O LLP D 55 -7.14 14.05 -18.52
N LEU D 56 -7.03 12.29 -17.16
CA LEU D 56 -6.64 13.08 -16.00
C LEU D 56 -5.23 13.65 -16.16
N ARG D 57 -4.36 12.94 -16.90
CA ARG D 57 -2.98 13.38 -17.09
C ARG D 57 -2.91 14.71 -17.85
N GLY D 58 -3.52 14.76 -19.03
CA GLY D 58 -3.46 16.00 -19.82
C GLY D 58 -4.23 17.15 -19.19
N ALA D 59 -5.42 16.87 -18.67
CA ALA D 59 -6.23 17.91 -18.06
C ALA D 59 -5.53 18.54 -16.87
N TYR D 60 -4.92 17.73 -16.00
CA TYR D 60 -4.29 18.30 -14.82
C TYR D 60 -3.03 19.09 -15.18
N ALA D 61 -2.25 18.59 -16.14
CA ALA D 61 -1.06 19.33 -16.56
C ALA D 61 -1.43 20.69 -17.15
N MET D 62 -2.45 20.72 -18.01
CA MET D 62 -2.87 21.98 -18.63
C MET D 62 -3.44 22.94 -17.58
N MET D 63 -4.25 22.43 -16.66
CA MET D 63 -4.93 23.31 -15.70
C MET D 63 -3.97 23.80 -14.63
N ALA D 64 -3.02 22.97 -14.21
CA ALA D 64 -2.04 23.42 -13.24
C ALA D 64 -1.07 24.42 -13.85
N GLY D 65 -0.92 24.44 -15.18
CA GLY D 65 -0.06 25.38 -15.85
C GLY D 65 -0.64 26.75 -16.09
N LEU D 66 -1.93 26.96 -15.80
CA LEU D 66 -2.58 28.23 -16.03
C LEU D 66 -2.09 29.28 -15.01
N THR D 67 -2.19 30.55 -15.40
CA THR D 67 -1.82 31.67 -14.56
C THR D 67 -2.73 31.75 -13.32
N GLU D 68 -2.27 32.50 -12.32
CA GLU D 68 -3.08 32.70 -11.11
C GLU D 68 -4.37 33.46 -11.43
N GLU D 69 -4.33 34.33 -12.44
CA GLU D 69 -5.54 35.02 -12.88
C GLU D 69 -6.53 34.04 -13.48
N GLN D 70 -6.06 33.19 -14.40
CA GLN D 70 -6.96 32.25 -15.06
C GLN D 70 -7.58 31.27 -14.07
N LYS D 71 -6.78 30.78 -13.12
CA LYS D 71 -7.32 29.85 -12.14
C LYS D 71 -8.42 30.49 -11.31
N ALA D 72 -8.23 31.76 -10.92
CA ALA D 72 -9.26 32.46 -10.14
C ALA D 72 -10.54 32.65 -10.93
N HIS D 73 -10.45 32.70 -12.26
CA HIS D 73 -11.62 32.85 -13.13
C HIS D 73 -12.26 31.52 -13.50
N GLY D 74 -11.63 30.40 -13.16
CA GLY D 74 -12.21 29.10 -13.42
C GLY D 74 -11.99 28.62 -14.84
N VAL D 75 -12.32 27.36 -15.05
CA VAL D 75 -12.18 26.69 -16.34
C VAL D 75 -13.54 26.17 -16.77
N ILE D 76 -13.65 25.91 -18.07
CA ILE D 76 -14.87 25.40 -18.67
C ILE D 76 -14.48 24.40 -19.74
N THR D 77 -15.37 23.44 -20.00
CA THR D 77 -15.22 22.55 -21.15
C THR D 77 -16.58 21.95 -21.49
N ALA D 78 -16.63 21.28 -22.64
CA ALA D 78 -17.84 20.58 -23.08
C ALA D 78 -17.51 19.11 -23.27
N SER D 79 -18.26 18.25 -22.57
CA SER D 79 -17.98 16.83 -22.59
C SER D 79 -19.03 16.13 -21.76
N ALA D 80 -19.41 14.92 -22.18
CA ALA D 80 -20.30 14.09 -21.40
C ALA D 80 -19.60 12.90 -20.77
N GLY D 81 -18.28 12.77 -20.93
CA GLY D 81 -17.61 11.56 -20.52
C GLY D 81 -16.28 11.75 -19.84
N ASN D 82 -15.25 11.11 -20.38
CA ASN D 82 -13.98 10.98 -19.67
C ASN D 82 -13.31 12.33 -19.45
N HIS D 83 -13.24 13.14 -20.51
CA HIS D 83 -12.60 14.45 -20.40
C HIS D 83 -13.26 15.30 -19.31
N ALA D 84 -14.60 15.27 -19.24
CA ALA D 84 -15.31 15.99 -18.19
C ALA D 84 -14.94 15.47 -16.80
N GLN D 85 -14.80 14.15 -16.65
CA GLN D 85 -14.39 13.62 -15.35
C GLN D 85 -12.96 14.01 -15.00
N GLY D 86 -12.08 14.10 -16.00
CA GLY D 86 -10.72 14.53 -15.72
C GLY D 86 -10.62 15.98 -15.32
N VAL D 87 -11.38 16.84 -16.00
CA VAL D 87 -11.40 18.27 -15.67
C VAL D 87 -12.02 18.49 -14.29
N ALA D 88 -13.10 17.76 -13.97
CA ALA D 88 -13.73 17.89 -12.65
C ALA D 88 -12.78 17.50 -11.53
N PHE D 89 -12.09 16.37 -11.69
CA PHE D 89 -11.16 15.92 -10.65
C PHE D 89 -10.00 16.89 -10.50
N SER D 90 -9.46 17.39 -11.61
CA SER D 90 -8.34 18.32 -11.55
C SER D 90 -8.75 19.60 -10.83
N SER D 91 -9.94 20.11 -11.15
CA SER D 91 -10.42 21.33 -10.53
C SER D 91 -10.61 21.17 -9.03
N ALA D 92 -11.09 20.00 -8.59
CA ALA D 92 -11.19 19.74 -7.16
C ALA D 92 -9.83 19.71 -6.49
N ARG D 93 -8.82 19.14 -7.17
CA ARG D 93 -7.48 18.99 -6.59
C ARG D 93 -6.70 20.30 -6.63
N LEU D 94 -6.98 21.17 -7.60
CA LEU D 94 -6.36 22.48 -7.70
C LEU D 94 -7.15 23.57 -6.98
N GLY D 95 -8.35 23.28 -6.50
CA GLY D 95 -9.16 24.31 -5.89
C GLY D 95 -9.56 25.40 -6.86
N VAL D 96 -9.98 25.02 -8.05
CA VAL D 96 -10.39 25.94 -9.10
C VAL D 96 -11.82 25.62 -9.49
N LYS D 97 -12.64 26.65 -9.72
CA LYS D 97 -14.00 26.42 -10.17
C LYS D 97 -13.98 25.89 -11.60
N ALA D 98 -14.82 24.88 -11.87
CA ALA D 98 -14.92 24.28 -13.20
C ALA D 98 -16.37 24.12 -13.58
N LEU D 99 -16.72 24.57 -14.77
CA LEU D 99 -18.06 24.35 -15.31
C LEU D 99 -17.95 23.41 -16.51
N ILE D 100 -18.74 22.34 -16.49
CA ILE D 100 -18.76 21.37 -17.58
C ILE D 100 -20.13 21.44 -18.24
N VAL D 101 -20.15 21.73 -19.55
CA VAL D 101 -21.38 21.76 -20.30
C VAL D 101 -21.62 20.42 -20.97
N MET D 102 -22.82 19.86 -20.78
CA MET D 102 -23.20 18.62 -21.43
C MET D 102 -24.54 18.78 -22.13
N PRO D 103 -24.79 18.00 -23.19
CA PRO D 103 -26.12 17.97 -23.80
C PRO D 103 -27.18 17.57 -22.78
N THR D 104 -28.33 18.24 -22.86
CA THR D 104 -29.42 18.03 -21.91
C THR D 104 -29.82 16.56 -21.79
N ALA D 105 -29.68 15.79 -22.87
CA ALA D 105 -30.10 14.39 -22.90
C ALA D 105 -29.10 13.45 -22.22
N THR D 106 -28.01 13.97 -21.65
CA THR D 106 -27.00 13.11 -21.07
C THR D 106 -27.58 12.33 -19.89
N ALA D 107 -27.13 11.09 -19.74
CA ALA D 107 -27.64 10.21 -18.68
C ALA D 107 -27.24 10.70 -17.30
N ASP D 108 -28.11 10.42 -16.32
CA ASP D 108 -27.87 10.87 -14.95
C ASP D 108 -26.56 10.35 -14.39
N ILE D 109 -26.22 9.10 -14.71
CA ILE D 109 -25.02 8.49 -14.13
C ILE D 109 -23.76 9.20 -14.63
N LYS D 110 -23.79 9.68 -15.87
CA LYS D 110 -22.67 10.48 -16.36
C LYS D 110 -22.60 11.83 -15.64
N VAL D 111 -23.73 12.53 -15.54
CA VAL D 111 -23.76 13.81 -14.85
C VAL D 111 -23.32 13.66 -13.41
N ASP D 112 -23.81 12.64 -12.71
CA ASP D 112 -23.47 12.49 -11.30
C ASP D 112 -22.02 12.09 -11.10
N ALA D 113 -21.43 11.36 -12.06
CA ALA D 113 -20.02 11.02 -11.95
C ALA D 113 -19.16 12.28 -12.00
N VAL D 114 -19.46 13.19 -12.92
CA VAL D 114 -18.71 14.44 -12.99
C VAL D 114 -18.95 15.28 -11.74
N ARG D 115 -20.20 15.33 -11.26
CA ARG D 115 -20.50 16.09 -10.05
C ARG D 115 -19.79 15.49 -8.84
N GLY D 116 -19.81 14.16 -8.71
CA GLY D 116 -19.14 13.52 -7.61
C GLY D 116 -17.65 13.80 -7.56
N PHE D 117 -17.03 14.07 -8.72
CA PHE D 117 -15.62 14.42 -8.76
C PHE D 117 -15.36 15.89 -8.43
N GLY D 118 -16.40 16.72 -8.40
CA GLY D 118 -16.29 18.10 -7.98
C GLY D 118 -16.58 19.18 -9.03
N GLY D 119 -17.19 18.82 -10.16
CA GLY D 119 -17.42 19.75 -11.26
C GLY D 119 -18.87 20.21 -11.29
N GLU D 120 -19.06 21.52 -11.47
CA GLU D 120 -20.39 22.02 -11.74
C GLU D 120 -20.77 21.65 -13.17
N VAL D 121 -22.01 21.17 -13.36
CA VAL D 121 -22.49 20.72 -14.65
C VAL D 121 -23.60 21.66 -15.12
N LEU D 122 -23.51 22.12 -16.36
CA LEU D 122 -24.58 22.88 -17.01
C LEU D 122 -25.11 22.07 -18.18
N LEU D 123 -26.35 21.62 -18.08
CA LEU D 123 -27.01 20.86 -19.15
C LEU D 123 -27.56 21.83 -20.18
N HIS D 124 -27.16 21.67 -21.43
CA HIS D 124 -27.55 22.62 -22.47
C HIS D 124 -27.22 22.04 -23.84
N GLY D 125 -28.15 22.16 -24.76
CA GLY D 125 -27.95 21.76 -26.13
C GLY D 125 -28.65 20.45 -26.45
N ALA D 126 -28.97 20.27 -27.73
CA ALA D 126 -29.57 19.04 -28.21
C ALA D 126 -28.53 18.02 -28.68
N ASN D 127 -27.26 18.39 -28.71
CA ASN D 127 -26.18 17.50 -29.13
C ASN D 127 -24.87 18.09 -28.63
N PHE D 128 -23.77 17.38 -28.91
CA PHE D 128 -22.47 17.83 -28.41
C PHE D 128 -22.09 19.19 -29.00
N ASP D 129 -22.40 19.40 -30.29
CA ASP D 129 -21.97 20.64 -30.94
C ASP D 129 -22.55 21.86 -30.24
N GLU D 130 -23.84 21.82 -29.91
CA GLU D 130 -24.46 22.94 -29.22
C GLU D 130 -23.89 23.09 -27.81
N ALA D 131 -23.59 21.98 -27.14
CA ALA D 131 -22.96 22.07 -25.82
C ALA D 131 -21.61 22.76 -25.93
N LYS D 132 -20.81 22.43 -26.95
CA LYS D 132 -19.52 23.10 -27.11
C LYS D 132 -19.69 24.58 -27.43
N ALA D 133 -20.65 24.91 -28.31
CA ALA D 133 -20.88 26.30 -28.66
C ALA D 133 -21.23 27.14 -27.42
N LYS D 134 -22.07 26.59 -26.53
CA LYS D 134 -22.41 27.30 -25.31
C LYS D 134 -21.18 27.53 -24.44
N ALA D 135 -20.36 26.48 -24.29
CA ALA D 135 -19.16 26.58 -23.45
C ALA D 135 -18.22 27.64 -23.98
N ILE D 136 -18.03 27.71 -25.30
CA ILE D 136 -17.15 28.72 -25.86
C ILE D 136 -17.73 30.11 -25.67
N GLU D 137 -19.06 30.25 -25.80
CA GLU D 137 -19.70 31.54 -25.55
C GLU D 137 -19.56 31.96 -24.09
N LEU D 138 -19.84 31.05 -23.16
CA LEU D 138 -19.64 31.35 -21.74
C LEU D 138 -18.19 31.65 -21.44
N SER D 139 -17.27 31.05 -22.19
CA SER D 139 -15.86 31.38 -22.01
C SER D 139 -15.61 32.84 -22.35
N GLN D 140 -16.18 33.33 -23.44
CA GLN D 140 -15.98 34.73 -23.79
C GLN D 140 -16.75 35.67 -22.84
N GLN D 141 -17.94 35.27 -22.40
CA GLN D 141 -18.74 36.17 -21.58
C GLN D 141 -18.20 36.27 -20.15
N GLN D 142 -17.86 35.12 -19.54
CA GLN D 142 -17.54 35.07 -18.12
C GLN D 142 -16.08 34.78 -17.85
N GLY D 143 -15.24 34.67 -18.88
CA GLY D 143 -13.82 34.55 -18.68
C GLY D 143 -13.34 33.20 -18.19
N PHE D 144 -14.12 32.14 -18.38
CA PHE D 144 -13.60 30.79 -18.15
C PHE D 144 -12.54 30.46 -19.17
N THR D 145 -11.47 29.82 -18.71
CA THR D 145 -10.44 29.29 -19.61
C THR D 145 -10.90 27.93 -20.13
N TRP D 146 -11.01 27.82 -21.44
CA TRP D 146 -11.39 26.56 -22.06
C TRP D 146 -10.25 25.54 -21.92
N VAL D 147 -10.61 24.31 -21.57
CA VAL D 147 -9.70 23.18 -21.44
C VAL D 147 -9.91 22.23 -22.61
N PRO D 148 -9.04 22.22 -23.62
CA PRO D 148 -9.27 21.36 -24.77
C PRO D 148 -9.04 19.91 -24.45
N PRO D 149 -9.80 18.98 -25.06
CA PRO D 149 -9.61 17.56 -24.76
C PRO D 149 -8.36 16.93 -25.37
N PHE D 150 -7.80 17.50 -26.44
CA PHE D 150 -6.57 16.91 -27.00
C PHE D 150 -5.64 17.91 -27.67
N ASP D 151 -6.18 18.93 -28.34
CA ASP D 151 -5.36 19.82 -29.16
C ASP D 151 -4.78 20.95 -28.31
N HIS D 152 -3.72 20.64 -27.59
CA HIS D 152 -3.01 21.61 -26.76
C HIS D 152 -1.66 21.01 -26.39
N PRO D 153 -0.56 21.75 -26.58
CA PRO D 153 0.76 21.18 -26.25
C PRO D 153 0.92 20.71 -24.82
N THR D 154 0.31 21.41 -23.84
CA THR D 154 0.42 20.94 -22.46
C THR D 154 -0.43 19.71 -22.22
N VAL D 155 -1.61 19.62 -22.87
CA VAL D 155 -2.41 18.40 -22.79
C VAL D 155 -1.65 17.23 -23.40
N ILE D 156 -0.94 17.47 -24.50
CA ILE D 156 -0.15 16.43 -25.16
C ILE D 156 1.00 15.97 -24.28
N ALA D 157 1.68 16.93 -23.62
CA ALA D 157 2.79 16.57 -22.74
C ALA D 157 2.28 15.78 -21.54
N GLY D 158 1.11 16.16 -21.01
CA GLY D 158 0.51 15.42 -19.92
C GLY D 158 0.24 13.97 -20.26
N GLN D 159 -0.28 13.71 -21.46
CA GLN D 159 -0.47 12.31 -21.86
C GLN D 159 0.86 11.61 -22.08
N GLY D 160 1.91 12.34 -22.49
CA GLY D 160 3.20 11.74 -22.72
C GLY D 160 3.82 11.09 -21.51
N THR D 161 3.38 11.47 -20.30
CA THR D 161 3.93 10.83 -19.11
C THR D 161 3.62 9.34 -19.09
N LEU D 162 2.51 8.94 -19.71
CA LEU D 162 2.19 7.53 -19.86
C LEU D 162 3.32 6.78 -20.53
N ALA D 163 3.88 7.34 -21.61
CA ALA D 163 4.93 6.64 -22.35
C ALA D 163 6.25 6.69 -21.61
N LEU D 164 6.53 7.78 -20.89
CA LEU D 164 7.72 7.80 -20.04
C LEU D 164 7.66 6.71 -18.98
N GLU D 165 6.47 6.46 -18.40
CA GLU D 165 6.33 5.36 -17.46
C GLU D 165 6.58 4.02 -18.12
N LEU D 166 6.14 3.87 -19.38
CA LEU D 166 6.30 2.61 -20.10
C LEU D 166 7.77 2.27 -20.31
N LEU D 167 8.58 3.27 -20.66
CA LEU D 167 10.01 3.03 -20.88
C LEU D 167 10.70 2.58 -19.63
N GLN D 168 10.23 3.02 -18.46
CA GLN D 168 10.85 2.57 -17.22
C GLN D 168 10.28 1.25 -16.74
N GLN D 169 9.03 0.95 -17.06
CA GLN D 169 8.43 -0.33 -16.69
C GLN D 169 8.83 -1.49 -17.62
N ASP D 170 9.28 -1.18 -18.83
CA ASP D 170 9.74 -2.18 -19.78
C ASP D 170 10.44 -1.49 -20.95
N ALA D 171 11.76 -1.34 -20.85
CA ALA D 171 12.50 -0.71 -21.94
C ALA D 171 12.81 -1.66 -23.09
N HIS D 172 12.49 -2.95 -22.94
CA HIS D 172 12.67 -3.96 -23.99
C HIS D 172 11.45 -4.06 -24.90
N LEU D 173 10.61 -3.02 -24.93
CA LEU D 173 9.38 -3.04 -25.71
C LEU D 173 9.67 -2.87 -27.19
N ASP D 174 8.95 -3.65 -28.01
CA ASP D 174 9.12 -3.63 -29.46
C ASP D 174 8.18 -2.63 -30.15
N ARG D 175 6.90 -2.68 -29.81
CA ARG D 175 5.88 -1.85 -30.43
C ARG D 175 4.83 -1.48 -29.39
N VAL D 176 4.31 -0.26 -29.51
CA VAL D 176 3.26 0.24 -28.63
C VAL D 176 2.07 0.63 -29.50
N PHE D 177 0.87 0.22 -29.10
CA PHE D 177 -0.35 0.47 -29.87
C PHE D 177 -1.26 1.42 -29.10
N VAL D 178 -1.72 2.48 -29.77
CA VAL D 178 -2.40 3.59 -29.10
C VAL D 178 -3.75 3.88 -29.76
N PRO D 179 -4.82 4.02 -28.98
CA PRO D 179 -6.10 4.46 -29.56
C PRO D 179 -6.04 5.92 -29.93
N VAL D 180 -6.76 6.30 -30.97
CA VAL D 180 -6.79 7.68 -31.44
C VAL D 180 -8.23 8.15 -31.52
N GLY D 181 -8.54 9.20 -30.76
CA GLY D 181 -9.72 10.02 -30.93
C GLY D 181 -9.36 11.28 -31.68
N GLY D 182 -9.07 12.37 -30.96
CA GLY D 182 -8.51 13.56 -31.56
C GLY D 182 -7.00 13.56 -31.72
N GLY D 183 -6.30 12.56 -31.17
CA GLY D 183 -4.88 12.41 -31.33
C GLY D 183 -4.02 12.89 -30.19
N GLY D 184 -4.61 13.35 -29.08
CA GLY D 184 -3.81 13.83 -27.96
C GLY D 184 -2.95 12.76 -27.33
N LEU D 185 -3.53 11.58 -27.06
CA LEU D 185 -2.74 10.52 -26.45
C LEU D 185 -1.67 9.99 -27.39
N ALA D 186 -1.99 9.82 -28.68
CA ALA D 186 -1.01 9.31 -29.62
C ALA D 186 0.13 10.30 -29.84
N ALA D 187 -0.17 11.59 -29.90
CA ALA D 187 0.89 12.58 -30.08
C ALA D 187 1.86 12.59 -28.92
N GLY D 188 1.34 12.47 -27.69
CA GLY D 188 2.21 12.48 -26.54
C GLY D 188 3.06 11.24 -26.44
N VAL D 189 2.46 10.07 -26.66
CA VAL D 189 3.22 8.83 -26.64
C VAL D 189 4.27 8.81 -27.73
N ALA D 190 3.92 9.31 -28.93
CA ALA D 190 4.85 9.25 -30.06
C ALA D 190 6.02 10.20 -29.89
N VAL D 191 5.77 11.43 -29.48
CA VAL D 191 6.88 12.38 -29.39
C VAL D 191 7.82 12.01 -28.26
N LEU D 192 7.26 11.49 -27.16
CA LEU D 192 8.10 11.07 -26.03
C LEU D 192 8.99 9.91 -26.41
N ILE D 193 8.42 8.87 -27.03
CA ILE D 193 9.17 7.67 -27.33
C ILE D 193 10.20 7.94 -28.42
N LYS D 194 9.87 8.82 -29.37
CA LYS D 194 10.84 9.13 -30.41
C LYS D 194 11.96 10.05 -29.91
N GLN D 195 11.83 10.62 -28.71
CA GLN D 195 12.92 11.37 -28.11
C GLN D 195 13.84 10.48 -27.28
N LEU D 196 13.37 9.35 -26.77
CA LEU D 196 14.14 8.55 -25.82
C LEU D 196 14.50 7.16 -26.35
N MET D 197 13.58 6.45 -27.01
CA MET D 197 13.84 5.11 -27.54
C MET D 197 13.27 5.02 -28.93
N PRO D 198 13.87 5.72 -29.90
CA PRO D 198 13.26 5.81 -31.24
C PRO D 198 13.14 4.46 -31.95
N GLN D 199 13.82 3.42 -31.49
CA GLN D 199 13.68 2.10 -32.08
C GLN D 199 12.35 1.43 -31.75
N ILE D 200 11.58 1.97 -30.83
CA ILE D 200 10.28 1.41 -30.49
C ILE D 200 9.24 1.92 -31.49
N LYS D 201 8.46 1.00 -32.06
CA LYS D 201 7.43 1.37 -33.01
C LYS D 201 6.17 1.82 -32.29
N VAL D 202 5.60 2.93 -32.74
CA VAL D 202 4.34 3.46 -32.20
C VAL D 202 3.29 3.41 -33.31
N ILE D 203 2.20 2.69 -33.07
CA ILE D 203 1.18 2.42 -34.07
C ILE D 203 -0.15 2.92 -33.54
N ALA D 204 -0.83 3.76 -34.34
CA ALA D 204 -2.14 4.29 -33.97
C ALA D 204 -3.23 3.32 -34.40
N VAL D 205 -4.30 3.25 -33.61
CA VAL D 205 -5.44 2.38 -33.88
C VAL D 205 -6.71 3.22 -33.90
N GLU D 206 -7.52 3.06 -34.95
CA GLU D 206 -8.76 3.82 -35.08
C GLU D 206 -9.92 2.89 -35.42
N ALA D 207 -11.09 3.24 -34.91
CA ALA D 207 -12.30 2.56 -35.34
C ALA D 207 -12.57 2.88 -36.81
N GLU D 208 -12.97 1.87 -37.58
CA GLU D 208 -13.20 2.07 -39.02
C GLU D 208 -14.14 3.23 -39.29
N ASP D 209 -15.24 3.33 -38.52
CA ASP D 209 -16.21 4.41 -38.73
C ASP D 209 -15.90 5.64 -37.90
N SER D 210 -14.64 5.83 -37.53
CA SER D 210 -14.25 7.01 -36.78
C SER D 210 -12.77 7.33 -37.00
N ALA D 211 -12.27 7.03 -38.20
CA ALA D 211 -10.85 7.16 -38.50
C ALA D 211 -10.53 8.52 -39.11
N CYS D 212 -10.67 9.58 -38.30
CA CYS D 212 -10.33 10.90 -38.79
C CYS D 212 -8.83 11.13 -38.93
N LEU D 213 -7.99 10.29 -38.30
CA LEU D 213 -6.55 10.44 -38.47
C LEU D 213 -6.07 9.78 -39.76
N LYS D 214 -6.61 8.60 -40.09
CA LYS D 214 -6.32 8.00 -41.39
C LYS D 214 -6.77 8.91 -42.52
N ALA D 215 -7.94 9.54 -42.38
CA ALA D 215 -8.39 10.51 -43.36
C ALA D 215 -7.44 11.69 -43.46
N ALA D 216 -6.99 12.22 -42.33
CA ALA D 216 -6.07 13.35 -42.38
C ALA D 216 -4.70 12.94 -42.91
N LEU D 217 -4.30 11.68 -42.70
CA LEU D 217 -3.02 11.22 -43.25
C LEU D 217 -3.13 10.98 -44.75
N ASP D 218 -4.28 10.48 -45.22
CA ASP D 218 -4.48 10.33 -46.66
C ASP D 218 -4.43 11.67 -47.37
N ALA D 219 -5.08 12.70 -46.78
CA ALA D 219 -5.14 14.02 -47.39
C ALA D 219 -3.89 14.86 -47.12
N GLY D 220 -3.13 14.55 -46.07
CA GLY D 220 -1.97 15.33 -45.68
C GLY D 220 -2.23 16.49 -44.74
N HIS D 221 -3.45 16.65 -44.26
CA HIS D 221 -3.81 17.74 -43.36
C HIS D 221 -5.13 17.38 -42.67
N PRO D 222 -5.50 18.08 -41.60
CA PRO D 222 -6.79 17.79 -40.94
C PRO D 222 -7.97 18.00 -41.88
N VAL D 223 -8.83 16.97 -41.97
CA VAL D 223 -10.07 17.03 -42.75
C VAL D 223 -11.24 16.63 -41.86
N ASP D 224 -12.44 16.99 -42.29
CA ASP D 224 -13.64 16.66 -41.53
C ASP D 224 -14.24 15.35 -42.02
N LEU D 225 -14.72 14.56 -41.09
CA LEU D 225 -15.40 13.30 -41.40
C LEU D 225 -16.90 13.57 -41.59
N PRO D 226 -17.52 12.95 -42.59
CA PRO D 226 -18.97 13.13 -42.79
C PRO D 226 -19.78 12.63 -41.60
N ARG D 227 -19.64 11.35 -41.27
CA ARG D 227 -20.28 10.77 -40.10
C ARG D 227 -19.23 10.04 -39.26
N VAL D 228 -19.40 10.10 -37.94
CA VAL D 228 -18.53 9.39 -37.01
C VAL D 228 -19.36 8.38 -36.24
N GLY D 229 -18.86 7.14 -36.18
CA GLY D 229 -19.52 6.12 -35.39
C GLY D 229 -19.49 6.46 -33.91
N LEU D 230 -20.54 6.04 -33.21
CA LEU D 230 -20.71 6.37 -31.81
C LEU D 230 -20.51 5.17 -30.89
N PHE D 231 -20.32 3.98 -31.45
CA PHE D 231 -20.09 2.79 -30.63
C PHE D 231 -18.97 3.03 -29.62
N ALA D 232 -17.79 3.46 -30.11
CA ALA D 232 -16.65 3.81 -29.26
C ALA D 232 -16.70 5.32 -29.01
N GLU D 233 -17.40 5.70 -27.94
CA GLU D 233 -17.68 7.11 -27.67
C GLU D 233 -16.41 7.93 -27.52
N GLY D 234 -15.39 7.37 -26.85
CA GLY D 234 -14.19 8.15 -26.55
C GLY D 234 -13.47 8.65 -27.79
N VAL D 235 -13.54 7.91 -28.90
CA VAL D 235 -12.82 8.24 -30.12
C VAL D 235 -13.76 8.74 -31.22
N ALA D 236 -14.99 9.13 -30.86
CA ALA D 236 -15.95 9.66 -31.84
C ALA D 236 -15.62 11.14 -32.11
N VAL D 237 -14.54 11.35 -32.85
CA VAL D 237 -14.01 12.68 -33.13
C VAL D 237 -14.07 12.93 -34.63
N LYS D 238 -14.67 14.06 -35.01
CA LYS D 238 -14.90 14.36 -36.41
C LYS D 238 -13.64 14.85 -37.12
N ARG D 239 -12.78 15.59 -36.42
CA ARG D 239 -11.62 16.20 -37.03
C ARG D 239 -10.43 16.12 -36.08
N ILE D 240 -9.31 15.60 -36.59
CA ILE D 240 -8.08 15.51 -35.80
C ILE D 240 -7.59 16.91 -35.47
N GLY D 241 -6.90 17.03 -34.34
CA GLY D 241 -6.36 18.32 -33.93
C GLY D 241 -5.18 18.76 -34.79
N ASP D 242 -4.96 20.07 -34.83
CA ASP D 242 -3.85 20.60 -35.63
C ASP D 242 -2.51 20.16 -35.08
N GLU D 243 -2.26 20.42 -33.79
CA GLU D 243 -0.98 20.08 -33.19
C GLU D 243 -0.79 18.58 -33.04
N THR D 244 -1.84 17.86 -32.67
CA THR D 244 -1.70 16.41 -32.57
C THR D 244 -1.40 15.80 -33.94
N PHE D 245 -2.05 16.30 -35.00
CA PHE D 245 -1.77 15.75 -36.33
C PHE D 245 -0.34 16.07 -36.76
N ARG D 246 0.17 17.25 -36.40
CA ARG D 246 1.56 17.56 -36.70
C ARG D 246 2.50 16.51 -36.11
N LEU D 247 2.30 16.19 -34.83
CA LEU D 247 3.17 15.23 -34.16
C LEU D 247 2.91 13.81 -34.65
N CYS D 248 1.64 13.46 -34.90
CA CYS D 248 1.32 12.12 -35.37
C CYS D 248 1.88 11.86 -36.75
N GLN D 249 1.78 12.83 -37.66
CA GLN D 249 2.33 12.64 -38.99
C GLN D 249 3.85 12.56 -38.93
N GLU D 250 4.47 13.22 -37.95
CA GLU D 250 5.92 13.25 -37.86
C GLU D 250 6.49 12.01 -37.19
N TYR D 251 5.82 11.49 -36.15
CA TYR D 251 6.43 10.50 -35.28
C TYR D 251 5.77 9.13 -35.28
N LEU D 252 4.56 8.97 -35.81
CA LEU D 252 3.96 7.64 -35.83
C LEU D 252 4.68 6.76 -36.84
N ASP D 253 4.73 5.46 -36.53
CA ASP D 253 5.34 4.49 -37.43
C ASP D 253 4.30 3.84 -38.34
N ASP D 254 3.10 3.60 -37.85
CA ASP D 254 2.08 2.97 -38.68
C ASP D 254 0.72 3.32 -38.10
N ILE D 255 -0.32 2.96 -38.84
CA ILE D 255 -1.71 3.14 -38.40
C ILE D 255 -2.52 1.95 -38.90
N ILE D 256 -3.56 1.59 -38.15
CA ILE D 256 -4.40 0.44 -38.44
C ILE D 256 -5.82 0.75 -38.00
N THR D 257 -6.80 0.17 -38.68
CA THR D 257 -8.20 0.33 -38.31
C THR D 257 -8.84 -1.02 -38.10
N VAL D 258 -9.86 -1.05 -37.24
CA VAL D 258 -10.55 -2.28 -36.86
C VAL D 258 -12.04 -2.00 -36.76
N ASP D 259 -12.84 -3.03 -36.95
CA ASP D 259 -14.30 -2.87 -36.93
C ASP D 259 -14.86 -3.14 -35.54
N SER D 260 -16.19 -3.03 -35.41
CA SER D 260 -16.83 -3.17 -34.11
C SER D 260 -16.61 -4.56 -33.51
N ASP D 261 -16.59 -5.60 -34.35
CA ASP D 261 -16.49 -6.97 -33.83
C ASP D 261 -15.12 -7.23 -33.23
N ALA D 262 -14.07 -6.63 -33.81
CA ALA D 262 -12.74 -6.77 -33.25
C ALA D 262 -12.65 -6.12 -31.88
N ILE D 263 -13.31 -4.97 -31.72
CA ILE D 263 -13.35 -4.31 -30.41
C ILE D 263 -14.01 -5.21 -29.39
N CYS D 264 -15.20 -5.73 -29.72
CA CYS D 264 -15.92 -6.63 -28.82
C CYS D 264 -15.08 -7.83 -28.41
N ALA D 265 -14.35 -8.42 -29.35
CA ALA D 265 -13.49 -9.53 -28.98
C ALA D 265 -12.41 -9.10 -28.01
N ALA D 266 -11.88 -7.88 -28.19
CA ALA D 266 -10.87 -7.35 -27.29
C ALA D 266 -11.43 -7.13 -25.88
N VAL D 267 -12.65 -6.60 -25.76
CA VAL D 267 -13.28 -6.45 -24.44
C VAL D 267 -13.32 -7.80 -23.72
N LYS D 268 -13.69 -8.86 -24.43
CA LYS D 268 -13.72 -10.20 -23.81
C LYS D 268 -12.31 -10.65 -23.40
N ASP D 269 -11.30 -10.38 -24.23
CA ASP D 269 -9.93 -10.73 -23.89
C ASP D 269 -9.47 -10.03 -22.62
N LEU D 270 -9.83 -8.75 -22.46
CA LEU D 270 -9.36 -8.00 -21.30
C LEU D 270 -10.10 -8.42 -20.04
N PHE D 271 -11.38 -8.79 -20.15
CA PHE D 271 -12.10 -9.27 -18.97
C PHE D 271 -11.55 -10.61 -18.50
N GLU D 272 -11.09 -11.47 -19.41
CA GLU D 272 -10.65 -12.80 -19.02
C GLU D 272 -9.19 -12.85 -18.61
N ASP D 273 -8.36 -11.89 -19.04
CA ASP D 273 -6.95 -11.89 -18.71
C ASP D 273 -6.56 -10.99 -17.55
N VAL D 274 -7.29 -9.89 -17.31
CA VAL D 274 -6.88 -8.92 -16.30
C VAL D 274 -8.09 -8.50 -15.46
N ARG D 275 -9.24 -9.14 -15.69
CA ARG D 275 -10.43 -8.96 -14.87
C ARG D 275 -10.94 -7.52 -14.92
N ALA D 276 -10.66 -6.79 -15.98
CA ALA D 276 -11.17 -5.44 -16.14
C ALA D 276 -12.28 -5.41 -17.18
N VAL D 277 -13.25 -4.53 -16.99
CA VAL D 277 -14.30 -4.29 -17.98
C VAL D 277 -13.96 -2.99 -18.69
N ALA D 278 -13.34 -3.09 -19.86
CA ALA D 278 -12.98 -1.92 -20.66
C ALA D 278 -14.19 -1.39 -21.44
N GLU D 279 -14.24 -0.08 -21.61
CA GLU D 279 -15.17 0.50 -22.56
C GLU D 279 -14.61 0.33 -23.98
N PRO D 280 -15.45 0.44 -25.02
CA PRO D 280 -14.96 0.14 -26.39
C PRO D 280 -13.68 0.87 -26.77
N SER D 281 -13.57 2.17 -26.48
CA SER D 281 -12.34 2.90 -26.79
C SER D 281 -11.15 2.39 -26.00
N GLY D 282 -11.40 1.74 -24.85
CA GLY D 282 -10.32 1.18 -24.07
C GLY D 282 -9.79 -0.13 -24.58
N ALA D 283 -10.59 -0.84 -25.37
CA ALA D 283 -10.15 -2.07 -26.00
C ALA D 283 -9.74 -1.86 -27.46
N LEU D 284 -9.92 -0.65 -27.99
CA LEU D 284 -9.57 -0.37 -29.37
C LEU D 284 -8.13 -0.77 -29.70
N ALA D 285 -7.17 -0.35 -28.85
CA ALA D 285 -5.75 -0.59 -29.15
C ALA D 285 -5.40 -2.08 -29.15
N LEU D 286 -6.00 -2.87 -28.25
CA LEU D 286 -5.79 -4.31 -28.29
C LEU D 286 -6.36 -4.92 -29.56
N ALA D 287 -7.56 -4.50 -29.98
CA ALA D 287 -8.06 -4.92 -31.27
C ALA D 287 -7.06 -4.58 -32.37
N GLY D 288 -6.56 -3.34 -32.39
CA GLY D 288 -5.56 -2.96 -33.37
C GLY D 288 -4.32 -3.85 -33.34
N MET D 289 -3.86 -4.19 -32.13
CA MET D 289 -2.66 -5.03 -32.01
C MET D 289 -2.91 -6.44 -32.55
N LYS D 290 -4.09 -7.00 -32.29
CA LYS D 290 -4.36 -8.36 -32.72
C LYS D 290 -4.44 -8.47 -34.24
N LYS D 291 -5.06 -7.48 -34.90
CA LYS D 291 -5.05 -7.44 -36.36
C LYS D 291 -3.63 -7.27 -36.89
N TYR D 292 -2.84 -6.39 -36.26
CA TYR D 292 -1.46 -6.14 -36.69
C TYR D 292 -0.60 -7.40 -36.57
N ILE D 293 -0.76 -8.14 -35.46
CA ILE D 293 0.02 -9.36 -35.27
C ILE D 293 -0.25 -10.34 -36.41
N ALA D 294 -1.51 -10.44 -36.86
CA ALA D 294 -1.87 -11.38 -37.90
C ALA D 294 -1.46 -10.89 -39.28
N GLN D 295 -1.73 -9.61 -39.60
CA GLN D 295 -1.34 -9.06 -40.89
C GLN D 295 0.16 -9.13 -41.11
N HIS D 296 0.97 -8.87 -40.08
CA HIS D 296 2.42 -8.79 -40.23
C HIS D 296 3.16 -10.03 -39.74
N ASN D 297 2.43 -11.07 -39.35
CA ASN D 297 3.02 -12.33 -38.86
C ASN D 297 4.12 -12.05 -37.85
N ILE D 298 3.73 -11.42 -36.75
CA ILE D 298 4.66 -11.00 -35.71
C ILE D 298 4.71 -12.10 -34.65
N ARG D 299 5.91 -12.46 -34.23
CA ARG D 299 6.10 -13.54 -33.27
C ARG D 299 7.32 -13.26 -32.41
N GLY D 300 7.25 -13.68 -31.15
CA GLY D 300 8.39 -13.53 -30.27
C GLY D 300 8.73 -12.12 -29.85
N GLU D 301 7.80 -11.17 -29.94
CA GLU D 301 8.10 -9.78 -29.60
C GLU D 301 7.42 -9.39 -28.28
N ARG D 302 7.75 -8.18 -27.82
CA ARG D 302 7.10 -7.56 -26.67
C ARG D 302 6.23 -6.41 -27.18
N LEU D 303 4.90 -6.57 -27.07
CA LEU D 303 3.95 -5.60 -27.60
C LEU D 303 3.07 -5.06 -26.48
N ALA D 304 2.90 -3.74 -26.45
CA ALA D 304 2.08 -3.08 -25.44
C ALA D 304 0.92 -2.35 -26.08
N HIS D 305 -0.23 -2.37 -25.41
CA HIS D 305 -1.37 -1.52 -25.77
C HIS D 305 -1.84 -0.81 -24.51
N ILE D 306 -2.62 0.25 -24.70
CA ILE D 306 -3.13 1.07 -23.60
C ILE D 306 -4.62 0.77 -23.46
N LEU D 307 -5.02 0.21 -22.32
CA LEU D 307 -6.42 0.20 -21.92
C LEU D 307 -6.75 1.62 -21.45
N SER D 308 -7.25 2.45 -22.34
CA SER D 308 -7.30 3.88 -22.11
C SER D 308 -8.45 4.32 -21.22
N GLY D 309 -9.46 3.48 -21.04
CA GLY D 309 -10.58 3.86 -20.19
C GLY D 309 -11.51 2.71 -19.91
N ALA D 310 -12.22 2.79 -18.79
CA ALA D 310 -13.16 1.75 -18.39
C ALA D 310 -14.41 2.36 -17.77
N ASN D 311 -14.91 3.43 -18.37
CA ASN D 311 -16.18 4.03 -17.93
C ASN D 311 -17.26 3.50 -18.87
N VAL D 312 -17.93 2.44 -18.43
CA VAL D 312 -18.85 1.70 -19.27
C VAL D 312 -20.26 1.82 -18.71
N ASN D 313 -21.21 1.99 -19.61
CA ASN D 313 -22.62 1.79 -19.27
C ASN D 313 -22.88 0.30 -19.12
N PHE D 314 -23.39 -0.10 -17.95
CA PHE D 314 -23.69 -1.51 -17.73
C PHE D 314 -24.59 -2.07 -18.82
N LEU D 315 -25.73 -1.41 -19.08
CA LEU D 315 -26.64 -1.92 -20.09
C LEU D 315 -26.07 -1.86 -21.50
N GLY D 316 -25.07 -1.01 -21.74
CA GLY D 316 -24.40 -1.05 -23.03
C GLY D 316 -23.59 -2.31 -23.28
N LEU D 317 -23.34 -3.11 -22.24
CA LEU D 317 -22.51 -4.30 -22.39
C LEU D 317 -23.22 -5.42 -23.14
N ARG D 318 -24.55 -5.36 -23.28
CA ARG D 318 -25.24 -6.51 -23.88
C ARG D 318 -25.01 -6.59 -25.37
N TYR D 319 -24.78 -5.46 -26.03
CA TYR D 319 -24.39 -5.52 -27.44
C TYR D 319 -23.04 -6.19 -27.60
N VAL D 320 -22.07 -5.80 -26.76
CA VAL D 320 -20.72 -6.36 -26.80
C VAL D 320 -20.76 -7.87 -26.56
N LEU D 321 -21.57 -8.30 -25.59
CA LEU D 321 -21.69 -9.72 -25.28
C LEU D 321 -22.44 -10.48 -26.37
N GLU D 322 -23.45 -9.85 -26.97
CA GLU D 322 -24.17 -10.49 -28.08
C GLU D 322 -23.22 -10.75 -29.24
N ARG D 323 -22.41 -9.76 -29.62
CA ARG D 323 -21.46 -9.96 -30.71
C ARG D 323 -20.45 -11.05 -30.37
N CYS D 324 -20.01 -11.12 -29.10
CA CYS D 324 -19.04 -12.14 -28.74
C CYS D 324 -19.63 -13.54 -28.84
N GLU D 325 -20.90 -13.71 -28.46
CA GLU D 325 -21.56 -15.00 -28.59
C GLU D 325 -21.75 -15.39 -30.05
N LEU D 326 -22.10 -14.42 -30.90
CA LEU D 326 -22.17 -14.71 -32.33
C LEU D 326 -20.80 -15.09 -32.88
N LEU D 327 -19.71 -14.59 -32.26
CA LEU D 327 -18.36 -14.94 -32.69
C LEU D 327 -17.94 -16.38 -32.29
N GLU D 328 -18.89 -17.26 -31.99
CA GLU D 328 -18.62 -18.68 -31.80
C GLU D 328 -19.91 -19.51 -31.83
S SO4 E . 5.99 23.27 -1.25
O1 SO4 E . 6.58 21.94 -1.38
O2 SO4 E . 6.11 24.02 -2.51
O3 SO4 E . 4.57 23.14 -0.93
O4 SO4 E . 6.67 24.01 -0.18
S SO4 F . 30.64 -0.29 0.92
O1 SO4 F . 31.44 -1.52 0.91
O2 SO4 F . 31.18 0.69 -0.05
O3 SO4 F . 29.28 -0.63 0.53
O4 SO4 F . 30.63 0.26 2.28
S SO4 G . 36.93 -1.90 -8.82
O1 SO4 G . 36.93 -0.45 -8.60
O2 SO4 G . 36.30 -2.22 -10.12
O3 SO4 G . 38.31 -2.39 -8.80
O4 SO4 G . 36.20 -2.56 -7.73
S SO4 H . 7.97 -18.38 13.61
O1 SO4 H . 8.81 -19.19 14.48
O2 SO4 H . 7.94 -18.95 12.27
O3 SO4 H . 6.62 -18.34 14.18
O4 SO4 H . 8.48 -17.02 13.50
S SO4 I . 6.16 -20.37 34.94
O1 SO4 I . 7.42 -20.60 34.22
O2 SO4 I . 6.12 -21.19 36.15
O3 SO4 I . 6.11 -18.97 35.34
O4 SO4 I . 5.02 -20.70 34.09
S SO4 J . 2.45 11.56 28.67
O1 SO4 J . 1.70 10.48 29.33
O2 SO4 J . 2.55 11.33 27.23
O3 SO4 J . 1.76 12.83 28.93
O4 SO4 J . 3.79 11.64 29.23
S SO4 K . -7.55 11.88 35.76
O1 SO4 K . -6.60 11.08 36.53
O2 SO4 K . -6.98 12.18 34.44
O3 SO4 K . -8.81 11.16 35.54
O4 SO4 K . -7.81 13.13 36.47
S SO4 L . -21.98 7.31 6.91
O1 SO4 L . -21.27 6.66 5.81
O2 SO4 L . -21.35 8.59 7.23
O3 SO4 L . -23.37 7.56 6.53
O4 SO4 L . -21.96 6.41 8.06
S SO4 M . -17.96 -24.24 -5.22
O1 SO4 M . -17.62 -25.61 -4.81
O2 SO4 M . -18.01 -24.20 -6.68
O3 SO4 M . -19.27 -23.88 -4.66
O4 SO4 M . -16.95 -23.30 -4.72
S SO4 N . -38.43 -5.27 12.22
O1 SO4 N . -38.75 -6.11 13.38
O2 SO4 N . -38.23 -6.15 11.07
O3 SO4 N . -39.53 -4.34 11.93
O4 SO4 N . -37.24 -4.48 12.53
S SO4 O . -10.77 -24.51 23.60
O1 SO4 O . -10.82 -25.65 22.68
O2 SO4 O . -10.82 -23.27 22.82
O3 SO4 O . -11.96 -24.57 24.46
O4 SO4 O . -9.54 -24.56 24.37
C1 GOL P . 2.43 8.63 -40.45
O1 GOL P . 2.89 9.65 -41.31
C2 GOL P . 2.22 7.35 -41.31
O2 GOL P . 3.39 6.93 -41.94
C3 GOL P . 1.71 6.27 -40.31
O3 GOL P . 1.25 5.18 -41.08
S SO4 Q . 8.05 -12.21 -19.65
O1 SO4 Q . 8.64 -12.39 -18.32
O2 SO4 Q . 6.75 -12.87 -19.70
O3 SO4 Q . 7.90 -10.77 -19.85
O4 SO4 Q . 8.91 -12.78 -20.69
S SO4 R . -10.67 22.35 -29.36
O1 SO4 R . -11.13 21.39 -28.36
O2 SO4 R . -10.10 21.63 -30.49
O3 SO4 R . -11.82 23.13 -29.82
O4 SO4 R . -9.67 23.23 -28.74
S SO4 S . 7.31 -5.88 -40.02
O1 SO4 S . 7.51 -6.84 -38.92
O2 SO4 S . 8.02 -6.36 -41.20
O3 SO4 S . 5.87 -5.79 -40.32
O4 SO4 S . 7.83 -4.57 -39.65
#